data_9DL4
#
_entry.id   9DL4
#
_cell.length_a   101.155
_cell.length_b   102.373
_cell.length_c   127.504
_cell.angle_alpha   90.00
_cell.angle_beta   106.29
_cell.angle_gamma   90.00
#
_symmetry.space_group_name_H-M   'P 1 21 1'
#
loop_
_entity.id
_entity.type
_entity.pdbx_description
1 polymer 'Bifunctional protein PutA'
2 non-polymer 'TRIETHYLENE GLYCOL'
3 non-polymer DI(HYDROXYETHYL)ETHER
4 non-polymer 2-PYRIDINETHIOL
5 non-polymer 'FORMIC ACID'
6 non-polymer 'SULFATE ION'
7 non-polymer 'FLAVIN-ADENINE DINUCLEOTIDE'
8 water water
#
_entity_poly.entity_id   1
_entity_poly.type   'polypeptide(L)'
_entity_poly.pdbx_seq_one_letter_code
;SMMSPNPLQKPAIDAAPAPFADFAPPVRPQSTLRRAITAAYRRPETECLPPLVEAATQSKEIRDAAASTARKLIEALRGK
HSGSGVEGLVQEYSLSSQEGVALMCLAEALLRIPDTATRDALIRDKIADGNWKSHLGGSRSLFVNAATWGLVVTGKLTST
VNDRSLAAALTRLISRCGEPVIRRGVDMAMRMMGEQFVTGETIREALKRSKELEEKGFSYSYDMLGEAATTAADAERYYR
DYESAIHAIGKASAGRGIYEGPGISIKLSALHPRYSRAQAARVMGELLPRVKALALLAKNYDIGLNIDAEEADRLELSLD
LLEVLCLDGDLSGWNGMGFVVQAYGKRCPFVLDFIIDLARRSGRRIMVRLVKGAYWDAEIKRAQLDGLADFPVFTRKIHT
DVSYIACAAKLLAATDVVFPQFATHNAQTLAAIYHMAGKDFHVGKYEFQCLHGMGEPLYEEVVGRGKLDRPCRIYAPVGT
HETLLAYLVRRLLENGANSSFVHRINDPKVSIDELIADPVEVVRAMPVVGAKHDRIALPAELFGDARTNSAGLDLSNEET
LASLTEALRESAAMKWTALPQLATGPAAGETRTVLNPGDHRDVVGSVTETSEEDARRAVRLAADAAPDWAAVPPSERAAC
LDRAAELMQARMPTLLGLIIREAGKSALNAIAEVREAIDFLRYYAEQTRRTLGPGHGPLGPIVCISPWNFPLAIFTGQIA
AALVAGNPVLAKPAEETPLIAAEGVRILREAGIPASALQLLPGDGRVGAALVAAAETAGVMFTGSTEVARLIQAQLADRL
SPAGRPIPLIAETGGQNAMIVDSSALAEQVVGDVITSAFDSAGQRCSALRVLCLQEDVADRILTMLKGALHELHIGRTDR
LSVDVGPVITSEAKDNIEKHIERMRGLGRKVEQIGLASETGVGTFVPPTIIELEKLSDLQREVFGPVLHVIRYRRDDLDR
LVDDVNATGYGLTFGLHTRLDETIAHVTSRIKAGNLYINRNIIGAVVGVQPFGGRGLSGTGPKAGGPLYLGRLVTTAPVP
PQHSSVHTDPVLLDFAKWLDGKGARAEAEAARNAGSSSALGLDLELPGPVGERNLYTLHARGRILLVPATESGLYHQLAA
ALATGNSVAIDAASGLQASLKNLPQTVGLRVSWSKDWAADGPFAGALVEGDAERIRAVNKAIAALPGPLLLVQAASSGEI
ARNPDAYCLNWLVEEVSASINTAAAGGNASLMAIG
;
_entity_poly.pdbx_strand_id   A,B
#
loop_
_chem_comp.id
_chem_comp.type
_chem_comp.name
_chem_comp.formula
FAD non-polymer 'FLAVIN-ADENINE DINUCLEOTIDE' 'C27 H33 N9 O15 P2'
FMT non-polymer 'FORMIC ACID' 'C H2 O2'
PEG non-polymer DI(HYDROXYETHYL)ETHER 'C4 H10 O3'
PGE non-polymer 'TRIETHYLENE GLYCOL' 'C6 H14 O4'
PYS non-polymer 2-PYRIDINETHIOL 'C5 H5 N S'
SO4 non-polymer 'SULFATE ION' 'O4 S -2'
#
# COMPACT_ATOMS: atom_id res chain seq x y z
N PRO A 17 40.39 17.53 37.99
CA PRO A 17 39.09 17.22 38.60
C PRO A 17 38.79 15.72 38.57
N ALA A 18 38.23 15.21 39.66
CA ALA A 18 37.94 13.78 39.74
C ALA A 18 36.90 13.40 38.68
N PRO A 19 37.07 12.27 38.00
CA PRO A 19 36.12 11.88 36.95
C PRO A 19 34.73 11.67 37.51
N PHE A 20 33.75 12.23 36.79
CA PHE A 20 32.32 12.06 37.06
C PHE A 20 31.88 12.62 38.41
N ALA A 21 32.72 13.42 39.05
CA ALA A 21 32.32 14.01 40.33
C ALA A 21 31.23 15.07 40.16
N ASP A 22 31.08 15.63 38.97
CA ASP A 22 30.06 16.64 38.71
C ASP A 22 29.16 16.23 37.55
N PHE A 23 28.84 14.94 37.45
CA PHE A 23 28.20 14.43 36.24
C PHE A 23 26.83 15.05 36.02
N ALA A 24 25.94 14.94 37.01
CA ALA A 24 24.56 15.39 36.84
C ALA A 24 23.92 15.67 38.20
N PRO A 25 24.50 16.55 39.00
CA PRO A 25 23.92 16.83 40.32
C PRO A 25 22.54 17.44 40.16
N PRO A 26 21.56 17.00 40.97
CA PRO A 26 20.23 17.61 40.89
C PRO A 26 20.24 19.08 41.25
N VAL A 27 19.26 19.81 40.71
CA VAL A 27 19.10 21.24 41.05
C VAL A 27 18.98 21.43 42.55
N ARG A 28 18.24 20.55 43.22
CA ARG A 28 18.02 20.58 44.66
C ARG A 28 17.88 19.15 45.16
N PRO A 29 18.06 18.91 46.47
CA PRO A 29 17.83 17.56 47.00
C PRO A 29 16.38 17.16 46.81
N GLN A 30 16.17 15.89 46.44
CA GLN A 30 14.85 15.42 46.03
C GLN A 30 14.02 15.08 47.27
N SER A 31 12.97 15.86 47.52
CA SER A 31 12.06 15.61 48.63
C SER A 31 11.27 14.32 48.40
N THR A 32 10.62 13.85 49.48
CA THR A 32 9.75 12.69 49.38
C THR A 32 8.69 12.88 48.32
N LEU A 33 8.11 14.06 48.23
CA LEU A 33 7.10 14.29 47.21
C LEU A 33 7.69 14.25 45.80
N ARG A 34 8.87 14.85 45.62
CA ARG A 34 9.51 14.80 44.30
C ARG A 34 9.91 13.37 43.94
N ARG A 35 10.37 12.58 44.92
CA ARG A 35 10.74 11.20 44.65
C ARG A 35 9.55 10.35 44.23
N ALA A 36 8.36 10.62 44.78
CA ALA A 36 7.18 9.89 44.35
C ALA A 36 6.84 10.19 42.90
N ILE A 37 7.10 11.42 42.45
CA ILE A 37 6.92 11.75 41.04
C ILE A 37 7.85 10.91 40.16
N THR A 38 9.15 10.97 40.46
CA THR A 38 10.12 10.26 39.65
C THR A 38 9.86 8.77 39.65
N ALA A 39 9.44 8.23 40.81
CA ALA A 39 9.15 6.81 40.90
C ALA A 39 8.04 6.38 39.94
N ALA A 40 7.15 7.29 39.58
CA ALA A 40 6.00 6.96 38.74
C ALA A 40 6.27 7.17 37.25
N TYR A 41 7.47 7.60 36.88
CA TYR A 41 7.77 8.10 35.54
C TYR A 41 7.30 7.13 34.46
N ARG A 42 7.67 5.85 34.60
CA ARG A 42 7.34 4.86 33.58
C ARG A 42 6.70 3.64 34.23
N ARG A 43 5.86 3.89 35.21
CA ARG A 43 5.24 2.80 35.96
C ARG A 43 4.30 2.02 35.04
N PRO A 44 4.28 0.69 35.14
CA PRO A 44 3.40 -0.09 34.28
C PRO A 44 1.95 0.37 34.38
N GLU A 45 1.29 0.38 33.22
CA GLU A 45 -0.06 0.94 33.12
C GLU A 45 -1.07 0.16 33.97
N THR A 46 -0.84 -1.15 34.16
CA THR A 46 -1.70 -1.94 35.05
C THR A 46 -1.55 -1.50 36.51
N GLU A 47 -0.40 -0.94 36.86
CA GLU A 47 -0.23 -0.44 38.23
C GLU A 47 -0.81 0.96 38.41
N CYS A 48 -0.87 1.76 37.34
CA CYS A 48 -1.36 3.13 37.51
C CYS A 48 -2.86 3.20 37.69
N LEU A 49 -3.60 2.34 36.95
CA LEU A 49 -5.04 2.55 36.81
C LEU A 49 -5.85 2.27 38.07
N PRO A 50 -5.65 1.16 38.80
CA PRO A 50 -6.56 0.85 39.93
C PRO A 50 -6.70 2.00 40.91
N PRO A 51 -5.62 2.65 41.37
CA PRO A 51 -5.83 3.78 42.27
C PRO A 51 -6.53 4.97 41.61
N LEU A 52 -6.38 5.15 40.28
CA LEU A 52 -7.14 6.21 39.63
C LEU A 52 -8.61 5.85 39.53
N VAL A 53 -8.92 4.60 39.20
CA VAL A 53 -10.32 4.17 39.20
C VAL A 53 -10.95 4.37 40.57
N GLU A 54 -10.23 4.03 41.64
CA GLU A 54 -10.81 4.23 42.97
C GLU A 54 -11.03 5.71 43.28
N ALA A 55 -10.07 6.57 42.90
CA ALA A 55 -10.22 7.99 43.21
C ALA A 55 -11.29 8.67 42.36
N ALA A 56 -11.57 8.14 41.17
CA ALA A 56 -12.57 8.73 40.28
C ALA A 56 -13.98 8.20 40.51
N THR A 57 -14.16 7.25 41.43
CA THR A 57 -15.47 6.63 41.65
C THR A 57 -16.44 7.60 42.31
N GLN A 58 -17.67 7.65 41.79
CA GLN A 58 -18.72 8.49 42.36
C GLN A 58 -19.97 7.64 42.55
N SER A 59 -20.90 8.17 43.35
CA SER A 59 -22.08 7.40 43.71
C SER A 59 -22.95 7.11 42.49
N LYS A 60 -23.82 6.10 42.62
CA LYS A 60 -24.79 5.83 41.57
C LYS A 60 -25.62 7.06 41.26
N GLU A 61 -26.07 7.77 42.30
CA GLU A 61 -26.90 8.95 42.09
C GLU A 61 -26.16 10.03 41.31
N ILE A 62 -24.88 10.24 41.61
CA ILE A 62 -24.11 11.27 40.89
C ILE A 62 -23.82 10.83 39.46
N ARG A 63 -23.52 9.55 39.26
CA ARG A 63 -23.25 9.08 37.91
C ARG A 63 -24.47 9.25 37.01
N ASP A 64 -25.66 8.90 37.53
CA ASP A 64 -26.89 9.14 36.80
C ASP A 64 -27.08 10.64 36.52
N ALA A 65 -26.87 11.47 37.55
CA ALA A 65 -27.01 12.91 37.38
C ALA A 65 -26.03 13.46 36.36
N ALA A 66 -24.79 12.94 36.36
CA ALA A 66 -23.81 13.43 35.39
C ALA A 66 -24.14 12.96 33.97
N ALA A 67 -24.57 11.71 33.82
CA ALA A 67 -25.00 11.22 32.52
C ALA A 67 -26.13 12.07 31.96
N SER A 68 -27.02 12.54 32.82
CA SER A 68 -28.12 13.38 32.35
C SER A 68 -27.63 14.75 31.91
N THR A 69 -26.74 15.37 32.69
CA THR A 69 -26.21 16.67 32.29
C THR A 69 -25.40 16.57 31.00
N ALA A 70 -24.58 15.52 30.86
CA ALA A 70 -23.78 15.35 29.65
C ALA A 70 -24.65 15.09 28.43
N ARG A 71 -25.70 14.27 28.60
CA ARG A 71 -26.67 14.08 27.52
C ARG A 71 -27.31 15.40 27.13
N LYS A 72 -27.68 16.22 28.11
CA LYS A 72 -28.30 17.51 27.80
C LYS A 72 -27.34 18.42 27.03
N LEU A 73 -26.09 18.50 27.48
CA LEU A 73 -25.11 19.33 26.78
C LEU A 73 -24.88 18.84 25.36
N ILE A 74 -24.80 17.53 25.18
CA ILE A 74 -24.56 16.98 23.85
C ILE A 74 -25.77 17.16 22.95
N GLU A 75 -26.97 17.24 23.54
CA GLU A 75 -28.16 17.51 22.74
C GLU A 75 -28.08 18.89 22.09
N ALA A 76 -27.65 19.90 22.85
CA ALA A 76 -27.55 21.25 22.30
C ALA A 76 -26.40 21.38 21.31
N LEU A 77 -25.27 20.71 21.58
CA LEU A 77 -24.14 20.75 20.66
C LEU A 77 -24.51 20.20 19.29
N ARG A 78 -25.35 19.18 19.26
CA ARG A 78 -25.73 18.60 17.98
C ARG A 78 -26.90 19.34 17.33
N GLY A 79 -27.60 20.19 18.08
CA GLY A 79 -28.65 21.03 17.51
C GLY A 79 -28.18 22.46 17.27
N LYS A 80 -26.91 22.62 16.92
CA LYS A 80 -26.36 23.95 16.68
C LYS A 80 -25.08 23.86 15.84
N GLY A 85 -18.34 25.43 7.17
CA GLY A 85 -17.58 26.56 6.67
C GLY A 85 -16.84 26.21 5.40
N VAL A 86 -15.68 25.55 5.55
CA VAL A 86 -15.02 24.98 4.39
C VAL A 86 -15.93 23.97 3.72
N GLU A 87 -16.79 23.31 4.50
CA GLU A 87 -17.69 22.31 3.93
C GLU A 87 -18.72 22.95 3.02
N GLY A 88 -19.18 24.15 3.35
CA GLY A 88 -20.15 24.81 2.49
C GLY A 88 -19.52 25.31 1.20
N LEU A 89 -18.24 25.66 1.24
CA LEU A 89 -17.52 26.03 0.04
C LEU A 89 -17.33 24.81 -0.87
N VAL A 90 -16.82 23.72 -0.30
CA VAL A 90 -16.67 22.47 -1.06
C VAL A 90 -17.99 22.10 -1.73
N GLN A 91 -19.11 22.25 -1.01
CA GLN A 91 -20.42 21.93 -1.59
C GLN A 91 -20.79 22.90 -2.69
N GLU A 92 -20.62 24.20 -2.46
CA GLU A 92 -21.12 25.18 -3.43
C GLU A 92 -20.44 25.03 -4.77
N TYR A 93 -19.16 24.69 -4.79
CA TYR A 93 -18.41 24.63 -6.03
C TYR A 93 -18.06 23.20 -6.43
N SER A 94 -18.66 22.20 -5.79
CA SER A 94 -18.44 20.79 -6.14
C SER A 94 -16.95 20.45 -6.18
N LEU A 95 -16.24 20.89 -5.14
CA LEU A 95 -14.80 20.66 -5.05
C LEU A 95 -14.53 19.24 -4.58
N SER A 96 -13.52 18.61 -5.17
CA SER A 96 -12.93 17.42 -4.57
C SER A 96 -12.09 17.80 -3.34
N SER A 97 -11.67 16.79 -2.57
CA SER A 97 -10.83 17.08 -1.41
C SER A 97 -9.54 17.77 -1.83
N GLN A 98 -8.89 17.29 -2.89
CA GLN A 98 -7.66 17.92 -3.33
C GLN A 98 -7.91 19.35 -3.82
N GLU A 99 -9.06 19.59 -4.46
CA GLU A 99 -9.35 20.97 -4.87
C GLU A 99 -9.55 21.88 -3.67
N GLY A 100 -10.26 21.40 -2.65
CA GLY A 100 -10.44 22.21 -1.45
C GLY A 100 -9.11 22.55 -0.78
N VAL A 101 -8.23 21.55 -0.65
CA VAL A 101 -6.91 21.83 -0.09
C VAL A 101 -6.15 22.83 -0.95
N ALA A 102 -6.16 22.62 -2.28
CA ALA A 102 -5.39 23.50 -3.17
C ALA A 102 -5.93 24.91 -3.09
N LEU A 103 -7.25 25.06 -3.03
CA LEU A 103 -7.85 26.39 -2.92
C LEU A 103 -7.41 27.07 -1.64
N MET A 104 -7.46 26.37 -0.52
CA MET A 104 -7.03 26.99 0.73
C MET A 104 -5.55 27.37 0.68
N CYS A 105 -4.72 26.59 -0.03
CA CYS A 105 -3.31 26.96 -0.18
C CYS A 105 -3.17 28.20 -1.03
N LEU A 106 -3.91 28.30 -2.12
CA LEU A 106 -3.92 29.53 -2.91
C LEU A 106 -4.35 30.72 -2.06
N ALA A 107 -5.45 30.57 -1.31
CA ALA A 107 -5.92 31.65 -0.45
C ALA A 107 -4.85 32.10 0.52
N GLU A 108 -4.21 31.15 1.21
CA GLU A 108 -3.11 31.48 2.11
C GLU A 108 -2.07 32.36 1.41
N ALA A 109 -1.70 32.00 0.17
CA ALA A 109 -0.64 32.73 -0.54
C ALA A 109 -1.09 34.12 -0.94
N LEU A 110 -2.32 34.23 -1.48
CA LEU A 110 -2.90 35.55 -1.73
C LEU A 110 -2.93 36.41 -0.48
N LEU A 111 -3.18 35.78 0.68
CA LEU A 111 -3.24 36.57 1.91
C LEU A 111 -1.86 37.05 2.36
N ARG A 112 -0.79 36.48 1.82
CA ARG A 112 0.55 37.02 2.08
C ARG A 112 0.81 38.30 1.33
N ILE A 113 -0.09 38.69 0.43
CA ILE A 113 0.01 39.99 -0.25
C ILE A 113 -0.63 41.03 0.67
N PRO A 114 0.14 42.02 1.12
CA PRO A 114 -0.36 42.88 2.22
C PRO A 114 -1.51 43.80 1.83
N ASP A 115 -1.48 44.36 0.62
CA ASP A 115 -2.45 45.37 0.23
C ASP A 115 -3.65 44.73 -0.45
N THR A 116 -4.84 45.04 0.07
CA THR A 116 -6.07 44.40 -0.44
C THR A 116 -6.29 44.70 -1.91
N ALA A 117 -6.19 45.97 -2.30
CA ALA A 117 -6.45 46.32 -3.70
C ALA A 117 -5.47 45.63 -4.64
N THR A 118 -4.20 45.52 -4.25
CA THR A 118 -3.24 44.79 -5.06
C THR A 118 -3.64 43.33 -5.20
N ARG A 119 -4.04 42.72 -4.08
CA ARG A 119 -4.45 41.33 -4.09
C ARG A 119 -5.66 41.12 -5.01
N ASP A 120 -6.70 41.92 -4.82
CA ASP A 120 -7.89 41.82 -5.64
C ASP A 120 -7.57 42.00 -7.12
N ALA A 121 -6.58 42.84 -7.44
CA ALA A 121 -6.16 43.01 -8.82
C ALA A 121 -5.48 41.76 -9.36
N LEU A 122 -4.59 41.16 -8.56
CA LEU A 122 -3.95 39.92 -9.00
C LEU A 122 -4.99 38.84 -9.25
N ILE A 123 -5.97 38.71 -8.35
CA ILE A 123 -7.04 37.73 -8.52
C ILE A 123 -7.80 38.00 -9.82
N ARG A 124 -8.35 39.22 -9.96
CA ARG A 124 -9.24 39.52 -11.08
C ARG A 124 -8.51 39.46 -12.41
N ASP A 125 -7.30 40.01 -12.47
CA ASP A 125 -6.62 40.20 -13.76
C ASP A 125 -5.73 39.03 -14.13
N LYS A 126 -5.06 38.41 -13.18
CA LYS A 126 -3.99 37.46 -13.48
C LYS A 126 -4.22 36.05 -12.93
N ILE A 127 -4.79 35.91 -11.72
CA ILE A 127 -4.99 34.58 -11.17
C ILE A 127 -6.16 33.89 -11.85
N ALA A 128 -7.34 34.51 -11.81
CA ALA A 128 -8.54 33.90 -12.37
C ALA A 128 -8.40 33.60 -13.85
N ASP A 129 -7.49 34.29 -14.55
CA ASP A 129 -7.30 34.08 -15.98
C ASP A 129 -6.31 32.95 -16.21
N GLY A 130 -6.25 32.01 -15.28
CA GLY A 130 -5.32 30.92 -15.36
C GLY A 130 -3.90 31.38 -15.10
N ASN A 131 -2.98 30.45 -15.29
CA ASN A 131 -1.55 30.70 -15.11
C ASN A 131 -1.29 31.29 -13.72
N TRP A 132 -1.86 30.64 -12.70
CA TRP A 132 -1.57 31.02 -11.33
C TRP A 132 -0.11 30.80 -10.99
N LYS A 133 0.54 29.85 -11.67
CA LYS A 133 1.94 29.55 -11.38
C LYS A 133 2.83 30.74 -11.71
N SER A 134 2.57 31.42 -12.84
CA SER A 134 3.41 32.53 -13.26
C SER A 134 3.48 33.63 -12.21
N HIS A 135 2.39 33.85 -11.46
CA HIS A 135 2.32 34.96 -10.54
C HIS A 135 2.62 34.59 -9.09
N LEU A 136 2.53 33.32 -8.73
CA LEU A 136 2.80 32.91 -7.35
C LEU A 136 3.60 31.60 -7.33
N SER A 139 9.72 30.95 -5.59
CA SER A 139 10.79 30.44 -4.75
C SER A 139 10.23 29.58 -3.60
N ARG A 140 8.91 29.50 -3.53
CA ARG A 140 8.26 28.71 -2.49
C ARG A 140 6.99 28.10 -3.06
N SER A 141 6.82 26.79 -2.86
CA SER A 141 5.62 26.12 -3.32
C SER A 141 4.39 26.76 -2.68
N LEU A 142 3.32 26.89 -3.46
CA LEU A 142 2.04 27.28 -2.88
C LEU A 142 1.59 26.33 -1.78
N PHE A 143 2.07 25.10 -1.81
CA PHE A 143 1.49 24.00 -1.06
C PHE A 143 2.34 23.59 0.12
N VAL A 144 3.23 24.47 0.59
CA VAL A 144 4.10 24.14 1.71
CA VAL A 144 4.10 24.14 1.71
C VAL A 144 3.27 23.72 2.93
N ASN A 145 2.13 24.38 3.15
CA ASN A 145 1.33 24.08 4.33
C ASN A 145 0.13 23.19 4.04
N ALA A 146 0.14 22.45 2.93
CA ALA A 146 -1.04 21.72 2.50
C ALA A 146 -1.41 20.61 3.48
N ALA A 147 -0.43 20.05 4.19
CA ALA A 147 -0.74 19.03 5.19
C ALA A 147 -1.70 19.60 6.22
N THR A 148 -1.47 20.86 6.63
CA THR A 148 -2.37 21.51 7.59
C THR A 148 -3.74 21.74 6.99
N TRP A 149 -3.82 22.29 5.77
CA TRP A 149 -5.12 22.46 5.12
C TRP A 149 -5.79 21.11 4.85
N GLY A 150 -5.01 20.09 4.50
CA GLY A 150 -5.57 18.75 4.38
C GLY A 150 -6.32 18.32 5.63
N LEU A 151 -5.75 18.60 6.80
CA LEU A 151 -6.46 18.31 8.05
C LEU A 151 -7.74 19.10 8.15
N VAL A 152 -7.69 20.40 7.82
CA VAL A 152 -8.88 21.24 7.87
C VAL A 152 -9.96 20.73 6.95
N VAL A 153 -9.60 20.35 5.72
CA VAL A 153 -10.57 19.98 4.71
C VAL A 153 -11.04 18.53 4.90
N THR A 154 -10.10 17.60 5.11
CA THR A 154 -10.44 16.18 5.11
C THR A 154 -10.50 15.54 6.50
N GLY A 155 -9.93 16.17 7.52
CA GLY A 155 -9.81 15.54 8.82
C GLY A 155 -8.67 14.56 8.95
N LYS A 156 -7.89 14.35 7.90
CA LYS A 156 -6.81 13.37 7.89
C LYS A 156 -5.46 14.06 7.74
N LEU A 157 -4.44 13.47 8.34
CA LEU A 157 -3.10 14.06 8.33
C LEU A 157 -2.20 13.30 7.37
N THR A 158 -1.46 14.04 6.55
CA THR A 158 -0.43 13.49 5.67
C THR A 158 0.88 14.17 6.03
N SER A 159 1.95 13.38 6.14
CA SER A 159 3.24 13.95 6.52
C SER A 159 3.83 14.80 5.41
N THR A 160 3.61 14.40 4.17
CA THR A 160 4.14 15.13 3.03
C THR A 160 3.01 15.46 2.07
N VAL A 161 3.32 16.33 1.11
CA VAL A 161 2.34 16.98 0.26
C VAL A 161 2.51 16.45 -1.15
N ASN A 162 1.42 15.97 -1.76
CA ASN A 162 1.49 15.62 -3.18
C ASN A 162 1.26 16.90 -3.95
N ASP A 163 2.35 17.64 -4.19
CA ASP A 163 2.24 18.96 -4.78
C ASP A 163 1.85 18.91 -6.25
N ARG A 164 2.14 17.80 -6.95
CA ARG A 164 1.68 17.70 -8.33
C ARG A 164 0.17 17.47 -8.39
N SER A 165 -0.36 16.65 -7.49
CA SER A 165 -1.81 16.49 -7.42
C SER A 165 -2.51 17.81 -7.07
N LEU A 166 -1.95 18.57 -6.14
CA LEU A 166 -2.57 19.84 -5.78
C LEU A 166 -2.46 20.87 -6.91
N ALA A 167 -1.32 20.90 -7.61
CA ALA A 167 -1.23 21.83 -8.74
C ALA A 167 -2.25 21.49 -9.81
N ALA A 168 -2.46 20.20 -10.09
CA ALA A 168 -3.48 19.83 -11.07
C ALA A 168 -4.86 20.23 -10.59
N ALA A 169 -5.15 20.02 -9.31
CA ALA A 169 -6.46 20.34 -8.77
C ALA A 169 -6.72 21.85 -8.82
N LEU A 170 -5.68 22.64 -8.54
CA LEU A 170 -5.85 24.10 -8.53
C LEU A 170 -6.12 24.62 -9.93
N THR A 171 -5.39 24.11 -10.92
CA THR A 171 -5.64 24.48 -12.32
C THR A 171 -7.06 24.08 -12.72
N ARG A 172 -7.47 22.87 -12.36
CA ARG A 172 -8.80 22.39 -12.72
C ARG A 172 -9.88 23.28 -12.09
N LEU A 173 -9.77 23.58 -10.79
CA LEU A 173 -10.85 24.31 -10.14
C LEU A 173 -10.90 25.75 -10.63
N ILE A 174 -9.76 26.35 -10.92
CA ILE A 174 -9.76 27.73 -11.42
C ILE A 174 -10.36 27.78 -12.82
N SER A 175 -9.94 26.86 -13.69
CA SER A 175 -10.46 26.85 -15.06
C SER A 175 -11.95 26.51 -15.10
N ARG A 176 -12.44 25.80 -14.08
CA ARG A 176 -13.85 25.41 -14.03
C ARG A 176 -14.71 26.52 -13.46
N CYS A 177 -14.30 27.13 -12.34
CA CYS A 177 -15.15 28.07 -11.61
C CYS A 177 -14.63 29.51 -11.55
N GLY A 178 -13.34 29.75 -11.82
CA GLY A 178 -12.86 31.10 -12.03
C GLY A 178 -12.82 31.97 -10.77
N GLU A 179 -12.95 33.27 -10.99
CA GLU A 179 -12.78 34.23 -9.90
C GLU A 179 -13.72 34.00 -8.73
N PRO A 180 -15.02 33.68 -8.90
CA PRO A 180 -15.88 33.50 -7.73
C PRO A 180 -15.37 32.50 -6.71
N VAL A 181 -14.77 31.40 -7.13
CA VAL A 181 -14.31 30.42 -6.14
C VAL A 181 -13.04 30.92 -5.43
N ILE A 182 -12.18 31.65 -6.14
CA ILE A 182 -10.98 32.22 -5.52
C ILE A 182 -11.38 33.24 -4.45
N ARG A 183 -12.33 34.12 -4.79
CA ARG A 183 -12.83 35.11 -3.83
C ARG A 183 -13.37 34.43 -2.57
N ARG A 184 -14.19 33.38 -2.74
CA ARG A 184 -14.74 32.68 -1.59
C ARG A 184 -13.65 31.99 -0.77
N GLY A 185 -12.66 31.40 -1.43
CA GLY A 185 -11.56 30.79 -0.71
C GLY A 185 -10.75 31.80 0.09
N VAL A 186 -10.48 32.97 -0.49
CA VAL A 186 -9.71 33.99 0.21
C VAL A 186 -10.46 34.46 1.45
N ASP A 187 -11.76 34.74 1.28
CA ASP A 187 -12.56 35.21 2.41
C ASP A 187 -12.68 34.15 3.50
N MET A 188 -12.86 32.89 3.10
CA MET A 188 -12.84 31.78 4.06
C MET A 188 -11.52 31.72 4.81
N ALA A 189 -10.40 31.68 4.09
CA ALA A 189 -9.11 31.60 4.74
C ALA A 189 -8.86 32.80 5.63
N MET A 190 -9.36 33.97 5.22
CA MET A 190 -9.16 35.19 6.01
C MET A 190 -9.87 35.08 7.36
N ARG A 191 -11.12 34.58 7.35
CA ARG A 191 -11.84 34.40 8.62
C ARG A 191 -11.19 33.32 9.48
N MET A 192 -10.77 32.21 8.86
CA MET A 192 -10.24 31.11 9.66
C MET A 192 -8.93 31.50 10.34
N MET A 193 -8.00 32.06 9.58
CA MET A 193 -6.68 32.38 10.08
C MET A 193 -6.66 33.66 10.91
N GLY A 194 -7.65 34.53 10.76
CA GLY A 194 -7.67 35.78 11.48
C GLY A 194 -8.61 35.79 12.67
N GLU A 195 -9.62 34.92 12.67
CA GLU A 195 -10.66 34.93 13.70
C GLU A 195 -10.95 33.60 14.38
N GLN A 196 -10.57 32.46 13.78
CA GLN A 196 -10.94 31.15 14.30
C GLN A 196 -9.75 30.38 14.85
N PHE A 197 -8.65 30.29 14.09
CA PHE A 197 -7.47 29.63 14.62
C PHE A 197 -6.76 30.50 15.63
N VAL A 198 -6.90 31.82 15.52
CA VAL A 198 -6.41 32.73 16.52
C VAL A 198 -7.56 33.64 16.95
N THR A 199 -7.46 34.15 18.17
CA THR A 199 -8.42 35.17 18.57
C THR A 199 -8.12 36.48 17.87
N GLY A 200 -6.84 36.75 17.60
CA GLY A 200 -6.46 37.93 16.84
C GLY A 200 -5.02 37.82 16.43
N GLU A 201 -4.63 38.66 15.47
CA GLU A 201 -3.28 38.66 14.95
C GLU A 201 -2.29 39.27 15.94
N THR A 202 -2.75 40.26 16.71
CA THR A 202 -1.95 40.93 17.72
C THR A 202 -2.71 40.91 19.04
N ILE A 203 -2.01 41.15 20.15
CA ILE A 203 -2.68 41.11 21.44
C ILE A 203 -3.77 42.17 21.49
N ARG A 204 -3.51 43.34 20.90
CA ARG A 204 -4.50 44.42 20.93
C ARG A 204 -5.79 44.01 20.21
N GLU A 205 -5.67 43.37 19.04
CA GLU A 205 -6.85 42.93 18.32
C GLU A 205 -7.55 41.80 19.06
N ALA A 206 -6.78 40.88 19.63
CA ALA A 206 -7.36 39.80 20.42
C ALA A 206 -8.14 40.35 21.61
N LEU A 207 -7.59 41.36 22.29
CA LEU A 207 -8.28 41.97 23.43
C LEU A 207 -9.56 42.67 23.00
N LYS A 208 -9.55 43.36 21.84
CA LYS A 208 -10.78 44.00 21.38
C LYS A 208 -11.86 42.95 21.10
N ARG A 209 -11.48 41.81 20.55
CA ARG A 209 -12.45 40.78 20.22
C ARG A 209 -12.88 39.95 21.41
N SER A 210 -12.26 40.13 22.57
CA SER A 210 -12.63 39.37 23.76
C SER A 210 -13.75 40.01 24.56
N LYS A 211 -14.04 41.29 24.32
CA LYS A 211 -15.06 41.97 25.12
C LYS A 211 -16.43 41.31 24.97
N GLU A 212 -16.75 40.79 23.79
CA GLU A 212 -18.05 40.18 23.57
C GLU A 212 -18.31 39.06 24.57
N LEU A 213 -17.45 38.05 24.60
CA LEU A 213 -17.71 36.90 25.47
C LEU A 213 -17.40 37.17 26.93
N GLU A 214 -16.58 38.17 27.24
CA GLU A 214 -16.41 38.52 28.64
C GLU A 214 -17.68 39.10 29.24
N GLU A 215 -18.43 39.85 28.45
CA GLU A 215 -19.72 40.37 28.91
C GLU A 215 -20.72 39.25 29.17
N LYS A 216 -20.55 38.10 28.53
CA LYS A 216 -21.42 36.94 28.72
C LYS A 216 -20.93 36.01 29.83
N GLY A 217 -19.81 36.31 30.47
CA GLY A 217 -19.35 35.55 31.62
C GLY A 217 -18.10 34.74 31.40
N PHE A 218 -17.48 34.79 30.22
CA PHE A 218 -16.22 34.11 30.02
C PHE A 218 -15.06 34.98 30.51
N SER A 219 -13.89 34.35 30.63
CA SER A 219 -12.64 35.02 30.87
C SER A 219 -11.65 34.52 29.81
N TYR A 220 -10.44 35.08 29.81
CA TYR A 220 -9.49 34.79 28.74
C TYR A 220 -8.10 34.55 29.30
N SER A 221 -7.36 33.65 28.63
CA SER A 221 -5.92 33.50 28.81
C SER A 221 -5.29 33.48 27.43
N TYR A 222 -4.32 34.36 27.20
CA TYR A 222 -3.78 34.56 25.85
C TYR A 222 -2.49 33.77 25.68
N ASP A 223 -2.42 33.04 24.57
CA ASP A 223 -1.29 32.19 24.21
C ASP A 223 -0.57 32.86 23.04
N MET A 224 0.61 33.39 23.30
CA MET A 224 1.34 34.13 22.30
C MET A 224 2.06 33.22 21.29
N LEU A 225 1.70 31.94 21.28
CA LEU A 225 2.18 30.95 20.29
C LEU A 225 3.70 30.92 20.19
N GLY A 226 4.39 31.31 21.26
CA GLY A 226 5.84 31.12 21.32
C GLY A 226 6.20 29.71 21.77
N GLU A 227 7.29 29.19 21.23
CA GLU A 227 7.62 27.79 21.46
C GLU A 227 9.00 27.47 20.88
N ALA A 228 9.76 26.65 21.61
CA ALA A 228 11.00 26.04 21.13
C ALA A 228 11.95 27.07 20.50
N ALA A 229 12.45 27.94 21.36
CA ALA A 229 13.53 28.84 20.94
C ALA A 229 14.74 28.03 20.49
N THR A 230 15.32 28.42 19.36
CA THR A 230 16.50 27.78 18.82
C THR A 230 17.78 28.56 19.10
N THR A 231 17.69 29.88 19.22
CA THR A 231 18.85 30.73 19.46
C THR A 231 18.59 31.67 20.62
N ALA A 232 19.68 32.21 21.17
CA ALA A 232 19.55 33.28 22.16
C ALA A 232 18.69 34.43 21.63
N ALA A 233 18.89 34.81 20.38
CA ALA A 233 18.11 35.92 19.82
C ALA A 233 16.62 35.57 19.77
N ASP A 234 16.29 34.33 19.41
CA ASP A 234 14.89 33.89 19.39
C ASP A 234 14.28 33.95 20.78
N ALA A 235 15.00 33.49 21.79
CA ALA A 235 14.45 33.53 23.13
C ALA A 235 14.23 34.96 23.58
N GLU A 236 15.15 35.87 23.20
CA GLU A 236 14.98 37.28 23.52
C GLU A 236 13.72 37.84 22.88
N ARG A 237 13.49 37.51 21.60
CA ARG A 237 12.29 37.96 20.93
C ARG A 237 11.03 37.44 21.63
N TYR A 238 11.05 36.18 22.04
CA TYR A 238 9.89 35.63 22.73
C TYR A 238 9.67 36.31 24.08
N TYR A 239 10.75 36.64 24.79
CA TYR A 239 10.61 37.37 26.04
C TYR A 239 9.93 38.72 25.81
N ARG A 240 10.43 39.51 24.87
CA ARG A 240 9.82 40.83 24.70
C ARG A 240 8.40 40.73 24.15
N ASP A 241 8.07 39.66 23.42
CA ASP A 241 6.69 39.46 23.00
CA ASP A 241 6.69 39.46 23.00
C ASP A 241 5.79 39.19 24.20
N TYR A 242 6.26 38.37 25.17
CA TYR A 242 5.48 38.12 26.39
C TYR A 242 5.37 39.38 27.24
N GLU A 243 6.48 40.09 27.40
CA GLU A 243 6.46 41.32 28.19
C GLU A 243 5.46 42.31 27.61
N SER A 244 5.46 42.48 26.29
CA SER A 244 4.55 43.47 25.71
C SER A 244 3.10 43.01 25.79
N ALA A 245 2.85 41.70 25.67
CA ALA A 245 1.49 41.22 25.88
C ALA A 245 1.03 41.41 27.32
N ILE A 246 1.91 41.18 28.30
CA ILE A 246 1.52 41.35 29.70
C ILE A 246 1.08 42.78 29.95
N HIS A 247 1.80 43.76 29.41
CA HIS A 247 1.37 45.15 29.54
C HIS A 247 -0.02 45.35 28.95
N ALA A 248 -0.25 44.83 27.74
CA ALA A 248 -1.53 45.05 27.08
C ALA A 248 -2.66 44.36 27.83
N ILE A 249 -2.44 43.12 28.28
CA ILE A 249 -3.45 42.40 29.05
C ILE A 249 -3.68 43.05 30.41
N GLY A 250 -2.59 43.47 31.07
CA GLY A 250 -2.75 44.11 32.37
C GLY A 250 -3.45 45.45 32.28
N LYS A 251 -3.14 46.24 31.26
CA LYS A 251 -3.89 47.47 31.01
C LYS A 251 -5.37 47.19 30.79
N ALA A 252 -5.66 46.18 29.95
CA ALA A 252 -7.05 45.83 29.66
C ALA A 252 -7.74 45.27 30.90
N SER A 253 -7.04 44.46 31.69
CA SER A 253 -7.63 43.88 32.89
C SER A 253 -8.19 44.96 33.81
N ALA A 254 -7.46 46.06 33.96
CA ALA A 254 -7.92 47.24 34.68
C ALA A 254 -8.37 46.90 36.10
N GLY A 255 -7.61 46.04 36.77
CA GLY A 255 -7.93 45.70 38.14
C GLY A 255 -9.02 44.66 38.34
N ARG A 256 -9.45 43.92 37.30
CA ARG A 256 -10.45 42.88 37.51
C ARG A 256 -9.90 41.67 38.27
N GLY A 257 -8.60 41.56 38.44
CA GLY A 257 -8.04 40.48 39.22
C GLY A 257 -7.84 39.21 38.42
N ILE A 258 -7.30 38.20 39.09
CA ILE A 258 -6.83 37.02 38.37
C ILE A 258 -7.93 36.04 38.01
N TYR A 259 -9.12 36.17 38.60
CA TYR A 259 -10.18 35.22 38.27
C TYR A 259 -11.17 35.79 37.25
N GLU A 260 -11.62 37.02 37.47
CA GLU A 260 -12.50 37.68 36.51
C GLU A 260 -11.73 38.19 35.29
N GLY A 261 -10.49 38.64 35.47
CA GLY A 261 -9.76 39.32 34.42
C GLY A 261 -8.87 38.39 33.62
N PRO A 262 -8.35 38.89 32.52
CA PRO A 262 -7.56 38.04 31.60
C PRO A 262 -6.17 37.79 32.14
N GLY A 263 -5.58 36.71 31.65
CA GLY A 263 -4.21 36.38 32.00
C GLY A 263 -3.42 35.98 30.76
N ILE A 264 -2.18 35.53 30.96
CA ILE A 264 -1.30 35.10 29.87
C ILE A 264 -0.82 33.68 30.15
N SER A 265 -0.49 32.96 29.08
CA SER A 265 0.14 31.64 29.18
C SER A 265 1.48 31.70 28.49
N ILE A 266 2.49 31.05 29.08
CA ILE A 266 3.82 31.05 28.50
C ILE A 266 4.34 29.62 28.41
N LYS A 267 5.27 29.41 27.49
CA LYS A 267 5.97 28.14 27.38
C LYS A 267 7.44 28.38 27.72
N LEU A 268 7.96 27.58 28.65
CA LEU A 268 9.33 27.79 29.07
C LEU A 268 10.31 27.55 27.93
N SER A 269 9.98 26.67 27.00
CA SER A 269 10.91 26.40 25.90
C SER A 269 11.09 27.61 25.00
N ALA A 270 10.12 28.54 25.01
CA ALA A 270 10.27 29.78 24.24
C ALA A 270 11.33 30.69 24.84
N LEU A 271 11.62 30.56 26.13
CA LEU A 271 12.41 31.56 26.83
C LEU A 271 13.87 31.18 26.97
N HIS A 272 14.28 29.99 26.53
CA HIS A 272 15.68 29.63 26.57
C HIS A 272 15.93 28.58 25.50
N PRO A 273 17.01 28.69 24.71
CA PRO A 273 17.24 27.72 23.64
C PRO A 273 17.75 26.36 24.10
N ARG A 274 18.16 26.22 25.36
CA ARG A 274 18.62 24.93 25.86
C ARG A 274 17.82 24.52 27.09
N TYR A 275 16.50 24.46 26.95
CA TYR A 275 15.63 24.14 28.08
C TYR A 275 15.54 22.63 28.17
N SER A 276 16.39 22.04 29.00
CA SER A 276 16.42 20.58 29.13
C SER A 276 17.13 20.21 30.43
N ARG A 277 16.86 18.99 30.91
CA ARG A 277 17.48 18.55 32.15
C ARG A 277 19.00 18.55 32.05
N ALA A 278 19.53 18.22 30.87
CA ALA A 278 20.97 18.19 30.66
C ALA A 278 21.58 19.57 30.88
N GLN A 279 20.81 20.62 30.60
CA GLN A 279 21.30 21.99 30.76
C GLN A 279 20.67 22.66 31.97
N ALA A 280 20.38 21.89 33.01
CA ALA A 280 19.59 22.40 34.14
C ALA A 280 20.26 23.59 34.80
N ALA A 281 21.59 23.59 34.88
CA ALA A 281 22.28 24.72 35.50
C ALA A 281 22.05 26.01 34.72
N ARG A 282 22.14 25.94 33.39
CA ARG A 282 21.86 27.13 32.58
C ARG A 282 20.39 27.53 32.72
N VAL A 283 19.50 26.54 32.83
CA VAL A 283 18.08 26.83 32.95
C VAL A 283 17.80 27.60 34.24
N MET A 284 18.34 27.10 35.36
CA MET A 284 18.13 27.79 36.62
C MET A 284 18.80 29.16 36.65
N GLY A 285 19.96 29.30 36.00
CA GLY A 285 20.68 30.56 36.03
C GLY A 285 20.20 31.57 35.01
N GLU A 286 19.67 31.12 33.89
CA GLU A 286 19.35 32.05 32.81
C GLU A 286 17.87 32.12 32.48
N LEU A 287 17.15 31.00 32.54
CA LEU A 287 15.73 31.02 32.22
C LEU A 287 14.91 31.49 33.41
N LEU A 288 15.25 31.03 34.61
CA LEU A 288 14.51 31.43 35.82
C LEU A 288 14.40 32.93 35.99
N PRO A 289 15.47 33.73 35.89
CA PRO A 289 15.31 35.18 36.09
C PRO A 289 14.40 35.84 35.07
N ARG A 290 14.31 35.28 33.85
CA ARG A 290 13.41 35.84 32.85
C ARG A 290 11.96 35.57 33.21
N VAL A 291 11.65 34.36 33.64
CA VAL A 291 10.28 34.07 34.08
C VAL A 291 9.92 34.93 35.29
N LYS A 292 10.89 35.14 36.18
CA LYS A 292 10.63 35.97 37.35
C LYS A 292 10.31 37.41 36.95
N ALA A 293 11.03 37.94 35.96
CA ALA A 293 10.75 39.31 35.53
C ALA A 293 9.37 39.41 34.90
N LEU A 294 8.95 38.40 34.15
CA LEU A 294 7.59 38.43 33.61
C LEU A 294 6.56 38.29 34.73
N ALA A 295 6.79 37.37 35.66
CA ALA A 295 5.87 37.21 36.79
C ALA A 295 5.76 38.51 37.60
N LEU A 296 6.88 39.22 37.80
CA LEU A 296 6.82 40.47 38.57
C LEU A 296 5.89 41.48 37.90
N LEU A 297 5.91 41.53 36.58
CA LEU A 297 5.01 42.41 35.85
C LEU A 297 3.57 41.93 35.95
N ALA A 298 3.34 40.61 35.83
CA ALA A 298 1.99 40.08 36.02
C ALA A 298 1.48 40.39 37.42
N LYS A 299 2.36 40.29 38.42
CA LYS A 299 1.97 40.65 39.78
C LYS A 299 1.52 42.11 39.87
N ASN A 300 2.25 43.02 39.22
CA ASN A 300 1.91 44.43 39.35
C ASN A 300 0.54 44.73 38.74
N TYR A 301 0.22 44.09 37.61
CA TYR A 301 -1.10 44.25 37.03
C TYR A 301 -2.15 43.31 37.64
N ASP A 302 -1.71 42.37 38.47
CA ASP A 302 -2.58 41.37 39.11
C ASP A 302 -3.35 40.56 38.08
N ILE A 303 -2.60 39.90 37.19
CA ILE A 303 -3.18 39.00 36.20
C ILE A 303 -2.58 37.62 36.35
N GLY A 304 -3.26 36.64 35.77
CA GLY A 304 -2.73 35.29 35.74
C GLY A 304 -1.53 35.19 34.81
N LEU A 305 -0.55 34.40 35.24
CA LEU A 305 0.58 33.98 34.40
C LEU A 305 0.70 32.47 34.52
N ASN A 306 0.35 31.76 33.45
CA ASN A 306 0.30 30.30 33.44
C ASN A 306 1.52 29.73 32.73
N ILE A 307 2.14 28.72 33.33
CA ILE A 307 3.22 27.97 32.69
C ILE A 307 2.65 26.72 32.01
N ASP A 308 2.69 26.69 30.67
CA ASP A 308 2.18 25.57 29.89
C ASP A 308 3.07 24.34 30.08
N ALA A 309 2.48 23.16 29.93
CA ALA A 309 3.22 21.91 30.07
C ALA A 309 3.65 21.42 28.69
N GLU A 310 4.86 20.86 28.60
CA GLU A 310 5.39 20.46 27.30
C GLU A 310 5.75 18.98 27.31
N GLU A 311 6.93 18.62 26.81
CA GLU A 311 7.24 17.20 26.67
C GLU A 311 7.48 16.57 28.03
N ALA A 312 7.34 15.24 28.08
CA ALA A 312 7.45 14.53 29.36
C ALA A 312 8.81 14.73 30.00
N ASP A 313 9.88 14.86 29.21
CA ASP A 313 11.21 14.98 29.84
C ASP A 313 11.50 16.39 30.34
N ARG A 314 10.53 17.31 30.24
CA ARG A 314 10.63 18.63 30.84
C ARG A 314 9.75 18.83 32.07
N LEU A 315 8.89 17.86 32.40
CA LEU A 315 7.98 18.05 33.54
C LEU A 315 8.73 18.33 34.83
N GLU A 316 9.65 17.47 35.23
CA GLU A 316 10.23 17.64 36.56
C GLU A 316 11.16 18.83 36.61
N LEU A 317 11.83 19.16 35.51
CA LEU A 317 12.63 20.38 35.46
C LEU A 317 11.76 21.61 35.69
N SER A 318 10.56 21.64 35.08
CA SER A 318 9.67 22.78 35.27
C SER A 318 9.23 22.91 36.72
N LEU A 319 9.17 21.79 37.46
CA LEU A 319 8.86 21.87 38.88
C LEU A 319 9.92 22.62 39.64
N ASP A 320 11.17 22.52 39.20
CA ASP A 320 12.24 23.23 39.91
C ASP A 320 12.09 24.74 39.75
N LEU A 321 11.63 25.20 38.59
CA LEU A 321 11.36 26.63 38.42
C LEU A 321 10.12 27.04 39.21
N LEU A 322 9.05 26.24 39.16
CA LEU A 322 7.84 26.56 39.91
C LEU A 322 8.13 26.70 41.39
N GLU A 323 9.00 25.85 41.92
CA GLU A 323 9.33 25.90 43.35
C GLU A 323 10.06 27.21 43.69
N VAL A 324 11.08 27.57 42.91
CA VAL A 324 11.84 28.76 43.25
C VAL A 324 10.94 29.98 43.16
N LEU A 325 10.12 30.07 42.11
CA LEU A 325 9.24 31.23 41.95
C LEU A 325 8.23 31.35 43.08
N CYS A 326 7.61 30.22 43.47
CA CYS A 326 6.62 30.28 44.54
C CYS A 326 7.23 30.59 45.89
N LEU A 327 8.52 30.32 46.07
CA LEU A 327 9.20 30.63 47.31
C LEU A 327 9.85 32.00 47.30
N ASP A 328 9.81 32.71 46.17
CA ASP A 328 10.52 33.97 46.04
C ASP A 328 9.70 35.11 46.63
N GLY A 329 10.21 35.73 47.70
CA GLY A 329 9.45 36.77 48.39
C GLY A 329 9.05 37.93 47.50
N ASP A 330 9.83 38.22 46.45
CA ASP A 330 9.52 39.33 45.56
C ASP A 330 8.19 39.16 44.85
N LEU A 331 7.69 37.93 44.71
CA LEU A 331 6.41 37.67 44.08
C LEU A 331 5.28 37.48 45.08
N SER A 332 5.52 37.70 46.36
CA SER A 332 4.48 37.46 47.36
C SER A 332 3.36 38.48 47.20
N GLY A 333 2.18 38.09 47.68
CA GLY A 333 0.99 38.91 47.56
C GLY A 333 0.20 38.71 46.28
N TRP A 334 0.69 37.90 45.36
CA TRP A 334 0.03 37.66 44.08
C TRP A 334 -0.22 36.17 43.93
N ASN A 335 -1.46 35.81 43.61
CA ASN A 335 -1.86 34.42 43.46
C ASN A 335 -2.06 34.04 42.00
N GLY A 336 -1.54 34.84 41.07
CA GLY A 336 -1.76 34.64 39.65
C GLY A 336 -0.91 33.57 38.99
N MET A 337 0.10 33.06 39.68
CA MET A 337 0.96 32.04 39.08
CA MET A 337 0.96 32.05 39.07
C MET A 337 0.19 30.75 38.84
N GLY A 338 0.28 30.23 37.62
CA GLY A 338 -0.42 29.01 37.26
C GLY A 338 0.53 28.02 36.62
N PHE A 339 0.09 26.76 36.60
CA PHE A 339 0.91 25.63 36.18
C PHE A 339 -0.02 24.55 35.63
N VAL A 340 0.35 24.01 34.47
CA VAL A 340 -0.42 22.97 33.80
C VAL A 340 0.10 21.61 34.21
N VAL A 341 -0.80 20.67 34.44
CA VAL A 341 -0.46 19.27 34.64
C VAL A 341 -1.27 18.43 33.66
N GLN A 342 -0.62 17.44 33.03
CA GLN A 342 -1.20 16.66 31.96
C GLN A 342 -1.70 15.32 32.49
N ALA A 343 -3.02 15.10 32.44
CA ALA A 343 -3.60 13.87 32.97
C ALA A 343 -3.22 12.64 32.16
N TYR A 344 -2.72 12.81 30.93
CA TYR A 344 -2.29 11.61 30.23
C TYR A 344 -0.97 11.07 30.74
N GLY A 345 -0.34 11.79 31.67
CA GLY A 345 0.93 11.37 32.22
C GLY A 345 0.75 10.55 33.48
N LYS A 346 1.59 9.52 33.59
CA LYS A 346 1.54 8.61 34.73
C LYS A 346 1.87 9.30 36.04
N ARG A 347 2.61 10.41 35.99
CA ARG A 347 3.04 11.11 37.21
C ARG A 347 2.03 12.14 37.71
N CYS A 348 0.96 12.38 36.96
CA CYS A 348 0.03 13.46 37.23
C CYS A 348 -0.46 13.54 38.69
N PRO A 349 -0.97 12.48 39.31
CA PRO A 349 -1.43 12.65 40.70
C PRO A 349 -0.32 13.00 41.65
N PHE A 350 0.90 12.54 41.38
CA PHE A 350 2.02 12.82 42.26
C PHE A 350 2.53 14.24 42.07
N VAL A 351 2.50 14.74 40.83
CA VAL A 351 2.77 16.15 40.58
C VAL A 351 1.76 17.02 41.34
N LEU A 352 0.49 16.64 41.28
CA LEU A 352 -0.53 17.42 41.98
C LEU A 352 -0.27 17.43 43.48
N ASP A 353 0.05 16.26 44.05
CA ASP A 353 0.42 16.21 45.46
C ASP A 353 1.54 17.19 45.77
N PHE A 354 2.54 17.25 44.89
CA PHE A 354 3.67 18.15 45.08
C PHE A 354 3.24 19.62 44.98
N ILE A 355 2.44 19.95 43.96
CA ILE A 355 2.02 21.34 43.78
C ILE A 355 1.13 21.81 44.93
N ILE A 356 0.22 20.94 45.39
CA ILE A 356 -0.66 21.29 46.50
C ILE A 356 0.15 21.52 47.76
N ASP A 357 1.18 20.70 47.99
CA ASP A 357 2.05 20.92 49.13
C ASP A 357 2.83 22.21 48.98
N LEU A 358 3.31 22.51 47.77
CA LEU A 358 4.05 23.75 47.54
C LEU A 358 3.14 24.96 47.78
N ALA A 359 1.88 24.87 47.35
CA ALA A 359 0.93 25.94 47.63
C ALA A 359 0.76 26.14 49.13
N ARG A 360 0.72 25.05 49.91
CA ARG A 360 0.61 25.17 51.36
C ARG A 360 1.85 25.84 51.95
N ARG A 361 3.05 25.42 51.53
CA ARG A 361 4.29 25.97 52.10
C ARG A 361 4.46 27.44 51.75
N SER A 362 4.20 27.79 50.49
CA SER A 362 4.41 29.16 50.04
C SER A 362 3.24 30.07 50.40
N GLY A 363 2.07 29.51 50.68
CA GLY A 363 0.87 30.30 50.87
C GLY A 363 0.34 30.98 49.62
N ARG A 364 0.79 30.55 48.44
CA ARG A 364 0.28 31.04 47.16
C ARG A 364 -0.78 30.06 46.67
N ARG A 365 -1.92 30.59 46.26
CA ARG A 365 -3.00 29.76 45.73
C ARG A 365 -2.71 29.47 44.27
N ILE A 366 -1.95 28.41 44.02
CA ILE A 366 -1.47 28.14 42.66
C ILE A 366 -2.65 27.81 41.75
N MET A 367 -2.65 28.42 40.57
CA MET A 367 -3.68 28.12 39.57
C MET A 367 -3.25 26.87 38.82
N VAL A 368 -3.98 25.79 38.98
CA VAL A 368 -3.59 24.51 38.39
C VAL A 368 -4.52 24.23 37.23
N ARG A 369 -3.99 24.31 36.00
CA ARG A 369 -4.76 23.96 34.82
C ARG A 369 -4.57 22.48 34.52
N LEU A 370 -5.64 21.72 34.67
CA LEU A 370 -5.66 20.29 34.40
C LEU A 370 -6.01 20.09 32.93
N VAL A 371 -5.11 19.45 32.18
CA VAL A 371 -5.35 19.14 30.78
C VAL A 371 -5.08 17.65 30.59
N LYS A 372 -5.49 17.12 29.44
CA LYS A 372 -5.14 15.72 29.15
C LYS A 372 -3.71 15.60 28.62
N GLY A 373 -3.40 16.25 27.51
CA GLY A 373 -2.02 16.39 27.05
C GLY A 373 -1.94 16.43 25.53
N ALA A 374 -0.95 17.17 25.03
CA ALA A 374 -0.91 17.52 23.61
C ALA A 374 0.19 16.82 22.81
N TYR A 375 1.02 16.00 23.45
CA TYR A 375 2.20 15.47 22.79
C TYR A 375 2.19 13.93 22.69
N TRP A 376 1.01 13.34 22.58
CA TRP A 376 0.90 11.89 22.81
C TRP A 376 1.70 11.09 21.79
N ASP A 377 1.47 11.32 20.48
CA ASP A 377 2.21 10.60 19.44
C ASP A 377 3.71 10.73 19.65
N ALA A 378 4.18 11.94 19.98
CA ALA A 378 5.61 12.17 20.12
C ALA A 378 6.18 11.41 21.30
N GLU A 379 5.42 11.33 22.40
CA GLU A 379 5.90 10.58 23.56
C GLU A 379 6.04 9.10 23.24
N ILE A 380 5.10 8.56 22.47
CA ILE A 380 5.16 7.15 22.08
C ILE A 380 6.42 6.88 21.26
N LYS A 381 6.65 7.70 20.23
CA LYS A 381 7.79 7.52 19.36
C LYS A 381 9.11 7.68 20.12
N ARG A 382 9.18 8.69 20.99
CA ARG A 382 10.44 8.96 21.69
C ARG A 382 10.82 7.81 22.61
N ALA A 383 9.86 7.28 23.37
CA ALA A 383 10.16 6.15 24.26
C ALA A 383 10.64 4.94 23.46
N GLN A 384 10.03 4.70 22.30
CA GLN A 384 10.45 3.57 21.47
C GLN A 384 11.86 3.78 20.94
N LEU A 385 12.14 4.98 20.41
CA LEU A 385 13.49 5.27 19.92
C LEU A 385 14.53 5.08 21.01
N ASP A 386 14.22 5.49 22.24
CA ASP A 386 15.21 5.50 23.30
C ASP A 386 15.29 4.18 24.03
N GLY A 387 14.48 3.20 23.64
CA GLY A 387 14.54 1.89 24.26
C GLY A 387 14.21 1.90 25.73
N LEU A 388 13.27 2.73 26.16
CA LEU A 388 13.03 2.87 27.59
C LEU A 388 12.03 1.82 28.08
N ALA A 389 11.91 1.73 29.41
CA ALA A 389 11.18 0.62 29.99
C ALA A 389 9.70 0.66 29.63
N ASP A 390 9.13 1.86 29.54
CA ASP A 390 7.70 1.99 29.30
C ASP A 390 7.41 3.41 28.82
N PHE A 391 6.14 3.69 28.62
CA PHE A 391 5.85 5.04 28.20
C PHE A 391 5.60 5.92 29.43
N PRO A 392 5.83 7.23 29.34
CA PRO A 392 5.48 8.14 30.43
C PRO A 392 4.06 8.67 30.34
N VAL A 393 3.30 8.18 29.37
CA VAL A 393 1.91 8.55 29.16
C VAL A 393 1.13 7.26 29.01
N PHE A 394 -0.19 7.34 29.21
CA PHE A 394 -1.04 6.18 28.99
C PHE A 394 -1.11 5.87 27.50
N THR A 395 -1.49 4.62 27.19
CA THR A 395 -1.62 4.19 25.80
C THR A 395 -3.06 3.98 25.36
N ARG A 396 -4.04 4.09 26.25
CA ARG A 396 -5.45 4.05 25.89
C ARG A 396 -6.10 5.35 26.29
N LYS A 397 -6.84 5.95 25.36
CA LYS A 397 -7.49 7.23 25.63
C LYS A 397 -8.37 7.14 26.88
N ILE A 398 -9.03 5.99 27.07
CA ILE A 398 -9.92 5.87 28.20
C ILE A 398 -9.16 5.94 29.53
N HIS A 399 -7.90 5.51 29.54
CA HIS A 399 -7.08 5.63 30.76
C HIS A 399 -6.83 7.09 31.10
N THR A 400 -6.51 7.89 30.09
CA THR A 400 -6.35 9.32 30.30
C THR A 400 -7.62 9.95 30.85
N ASP A 401 -8.79 9.52 30.37
CA ASP A 401 -10.05 10.03 30.89
C ASP A 401 -10.23 9.71 32.37
N VAL A 402 -9.94 8.47 32.76
CA VAL A 402 -10.03 8.12 34.18
C VAL A 402 -9.03 8.92 34.98
N SER A 403 -7.79 9.03 34.48
CA SER A 403 -6.77 9.82 35.17
C SER A 403 -7.22 11.26 35.37
N TYR A 404 -7.82 11.87 34.34
CA TYR A 404 -8.30 13.23 34.45
C TYR A 404 -9.34 13.35 35.57
N ILE A 405 -10.32 12.43 35.61
CA ILE A 405 -11.38 12.52 36.59
C ILE A 405 -10.84 12.29 37.99
N ALA A 406 -9.87 11.36 38.14
CA ALA A 406 -9.25 11.14 39.45
C ALA A 406 -8.48 12.37 39.92
N CYS A 407 -7.75 13.00 39.00
CA CYS A 407 -7.00 14.19 39.38
C CYS A 407 -7.93 15.36 39.68
N ALA A 408 -9.07 15.44 39.01
CA ALA A 408 -10.06 16.46 39.35
C ALA A 408 -10.59 16.24 40.76
N ALA A 409 -10.76 14.98 41.17
CA ALA A 409 -11.22 14.72 42.53
C ALA A 409 -10.19 15.18 43.55
N LYS A 410 -8.90 14.99 43.25
CA LYS A 410 -7.87 15.44 44.16
C LYS A 410 -7.83 16.97 44.22
N LEU A 411 -7.98 17.63 43.06
CA LEU A 411 -7.97 19.08 43.03
C LEU A 411 -9.16 19.67 43.77
N LEU A 412 -10.34 19.09 43.57
CA LEU A 412 -11.55 19.60 44.22
C LEU A 412 -11.53 19.42 45.72
N ALA A 413 -10.70 18.53 46.23
CA ALA A 413 -10.51 18.44 47.68
C ALA A 413 -9.53 19.48 48.20
N ALA A 414 -8.92 20.30 47.33
CA ALA A 414 -7.91 21.26 47.78
C ALA A 414 -8.18 22.66 47.27
N THR A 415 -9.45 22.99 46.95
CA THR A 415 -9.78 24.33 46.48
C THR A 415 -9.42 25.42 47.48
N ASP A 416 -9.20 25.09 48.74
CA ASP A 416 -8.80 26.13 49.68
C ASP A 416 -7.36 26.58 49.42
N VAL A 417 -6.51 25.72 48.86
CA VAL A 417 -5.11 26.08 48.66
C VAL A 417 -4.69 26.17 47.20
N VAL A 418 -5.42 25.57 46.25
CA VAL A 418 -5.15 25.75 44.83
C VAL A 418 -6.44 26.18 44.14
N PHE A 419 -6.28 26.72 42.95
CA PHE A 419 -7.41 27.11 42.10
C PHE A 419 -7.47 26.17 40.92
N PRO A 420 -8.34 25.15 40.93
CA PRO A 420 -8.36 24.21 39.80
C PRO A 420 -9.04 24.82 38.58
N GLN A 421 -8.48 24.48 37.41
CA GLN A 421 -8.95 24.95 36.11
C GLN A 421 -9.06 23.74 35.20
N PHE A 422 -10.28 23.31 34.92
CA PHE A 422 -10.51 22.05 34.23
C PHE A 422 -10.64 22.33 32.74
N ALA A 423 -9.54 22.16 32.02
CA ALA A 423 -9.50 22.44 30.59
C ALA A 423 -9.98 21.20 29.86
N THR A 424 -11.15 21.29 29.23
CA THR A 424 -11.60 20.12 28.48
C THR A 424 -12.79 20.52 27.61
N HIS A 425 -12.87 19.87 26.44
CA HIS A 425 -14.02 19.99 25.56
C HIS A 425 -14.93 18.78 25.64
N ASN A 426 -14.60 17.82 26.49
CA ASN A 426 -15.35 16.57 26.59
C ASN A 426 -16.52 16.78 27.54
N ALA A 427 -17.74 16.80 27.00
CA ALA A 427 -18.92 17.10 27.80
C ALA A 427 -19.19 16.05 28.88
N GLN A 428 -18.72 14.81 28.69
CA GLN A 428 -18.85 13.79 29.73
C GLN A 428 -17.91 14.10 30.89
N THR A 429 -16.67 14.46 30.57
CA THR A 429 -15.71 14.89 31.59
C THR A 429 -16.24 16.11 32.34
N LEU A 430 -16.72 17.11 31.59
CA LEU A 430 -17.31 18.31 32.19
C LEU A 430 -18.40 17.95 33.20
N ALA A 431 -19.40 17.18 32.74
CA ALA A 431 -20.54 16.83 33.58
C ALA A 431 -20.10 16.10 34.85
N ALA A 432 -19.15 15.18 34.72
CA ALA A 432 -18.67 14.42 35.87
C ALA A 432 -18.08 15.34 36.93
N ILE A 433 -17.30 16.34 36.49
CA ILE A 433 -16.64 17.26 37.42
C ILE A 433 -17.65 18.24 38.01
N TYR A 434 -18.60 18.70 37.19
CA TYR A 434 -19.63 19.62 37.68
C TYR A 434 -20.39 19.02 38.85
N HIS A 435 -20.82 17.76 38.73
CA HIS A 435 -21.54 17.13 39.83
C HIS A 435 -20.62 16.72 40.97
N MET A 436 -19.38 16.33 40.65
CA MET A 436 -18.41 16.03 41.70
C MET A 436 -18.14 17.24 42.57
N ALA A 437 -18.13 18.44 41.97
CA ALA A 437 -17.83 19.65 42.73
C ALA A 437 -18.94 20.00 43.71
N GLY A 438 -20.16 19.48 43.50
CA GLY A 438 -21.22 19.71 44.45
C GLY A 438 -21.87 21.07 44.27
N LYS A 439 -22.71 21.42 45.26
CA LYS A 439 -23.65 22.54 45.13
C LYS A 439 -23.06 23.90 45.48
N ASP A 440 -22.08 23.96 46.37
CA ASP A 440 -21.52 25.24 46.81
C ASP A 440 -20.54 25.76 45.77
N PHE A 441 -20.80 26.95 45.23
CA PHE A 441 -19.86 27.54 44.28
C PHE A 441 -19.75 29.04 44.50
N HIS A 442 -18.54 29.55 44.31
CA HIS A 442 -18.28 30.98 44.25
C HIS A 442 -17.20 31.20 43.21
N VAL A 443 -17.21 32.36 42.57
CA VAL A 443 -16.17 32.65 41.58
C VAL A 443 -14.83 32.70 42.30
N GLY A 444 -13.83 32.02 41.74
CA GLY A 444 -12.56 31.79 42.42
C GLY A 444 -12.41 30.43 43.06
N LYS A 445 -13.48 29.65 43.18
CA LYS A 445 -13.35 28.31 43.76
C LYS A 445 -12.69 27.36 42.77
N TYR A 446 -13.22 27.31 41.55
CA TYR A 446 -12.60 26.62 40.41
C TYR A 446 -13.21 27.20 39.14
N GLU A 447 -12.68 26.77 38.00
CA GLU A 447 -13.26 27.19 36.73
C GLU A 447 -13.05 26.08 35.72
N PHE A 448 -13.77 26.18 34.61
CA PHE A 448 -13.50 25.40 33.42
C PHE A 448 -12.68 26.24 32.43
N GLN A 449 -12.11 25.57 31.44
CA GLN A 449 -11.40 26.24 30.36
C GLN A 449 -11.65 25.52 29.05
N CYS A 450 -11.52 26.27 27.95
CA CYS A 450 -11.73 25.73 26.62
C CYS A 450 -10.83 26.48 25.65
N LEU A 451 -10.74 25.97 24.43
CA LEU A 451 -9.94 26.60 23.39
C LEU A 451 -10.82 27.58 22.61
N HIS A 452 -10.25 28.72 22.26
CA HIS A 452 -10.93 29.69 21.41
C HIS A 452 -11.37 29.05 20.10
N GLY A 453 -12.57 29.39 19.65
CA GLY A 453 -13.07 28.93 18.36
C GLY A 453 -13.30 27.44 18.29
N MET A 454 -13.74 26.84 19.39
CA MET A 454 -13.79 25.39 19.51
C MET A 454 -14.69 25.01 20.67
N GLY A 455 -14.35 25.49 21.87
CA GLY A 455 -15.12 25.19 23.06
C GLY A 455 -16.31 26.08 23.35
N GLU A 456 -16.40 27.25 22.72
CA GLU A 456 -17.54 28.14 22.99
C GLU A 456 -18.87 27.46 22.78
N PRO A 457 -19.12 26.70 21.70
CA PRO A 457 -20.40 25.97 21.60
C PRO A 457 -20.73 25.22 22.87
N LEU A 458 -19.80 24.41 23.38
CA LEU A 458 -20.08 23.64 24.59
C LEU A 458 -20.31 24.56 25.78
N TYR A 459 -19.43 25.53 25.97
CA TYR A 459 -19.48 26.30 27.21
C TYR A 459 -20.53 27.40 27.19
N GLU A 460 -21.08 27.76 26.04
CA GLU A 460 -22.24 28.64 26.09
C GLU A 460 -23.47 27.93 26.64
N GLU A 461 -23.40 26.62 26.79
CA GLU A 461 -24.37 25.84 27.54
C GLU A 461 -23.97 25.69 29.02
N VAL A 462 -22.90 26.35 29.44
CA VAL A 462 -22.35 26.20 30.79
C VAL A 462 -22.33 27.53 31.54
N VAL A 463 -21.79 28.58 30.91
CA VAL A 463 -21.61 29.86 31.58
C VAL A 463 -22.96 30.54 31.75
N GLY A 464 -23.13 31.23 32.86
CA GLY A 464 -24.29 32.07 33.03
C GLY A 464 -25.34 31.45 33.94
N ARG A 465 -26.13 32.32 34.59
CA ARG A 465 -27.15 31.85 35.51
C ARG A 465 -28.21 31.01 34.81
N GLY A 466 -28.39 31.19 33.50
CA GLY A 466 -29.36 30.42 32.75
C GLY A 466 -28.89 29.03 32.37
N LYS A 467 -27.61 28.72 32.57
CA LYS A 467 -27.08 27.40 32.30
C LYS A 467 -26.62 26.74 33.60
N LEU A 468 -25.37 26.28 33.65
CA LEU A 468 -24.82 25.68 34.87
C LEU A 468 -24.23 26.71 35.82
N ASP A 469 -24.07 27.96 35.38
CA ASP A 469 -23.50 29.04 36.17
C ASP A 469 -22.12 28.68 36.68
N ARG A 470 -21.28 28.19 35.78
CA ARG A 470 -19.89 27.94 36.07
C ARG A 470 -19.04 28.69 35.05
N PRO A 471 -17.99 29.38 35.47
CA PRO A 471 -17.22 30.19 34.52
C PRO A 471 -16.30 29.33 33.67
N CYS A 472 -15.90 29.92 32.55
CA CYS A 472 -14.98 29.26 31.63
C CYS A 472 -13.97 30.28 31.16
N ARG A 473 -12.71 29.91 31.20
CA ARG A 473 -11.64 30.73 30.63
C ARG A 473 -11.29 30.24 29.25
N ILE A 474 -11.30 31.15 28.28
CA ILE A 474 -10.98 30.84 26.89
C ILE A 474 -9.47 31.00 26.69
N TYR A 475 -8.83 29.91 26.28
CA TYR A 475 -7.42 29.92 25.88
C TYR A 475 -7.33 30.46 24.45
N ALA A 476 -6.73 31.62 24.30
CA ALA A 476 -6.86 32.45 23.10
C ALA A 476 -5.52 32.58 22.41
N PRO A 477 -5.30 31.84 21.32
CA PRO A 477 -4.04 31.98 20.58
C PRO A 477 -3.99 33.36 19.94
N VAL A 478 -2.79 33.92 19.90
CA VAL A 478 -2.56 35.24 19.33
C VAL A 478 -1.33 35.13 18.44
N GLY A 479 -1.46 35.55 17.19
CA GLY A 479 -0.30 35.50 16.31
C GLY A 479 -0.68 35.70 14.86
N THR A 480 0.36 35.93 14.07
CA THR A 480 0.21 36.09 12.62
C THR A 480 -0.08 34.74 11.95
N HIS A 481 -0.38 34.81 10.65
CA HIS A 481 -0.56 33.60 9.85
C HIS A 481 0.68 32.72 9.90
N GLU A 482 1.88 33.32 9.81
CA GLU A 482 3.11 32.56 9.88
C GLU A 482 3.20 31.78 11.19
N THR A 483 3.03 32.48 12.30
CA THR A 483 3.15 31.86 13.62
C THR A 483 2.09 30.79 13.82
N LEU A 484 0.83 31.11 13.50
CA LEU A 484 -0.27 30.18 13.72
C LEU A 484 -0.03 28.83 13.04
N LEU A 485 0.46 28.86 11.80
CA LEU A 485 0.57 27.64 11.00
C LEU A 485 1.67 26.70 11.48
N ALA A 486 2.60 27.19 12.31
CA ALA A 486 3.76 26.38 12.65
C ALA A 486 3.40 25.16 13.50
N TYR A 487 2.39 25.28 14.38
CA TYR A 487 1.97 24.15 15.21
C TYR A 487 0.48 23.90 15.14
N LEU A 488 -0.20 24.38 14.08
CA LEU A 488 -1.64 24.16 13.98
C LEU A 488 -1.97 22.68 13.86
N VAL A 489 -1.09 21.90 13.24
CA VAL A 489 -1.30 20.45 13.13
C VAL A 489 -1.46 19.83 14.52
N ARG A 490 -0.50 20.11 15.41
CA ARG A 490 -0.60 19.57 16.77
C ARG A 490 -1.91 20.00 17.44
N ARG A 491 -2.34 21.25 17.24
CA ARG A 491 -3.53 21.73 17.92
C ARG A 491 -4.80 21.08 17.39
N LEU A 492 -4.84 20.78 16.08
CA LEU A 492 -6.02 20.13 15.51
C LEU A 492 -6.14 18.68 15.96
N LEU A 493 -5.01 17.97 16.04
CA LEU A 493 -5.03 16.59 16.50
C LEU A 493 -5.49 16.51 17.95
N GLY A 496 -9.19 16.14 16.76
CA GLY A 496 -9.39 15.70 15.39
C GLY A 496 -9.15 14.21 15.14
N ALA A 497 -8.45 13.56 16.07
CA ALA A 497 -8.21 12.13 15.97
C ALA A 497 -9.53 11.36 16.12
N ASN A 498 -9.55 10.13 15.60
CA ASN A 498 -10.76 9.32 15.69
C ASN A 498 -11.26 9.19 17.12
N SER A 499 -10.34 9.16 18.10
CA SER A 499 -10.70 9.02 19.50
C SER A 499 -11.09 10.33 20.16
N SER A 500 -10.88 11.48 19.51
CA SER A 500 -11.15 12.78 20.11
C SER A 500 -12.64 13.02 20.26
N PHE A 501 -13.01 13.78 21.30
CA PHE A 501 -14.41 14.04 21.58
C PHE A 501 -15.06 14.90 20.48
N VAL A 502 -14.38 15.97 20.05
CA VAL A 502 -15.02 16.83 19.07
C VAL A 502 -15.14 16.12 17.73
N HIS A 503 -14.24 15.17 17.45
CA HIS A 503 -14.39 14.33 16.28
C HIS A 503 -15.61 13.42 16.39
N ARG A 504 -15.91 12.96 17.61
CA ARG A 504 -16.99 12.00 17.79
C ARG A 504 -18.33 12.71 17.93
N ILE A 505 -18.39 13.85 18.63
CA ILE A 505 -19.64 14.60 18.70
C ILE A 505 -20.09 14.98 17.30
N ASN A 506 -19.15 15.19 16.38
CA ASN A 506 -19.44 15.51 15.00
C ASN A 506 -19.40 14.29 14.07
N ASP A 507 -19.43 13.08 14.62
CA ASP A 507 -19.47 11.85 13.83
C ASP A 507 -20.85 11.21 13.97
N PRO A 508 -21.62 11.11 12.88
CA PRO A 508 -23.00 10.59 13.00
C PRO A 508 -23.06 9.12 13.39
N LYS A 509 -21.96 8.37 13.27
CA LYS A 509 -21.97 6.97 13.67
C LYS A 509 -21.94 6.78 15.19
N VAL A 510 -21.81 7.85 15.96
CA VAL A 510 -21.65 7.78 17.41
C VAL A 510 -22.91 8.33 18.07
N SER A 511 -23.60 7.49 18.83
CA SER A 511 -24.81 7.89 19.54
C SER A 511 -24.45 8.70 20.78
N ILE A 512 -25.45 9.41 21.31
CA ILE A 512 -25.25 10.10 22.57
C ILE A 512 -24.89 9.10 23.67
N ASP A 513 -25.57 7.96 23.69
CA ASP A 513 -25.30 6.94 24.71
C ASP A 513 -23.82 6.53 24.70
N GLU A 514 -23.22 6.45 23.51
CA GLU A 514 -21.78 6.20 23.44
C GLU A 514 -20.98 7.39 23.99
N LEU A 515 -21.52 8.61 23.90
CA LEU A 515 -20.76 9.79 24.26
C LEU A 515 -20.79 10.08 25.75
N ILE A 516 -21.88 9.72 26.42
CA ILE A 516 -22.01 9.94 27.86
C ILE A 516 -21.60 8.70 28.66
N ALA A 517 -20.94 7.75 28.02
CA ALA A 517 -20.50 6.55 28.72
C ALA A 517 -19.47 6.90 29.79
N ASP A 518 -19.57 6.27 30.95
CA ASP A 518 -18.66 6.52 32.05
C ASP A 518 -17.35 5.77 31.84
N PRO A 519 -16.25 6.48 31.59
CA PRO A 519 -14.98 5.77 31.37
C PRO A 519 -14.47 5.06 32.63
N VAL A 520 -14.84 5.54 33.81
CA VAL A 520 -14.44 4.89 35.05
C VAL A 520 -15.06 3.50 35.14
N GLU A 521 -16.36 3.40 34.88
CA GLU A 521 -17.00 2.09 34.97
C GLU A 521 -16.58 1.17 33.83
N VAL A 522 -16.33 1.72 32.65
CA VAL A 522 -15.82 0.88 31.55
C VAL A 522 -14.46 0.31 31.90
N VAL A 523 -13.57 1.12 32.46
CA VAL A 523 -12.25 0.62 32.84
C VAL A 523 -12.36 -0.36 34.01
N ARG A 524 -13.19 -0.05 35.00
CA ARG A 524 -13.30 -0.92 36.17
C ARG A 524 -13.70 -2.34 35.78
N ALA A 525 -14.51 -2.50 34.74
CA ALA A 525 -15.06 -3.79 34.34
C ALA A 525 -14.26 -4.49 33.26
N MET A 526 -13.15 -3.91 32.81
CA MET A 526 -12.33 -4.59 31.81
C MET A 526 -11.63 -5.79 32.47
N PRO A 527 -11.27 -6.81 31.68
CA PRO A 527 -10.69 -8.02 32.28
C PRO A 527 -9.43 -7.75 33.07
N VAL A 528 -8.49 -7.02 32.48
CA VAL A 528 -7.28 -6.59 33.15
C VAL A 528 -7.33 -5.06 33.20
N VAL A 529 -7.55 -4.52 34.40
CA VAL A 529 -7.65 -3.06 34.54
C VAL A 529 -6.33 -2.43 34.14
N GLY A 530 -6.39 -1.47 33.23
CA GLY A 530 -5.20 -0.73 32.86
C GLY A 530 -4.25 -1.44 31.91
N ALA A 531 -4.68 -2.48 31.22
CA ALA A 531 -3.82 -3.12 30.23
C ALA A 531 -3.40 -2.14 29.14
N LYS A 532 -2.13 -2.21 28.74
CA LYS A 532 -1.61 -1.45 27.61
C LYS A 532 -2.45 -1.69 26.35
N HIS A 533 -2.47 -0.70 25.46
CA HIS A 533 -3.11 -0.83 24.17
C HIS A 533 -2.47 -1.97 23.37
N ASP A 534 -3.31 -2.84 22.79
CA ASP A 534 -2.80 -4.03 22.11
C ASP A 534 -1.96 -3.70 20.88
N ARG A 535 -2.18 -2.54 20.26
CA ARG A 535 -1.54 -2.19 19.00
C ARG A 535 -0.38 -1.23 19.18
N ILE A 536 0.09 -1.00 20.40
CA ILE A 536 1.28 -0.21 20.64
C ILE A 536 2.33 -1.11 21.28
N ALA A 537 3.50 -1.19 20.66
CA ALA A 537 4.55 -2.05 21.19
C ALA A 537 5.34 -1.32 22.27
N LEU A 538 5.63 -2.02 23.36
CA LEU A 538 6.61 -1.50 24.29
C LEU A 538 7.96 -1.41 23.58
N PRO A 539 8.84 -0.50 24.00
CA PRO A 539 10.13 -0.39 23.31
C PRO A 539 10.90 -1.70 23.23
N ALA A 540 10.85 -2.53 24.27
CA ALA A 540 11.55 -3.82 24.24
C ALA A 540 10.98 -4.76 23.18
N GLU A 541 9.71 -4.58 22.83
CA GLU A 541 9.02 -5.49 21.93
C GLU A 541 8.89 -4.93 20.53
N LEU A 542 9.73 -3.96 20.16
CA LEU A 542 9.61 -3.31 18.85
C LEU A 542 9.73 -4.32 17.72
N PHE A 543 10.53 -5.36 17.88
CA PHE A 543 10.77 -6.32 16.81
C PHE A 543 10.01 -7.63 17.03
N GLY A 544 9.12 -7.69 18.01
CA GLY A 544 8.27 -8.86 18.16
C GLY A 544 9.07 -10.11 18.47
N ASP A 545 8.75 -11.20 17.77
CA ASP A 545 9.41 -12.48 18.04
C ASP A 545 10.81 -12.58 17.49
N ALA A 546 11.25 -11.65 16.63
CA ALA A 546 12.53 -11.80 15.97
C ALA A 546 13.69 -11.68 16.95
N ARG A 547 13.64 -10.67 17.81
CA ARG A 547 14.72 -10.45 18.77
C ARG A 547 14.27 -9.39 19.75
N THR A 548 14.97 -9.33 20.87
CA THR A 548 14.67 -8.36 21.91
C THR A 548 15.41 -7.07 21.63
N ASN A 549 14.67 -5.97 21.58
CA ASN A 549 15.33 -4.68 21.39
C ASN A 549 16.25 -4.40 22.56
N SER A 550 17.34 -3.69 22.31
CA SER A 550 18.19 -3.26 23.41
C SER A 550 17.50 -2.16 24.20
N ALA A 551 17.81 -2.08 25.49
CA ALA A 551 17.24 -1.08 26.38
C ALA A 551 18.21 0.07 26.58
N GLY A 552 17.68 1.28 26.57
CA GLY A 552 18.47 2.45 26.85
C GLY A 552 18.39 2.88 28.31
N LEU A 553 18.70 4.14 28.54
CA LEU A 553 18.64 4.73 29.86
C LEU A 553 18.07 6.14 29.73
N ASP A 554 17.24 6.54 30.69
CA ASP A 554 16.57 7.84 30.61
C ASP A 554 17.43 8.87 31.36
N LEU A 555 18.10 9.75 30.63
CA LEU A 555 18.96 10.73 31.29
C LEU A 555 18.17 11.94 31.79
N SER A 556 16.84 11.90 31.75
CA SER A 556 16.00 12.88 32.41
C SER A 556 15.42 12.36 33.72
N ASN A 557 15.75 11.13 34.10
CA ASN A 557 15.23 10.50 35.30
C ASN A 557 16.25 10.65 36.43
N GLU A 558 15.85 11.31 37.52
CA GLU A 558 16.81 11.60 38.58
C GLU A 558 17.38 10.33 39.19
N GLU A 559 16.56 9.29 39.35
CA GLU A 559 17.10 8.04 39.91
C GLU A 559 18.13 7.42 38.96
N THR A 560 17.87 7.50 37.67
CA THR A 560 18.84 7.00 36.71
C THR A 560 20.12 7.82 36.77
N LEU A 561 20.00 9.15 36.83
CA LEU A 561 21.20 9.99 36.92
C LEU A 561 21.99 9.68 38.20
N ALA A 562 21.29 9.43 39.31
CA ALA A 562 22.00 9.19 40.57
C ALA A 562 22.73 7.85 40.53
N SER A 563 22.07 6.82 40.01
CA SER A 563 22.69 5.51 39.89
CA SER A 563 22.71 5.51 39.91
C SER A 563 23.82 5.52 38.86
N LEU A 564 23.61 6.21 37.74
CA LEU A 564 24.66 6.28 36.72
C LEU A 564 25.87 7.03 37.26
N THR A 565 25.64 8.10 38.02
CA THR A 565 26.75 8.83 38.63
C THR A 565 27.67 7.89 39.41
N GLU A 566 27.09 7.02 40.24
CA GLU A 566 27.91 6.10 41.03
C GLU A 566 28.62 5.09 40.14
N ALA A 567 27.93 4.52 39.16
CA ALA A 567 28.56 3.53 38.31
C ALA A 567 29.72 4.14 37.52
N LEU A 568 29.53 5.36 37.00
CA LEU A 568 30.59 5.99 36.22
C LEU A 568 31.81 6.28 37.08
N ARG A 569 31.60 6.77 38.31
CA ARG A 569 32.72 6.97 39.23
C ARG A 569 33.43 5.64 39.51
N GLU A 570 32.67 4.57 39.73
CA GLU A 570 33.30 3.29 40.01
C GLU A 570 34.04 2.74 38.79
N SER A 571 33.57 3.06 37.59
CA SER A 571 34.27 2.62 36.38
C SER A 571 35.63 3.29 36.26
N ALA A 572 35.76 4.55 36.70
CA ALA A 572 37.03 5.24 36.58
C ALA A 572 38.03 4.83 37.66
N ALA A 573 37.62 3.99 38.61
CA ALA A 573 38.50 3.43 39.62
C ALA A 573 39.02 2.05 39.24
N MET A 574 38.68 1.55 38.07
CA MET A 574 39.10 0.23 37.64
C MET A 574 40.38 0.34 36.83
N LYS A 575 41.29 -0.62 37.01
CA LYS A 575 42.54 -0.66 36.28
C LYS A 575 42.33 -1.43 34.98
N TRP A 576 41.72 -0.74 34.01
CA TRP A 576 41.47 -1.34 32.70
C TRP A 576 42.78 -1.67 32.01
N THR A 577 42.83 -2.84 31.36
CA THR A 577 43.97 -3.20 30.52
C THR A 577 43.50 -3.87 29.23
N ALA A 578 44.42 -3.95 28.28
CA ALA A 578 44.23 -4.65 27.02
C ALA A 578 45.54 -5.32 26.70
N LEU A 579 45.48 -6.63 26.43
CA LEU A 579 46.67 -7.45 26.23
C LEU A 579 46.50 -8.24 24.94
N PRO A 580 47.61 -8.68 24.33
CA PRO A 580 47.51 -9.63 23.23
C PRO A 580 47.00 -10.96 23.78
N GLN A 581 45.72 -11.23 23.58
CA GLN A 581 45.07 -12.40 24.15
C GLN A 581 45.10 -13.49 23.09
N LEU A 582 46.17 -14.27 23.07
CA LEU A 582 46.30 -15.34 22.09
C LEU A 582 45.53 -16.57 22.54
N ALA A 583 45.40 -17.54 21.62
CA ALA A 583 44.72 -18.78 21.94
C ALA A 583 45.36 -19.46 23.15
N THR A 584 46.68 -19.35 23.27
CA THR A 584 47.44 -20.01 24.32
C THR A 584 47.40 -19.25 25.65
N GLY A 585 47.05 -17.97 25.63
CA GLY A 585 46.99 -17.15 26.82
C GLY A 585 47.46 -15.73 26.54
N PRO A 586 47.43 -14.87 27.55
CA PRO A 586 47.98 -13.52 27.36
C PRO A 586 49.45 -13.57 26.97
N ALA A 587 49.87 -12.59 26.17
CA ALA A 587 51.24 -12.51 25.69
C ALA A 587 51.88 -11.21 26.16
N ALA A 588 53.22 -11.22 26.25
CA ALA A 588 53.96 -10.05 26.68
C ALA A 588 54.24 -9.13 25.48
N GLY A 589 54.62 -7.90 25.79
CA GLY A 589 54.92 -6.94 24.74
C GLY A 589 55.14 -5.56 25.31
N GLU A 590 55.25 -4.59 24.40
CA GLU A 590 55.45 -3.20 24.77
C GLU A 590 54.16 -2.63 25.35
N THR A 591 54.25 -2.13 26.59
CA THR A 591 53.11 -1.65 27.35
C THR A 591 53.17 -0.13 27.48
N ARG A 592 52.05 0.54 27.20
CA ARG A 592 51.97 1.97 27.39
C ARG A 592 50.57 2.32 27.91
N THR A 593 50.42 3.53 28.42
CA THR A 593 49.15 3.93 28.99
C THR A 593 48.18 4.41 27.90
N VAL A 594 46.90 4.44 28.26
CA VAL A 594 45.85 4.95 27.40
C VAL A 594 45.29 6.19 28.07
N LEU A 595 45.21 7.30 27.34
CA LEU A 595 44.87 8.59 27.90
C LEU A 595 43.48 9.03 27.44
N ASN A 596 42.81 9.80 28.29
CA ASN A 596 41.51 10.38 27.98
C ASN A 596 41.69 11.51 26.99
N PRO A 597 41.03 11.49 25.82
CA PRO A 597 41.27 12.55 24.82
C PRO A 597 40.80 13.91 25.27
N GLY A 598 39.93 13.99 26.28
CA GLY A 598 39.48 15.25 26.82
C GLY A 598 40.37 15.83 27.90
N ASP A 599 41.32 15.04 28.38
CA ASP A 599 42.20 15.44 29.47
C ASP A 599 43.31 14.42 29.58
N HIS A 600 44.46 14.72 28.98
CA HIS A 600 45.56 13.77 28.94
C HIS A 600 46.14 13.45 30.31
N ARG A 601 45.80 14.23 31.34
CA ARG A 601 46.19 13.89 32.71
C ARG A 601 45.43 12.68 33.25
N ASP A 602 44.27 12.37 32.70
CA ASP A 602 43.43 11.26 33.16
C ASP A 602 43.87 10.00 32.43
N VAL A 603 44.61 9.14 33.14
CA VAL A 603 45.03 7.86 32.57
C VAL A 603 43.88 6.87 32.73
N VAL A 604 43.44 6.30 31.63
CA VAL A 604 42.30 5.39 31.65
C VAL A 604 42.73 3.95 31.89
N GLY A 605 43.91 3.57 31.39
CA GLY A 605 44.35 2.20 31.54
C GLY A 605 45.65 1.98 30.79
N SER A 606 45.97 0.70 30.57
CA SER A 606 47.23 0.31 29.97
C SER A 606 47.02 -0.73 28.89
N VAL A 607 47.73 -0.59 27.78
CA VAL A 607 47.63 -1.52 26.67
C VAL A 607 49.00 -2.14 26.43
N THR A 608 49.02 -3.46 26.26
CA THR A 608 50.22 -4.20 25.85
C THR A 608 50.04 -4.56 24.38
N GLU A 609 50.93 -4.06 23.54
CA GLU A 609 50.71 -4.15 22.11
C GLU A 609 51.36 -5.43 21.56
N THR A 610 50.79 -5.94 20.49
CA THR A 610 51.17 -7.23 19.93
C THR A 610 52.41 -7.10 19.06
N SER A 611 53.33 -8.05 19.19
CA SER A 611 54.46 -8.11 18.27
C SER A 611 54.02 -8.70 16.93
N GLU A 612 54.77 -8.36 15.88
CA GLU A 612 54.46 -8.90 14.55
C GLU A 612 54.58 -10.42 14.55
N GLU A 613 55.52 -10.96 15.32
CA GLU A 613 55.64 -12.42 15.40
C GLU A 613 54.40 -13.04 16.05
N ASP A 614 53.90 -12.43 17.14
CA ASP A 614 52.73 -12.99 17.80
C ASP A 614 51.47 -12.84 16.97
N ALA A 615 51.34 -11.77 16.19
CA ALA A 615 50.21 -11.66 15.28
C ALA A 615 50.25 -12.79 14.25
N ARG A 616 51.43 -13.13 13.75
CA ARG A 616 51.52 -14.25 12.82
C ARG A 616 51.23 -15.56 13.52
N ARG A 617 51.74 -15.74 14.76
CA ARG A 617 51.40 -16.93 15.54
C ARG A 617 49.90 -17.02 15.77
N ALA A 618 49.25 -15.89 16.05
CA ALA A 618 47.82 -15.88 16.30
C ALA A 618 47.02 -16.40 15.10
N VAL A 619 47.39 -15.99 13.88
CA VAL A 619 46.66 -16.49 12.71
C VAL A 619 46.81 -18.00 12.61
N ARG A 620 48.02 -18.51 12.84
CA ARG A 620 48.23 -19.96 12.75
C ARG A 620 47.43 -20.70 13.82
N LEU A 621 47.34 -20.12 15.02
CA LEU A 621 46.50 -20.73 16.07
C LEU A 621 45.04 -20.72 15.67
N ALA A 622 44.56 -19.59 15.13
CA ALA A 622 43.20 -19.53 14.60
C ALA A 622 42.99 -20.57 13.50
N ALA A 623 43.95 -20.70 12.59
CA ALA A 623 43.83 -21.70 11.54
C ALA A 623 43.71 -23.10 12.13
N ASP A 624 44.52 -23.42 13.14
CA ASP A 624 44.50 -24.75 13.74
C ASP A 624 43.19 -25.05 14.46
N ALA A 625 42.52 -24.03 15.01
CA ALA A 625 41.30 -24.22 15.76
C ALA A 625 40.05 -24.04 14.93
N ALA A 626 40.16 -23.58 13.69
CA ALA A 626 38.98 -23.32 12.87
C ALA A 626 38.03 -24.51 12.77
N PRO A 627 38.46 -25.75 12.51
CA PRO A 627 37.49 -26.85 12.44
C PRO A 627 36.66 -27.00 13.72
N ASP A 628 37.29 -26.85 14.88
CA ASP A 628 36.56 -27.02 16.13
C ASP A 628 35.45 -26.00 16.29
N TRP A 629 35.73 -24.74 15.97
CA TRP A 629 34.71 -23.71 16.13
C TRP A 629 33.64 -23.83 15.04
N ALA A 630 34.05 -24.17 13.82
CA ALA A 630 33.08 -24.40 12.77
C ALA A 630 32.16 -25.57 13.08
N ALA A 631 32.58 -26.48 13.96
CA ALA A 631 31.78 -27.65 14.31
C ALA A 631 30.71 -27.34 15.36
N VAL A 632 30.84 -26.25 16.09
CA VAL A 632 29.78 -25.81 16.99
C VAL A 632 28.57 -25.45 16.14
N PRO A 633 27.41 -26.07 16.36
CA PRO A 633 26.23 -25.81 15.53
C PRO A 633 25.88 -24.34 15.50
N PRO A 634 25.41 -23.83 14.34
CA PRO A 634 25.08 -22.39 14.26
C PRO A 634 24.18 -21.91 15.38
N SER A 635 23.22 -22.74 15.80
CA SER A 635 22.32 -22.34 16.88
C SER A 635 23.09 -22.07 18.17
N GLU A 636 24.11 -22.88 18.46
CA GLU A 636 24.87 -22.69 19.69
C GLU A 636 25.82 -21.50 19.59
N ARG A 637 26.39 -21.28 18.39
CA ARG A 637 27.16 -20.05 18.16
C ARG A 637 26.28 -18.82 18.36
N ALA A 638 25.03 -18.87 17.89
CA ALA A 638 24.10 -17.76 18.07
C ALA A 638 23.74 -17.59 19.55
N ALA A 639 23.61 -18.69 20.28
CA ALA A 639 23.37 -18.62 21.72
C ALA A 639 24.51 -17.87 22.43
N CYS A 640 25.76 -18.06 21.97
CA CYS A 640 26.88 -17.31 22.52
C CYS A 640 26.66 -15.81 22.33
N LEU A 641 26.23 -15.42 21.14
CA LEU A 641 26.01 -14.01 20.87
C LEU A 641 24.89 -13.46 21.74
N ASP A 642 23.80 -14.22 21.89
CA ASP A 642 22.71 -13.75 22.74
C ASP A 642 23.16 -13.62 24.19
N ARG A 643 24.00 -14.56 24.65
CA ARG A 643 24.51 -14.44 26.02
C ARG A 643 25.39 -13.21 26.17
N ALA A 644 26.20 -12.91 25.15
CA ALA A 644 27.04 -11.71 25.20
C ALA A 644 26.17 -10.45 25.23
N ALA A 645 25.08 -10.43 24.46
CA ALA A 645 24.21 -9.26 24.50
C ALA A 645 23.64 -9.03 25.90
N GLU A 646 23.21 -10.11 26.57
CA GLU A 646 22.70 -9.99 27.92
C GLU A 646 23.77 -9.42 28.86
N LEU A 647 25.02 -9.86 28.70
CA LEU A 647 26.11 -9.38 29.55
C LEU A 647 26.38 -7.91 29.32
N MET A 648 26.38 -7.48 28.06
CA MET A 648 26.62 -6.08 27.77
C MET A 648 25.49 -5.22 28.29
N GLN A 649 24.24 -5.71 28.21
CA GLN A 649 23.11 -4.96 28.73
C GLN A 649 23.24 -4.75 30.25
N ALA A 650 23.60 -5.80 30.97
CA ALA A 650 23.74 -5.69 32.42
C ALA A 650 24.93 -4.81 32.79
N ARG A 651 25.95 -4.79 31.94
CA ARG A 651 27.17 -4.06 32.22
C ARG A 651 27.20 -2.67 31.58
N MET A 652 26.09 -2.23 30.97
CA MET A 652 26.08 -0.97 30.24
C MET A 652 26.62 0.20 31.06
N PRO A 653 26.19 0.41 32.32
CA PRO A 653 26.73 1.57 33.05
C PRO A 653 28.25 1.57 33.12
N THR A 654 28.88 0.43 33.38
CA THR A 654 30.33 0.39 33.44
C THR A 654 30.94 0.59 32.05
N LEU A 655 30.35 -0.03 31.02
CA LEU A 655 30.84 0.20 29.66
C LEU A 655 30.75 1.66 29.28
N LEU A 656 29.68 2.35 29.72
CA LEU A 656 29.53 3.78 29.41
C LEU A 656 30.74 4.56 29.88
N GLY A 657 31.12 4.37 31.15
CA GLY A 657 32.22 5.13 31.71
C GLY A 657 33.52 4.89 30.99
N LEU A 658 33.77 3.65 30.59
CA LEU A 658 34.97 3.37 29.82
C LEU A 658 34.93 4.06 28.46
N ILE A 659 33.80 3.98 27.75
CA ILE A 659 33.71 4.60 26.44
C ILE A 659 33.84 6.11 26.55
N ILE A 660 33.22 6.70 27.57
CA ILE A 660 33.31 8.14 27.78
C ILE A 660 34.77 8.56 27.93
N ARG A 661 35.53 7.87 28.78
CA ARG A 661 36.88 8.33 29.07
C ARG A 661 37.88 7.91 28.02
N GLU A 662 37.71 6.73 27.39
CA GLU A 662 38.72 6.29 26.45
C GLU A 662 38.50 6.90 25.07
N ALA A 663 37.25 6.99 24.60
CA ALA A 663 36.97 7.44 23.25
C ALA A 663 36.49 8.88 23.20
N GLY A 664 36.33 9.53 24.36
CA GLY A 664 35.91 10.93 24.39
C GLY A 664 34.45 11.18 24.07
N LYS A 665 33.60 10.18 24.27
CA LYS A 665 32.19 10.27 23.91
C LYS A 665 31.37 10.84 25.05
N SER A 666 30.26 11.48 24.69
CA SER A 666 29.27 11.85 25.69
C SER A 666 28.52 10.61 26.17
N ALA A 667 27.91 10.72 27.35
CA ALA A 667 27.14 9.62 27.92
C ALA A 667 25.97 9.24 27.01
N LEU A 668 25.29 10.24 26.45
CA LEU A 668 24.23 9.97 25.48
C LEU A 668 24.73 9.10 24.34
N ASN A 669 25.85 9.49 23.72
CA ASN A 669 26.37 8.72 22.60
C ASN A 669 26.93 7.38 23.04
N ALA A 670 27.43 7.28 24.27
CA ALA A 670 27.93 6.00 24.76
C ALA A 670 26.79 4.99 24.94
N ILE A 671 25.66 5.45 25.49
CA ILE A 671 24.49 4.57 25.62
C ILE A 671 24.08 4.03 24.24
N ALA A 672 24.01 4.92 23.25
CA ALA A 672 23.61 4.47 21.92
C ALA A 672 24.63 3.48 21.37
N GLU A 673 25.91 3.69 21.67
CA GLU A 673 26.92 2.76 21.18
C GLU A 673 26.80 1.39 21.84
N VAL A 674 26.51 1.33 23.14
CA VAL A 674 26.34 0.03 23.77
C VAL A 674 25.07 -0.64 23.27
N ARG A 675 24.02 0.15 23.04
CA ARG A 675 22.81 -0.40 22.45
C ARG A 675 23.10 -1.00 21.08
N GLU A 676 23.87 -0.31 20.25
CA GLU A 676 24.22 -0.79 18.92
C GLU A 676 24.97 -2.12 19.02
N ALA A 677 25.89 -2.22 19.98
CA ALA A 677 26.64 -3.46 20.10
C ALA A 677 25.72 -4.60 20.51
N ILE A 678 24.83 -4.36 21.47
CA ILE A 678 23.84 -5.36 21.84
C ILE A 678 22.97 -5.73 20.65
N ASP A 679 22.54 -4.73 19.87
CA ASP A 679 21.67 -5.00 18.73
C ASP A 679 22.39 -5.83 17.66
N PHE A 680 23.65 -5.49 17.36
CA PHE A 680 24.43 -6.32 16.43
C PHE A 680 24.46 -7.78 16.89
N LEU A 681 24.76 -8.00 18.16
CA LEU A 681 24.86 -9.36 18.68
C LEU A 681 23.54 -10.10 18.50
N ARG A 682 22.43 -9.44 18.85
CA ARG A 682 21.14 -10.13 18.74
C ARG A 682 20.68 -10.24 17.31
N TYR A 683 20.97 -9.24 16.48
CA TYR A 683 20.59 -9.31 15.07
C TYR A 683 21.31 -10.44 14.35
N TYR A 684 22.64 -10.54 14.50
CA TYR A 684 23.36 -11.59 13.77
C TYR A 684 23.03 -12.97 14.31
N ALA A 685 22.68 -13.07 15.60
CA ALA A 685 22.21 -14.34 16.14
C ALA A 685 20.91 -14.78 15.46
N GLU A 686 19.95 -13.86 15.38
CA GLU A 686 18.68 -14.21 14.74
C GLU A 686 18.88 -14.54 13.26
N GLN A 687 19.69 -13.74 12.55
CA GLN A 687 19.93 -14.03 11.14
C GLN A 687 20.60 -15.38 10.97
N THR A 688 21.46 -15.77 11.91
CA THR A 688 22.05 -17.10 11.88
C THR A 688 20.99 -18.19 12.06
N ARG A 689 20.10 -18.01 13.04
CA ARG A 689 19.05 -19.00 13.26
C ARG A 689 18.12 -19.09 12.05
N ARG A 690 18.00 -18.01 11.28
CA ARG A 690 17.17 -18.01 10.10
C ARG A 690 17.82 -18.69 8.90
N THR A 691 19.16 -18.78 8.85
CA THR A 691 19.80 -19.09 7.57
C THR A 691 20.80 -20.24 7.58
N LEU A 692 21.71 -20.27 8.54
CA LEU A 692 22.95 -21.03 8.36
C LEU A 692 22.74 -22.52 8.59
N GLY A 693 23.22 -23.32 7.64
CA GLY A 693 23.20 -24.76 7.74
C GLY A 693 24.55 -25.36 7.42
N PRO A 694 24.60 -26.69 7.28
CA PRO A 694 25.89 -27.36 7.08
C PRO A 694 26.55 -27.02 5.76
N GLY A 695 25.79 -26.72 4.71
CA GLY A 695 26.39 -26.36 3.45
C GLY A 695 26.99 -24.97 3.37
N HIS A 696 26.88 -24.16 4.42
CA HIS A 696 27.44 -22.81 4.39
C HIS A 696 28.72 -22.79 5.22
N GLY A 697 29.75 -23.42 4.68
CA GLY A 697 31.00 -23.57 5.37
C GLY A 697 31.66 -22.24 5.65
N PRO A 698 32.38 -22.15 6.76
CA PRO A 698 33.09 -20.91 7.08
C PRO A 698 34.21 -20.64 6.08
N LEU A 699 34.59 -19.36 5.99
CA LEU A 699 35.75 -18.96 5.21
C LEU A 699 37.04 -19.45 5.84
N GLY A 700 37.15 -19.34 7.16
CA GLY A 700 38.41 -19.57 7.85
C GLY A 700 38.72 -18.39 8.75
N PRO A 701 39.96 -18.26 9.21
CA PRO A 701 40.33 -17.14 10.06
C PRO A 701 40.02 -15.81 9.37
N ILE A 702 39.32 -14.94 10.09
CA ILE A 702 38.93 -13.62 9.58
C ILE A 702 39.60 -12.56 10.44
N VAL A 703 40.25 -11.60 9.79
CA VAL A 703 40.88 -10.49 10.50
C VAL A 703 39.85 -9.37 10.56
N CYS A 704 39.55 -8.91 11.76
CA CYS A 704 38.59 -7.81 11.97
C CYS A 704 39.36 -6.60 12.45
N ILE A 705 39.34 -5.53 11.65
CA ILE A 705 40.06 -4.31 11.96
C ILE A 705 39.02 -3.23 12.16
N SER A 706 38.97 -2.68 13.37
CA SER A 706 37.88 -1.78 13.74
C SER A 706 38.41 -0.40 14.04
N PRO A 707 37.56 0.63 13.97
CA PRO A 707 38.00 2.01 14.13
C PRO A 707 37.86 2.51 15.56
N TRP A 708 38.41 3.71 15.81
CA TRP A 708 38.35 4.33 17.12
C TRP A 708 37.04 5.07 17.39
N ASN A 709 36.25 5.38 16.36
CA ASN A 709 35.10 6.25 16.56
C ASN A 709 33.86 5.49 17.02
N PHE A 710 33.78 4.18 16.77
CA PHE A 710 32.79 3.31 17.41
C PHE A 710 33.53 2.10 17.95
N PRO A 711 34.29 2.30 19.03
CA PRO A 711 35.26 1.29 19.46
C PRO A 711 34.63 0.10 20.13
N LEU A 712 33.35 0.13 20.43
CA LEU A 712 32.66 -1.05 20.93
C LEU A 712 31.68 -1.61 19.90
N ALA A 713 30.94 -0.75 19.21
CA ALA A 713 29.83 -1.24 18.39
C ALA A 713 30.32 -1.83 17.07
N ILE A 714 31.13 -1.10 16.31
CA ILE A 714 31.63 -1.65 15.05
C ILE A 714 32.59 -2.80 15.34
N PHE A 715 33.41 -2.65 16.38
CA PHE A 715 34.25 -3.74 16.86
C PHE A 715 33.44 -5.01 17.10
N THR A 716 32.38 -4.88 17.92
CA THR A 716 31.52 -6.00 18.24
C THR A 716 30.81 -6.55 17.00
N GLY A 717 30.24 -5.66 16.17
CA GLY A 717 29.46 -6.13 15.03
C GLY A 717 30.29 -6.96 14.06
N GLN A 718 31.48 -6.48 13.70
CA GLN A 718 32.31 -7.23 12.76
C GLN A 718 32.68 -8.59 13.36
N ILE A 719 33.08 -8.59 14.63
CA ILE A 719 33.54 -9.83 15.25
C ILE A 719 32.37 -10.80 15.44
N ALA A 720 31.22 -10.28 15.86
CA ALA A 720 30.06 -11.15 16.10
C ALA A 720 29.61 -11.84 14.81
N ALA A 721 29.58 -11.11 13.71
CA ALA A 721 29.15 -11.70 12.44
C ALA A 721 30.10 -12.80 12.00
N ALA A 722 31.41 -12.51 12.05
CA ALA A 722 32.39 -13.49 11.63
C ALA A 722 32.30 -14.74 12.49
N LEU A 723 32.19 -14.57 13.81
CA LEU A 723 32.14 -15.69 14.73
C LEU A 723 30.88 -16.52 14.53
N VAL A 724 29.73 -15.86 14.40
CA VAL A 724 28.50 -16.64 14.35
C VAL A 724 28.42 -17.38 13.02
N ALA A 725 29.07 -16.86 11.97
CA ALA A 725 29.18 -17.57 10.69
C ALA A 725 30.17 -18.74 10.73
N GLY A 726 30.78 -19.03 11.88
CA GLY A 726 31.67 -20.17 12.00
C GLY A 726 33.15 -19.89 11.81
N ASN A 727 33.54 -18.64 11.73
CA ASN A 727 34.94 -18.30 11.51
C ASN A 727 35.62 -17.94 12.81
N PRO A 728 36.83 -18.42 13.04
CA PRO A 728 37.65 -17.85 14.12
C PRO A 728 38.10 -16.45 13.73
N VAL A 729 38.29 -15.61 14.73
CA VAL A 729 38.49 -14.18 14.54
C VAL A 729 39.79 -13.73 15.19
N LEU A 730 40.54 -12.90 14.46
CA LEU A 730 41.65 -12.14 15.01
C LEU A 730 41.19 -10.69 15.05
N ALA A 731 41.08 -10.13 16.25
CA ALA A 731 40.49 -8.80 16.45
C ALA A 731 41.60 -7.78 16.65
N LYS A 732 41.74 -6.87 15.68
CA LYS A 732 42.76 -5.82 15.77
C LYS A 732 42.02 -4.50 16.04
N PRO A 733 41.94 -4.06 17.29
CA PRO A 733 41.23 -2.80 17.58
C PRO A 733 42.10 -1.60 17.22
N ALA A 734 41.42 -0.47 17.03
CA ALA A 734 42.16 0.76 16.78
C ALA A 734 43.17 1.01 17.90
N GLU A 735 44.31 1.58 17.51
CA GLU A 735 45.38 1.84 18.47
C GLU A 735 44.92 2.80 19.58
N GLU A 736 43.97 3.67 19.28
CA GLU A 736 43.53 4.65 20.25
C GLU A 736 42.57 4.10 21.31
N THR A 737 41.90 2.99 21.04
CA THR A 737 40.80 2.52 21.91
C THR A 737 40.85 1.03 22.15
N PRO A 738 41.98 0.49 22.65
CA PRO A 738 42.06 -0.95 22.90
C PRO A 738 41.32 -1.41 24.14
N LEU A 739 41.05 -0.51 25.10
CA LEU A 739 40.51 -0.94 26.39
C LEU A 739 39.09 -1.47 26.25
N ILE A 740 38.21 -0.71 25.60
CA ILE A 740 36.85 -1.19 25.42
C ILE A 740 36.84 -2.44 24.53
N ALA A 741 37.82 -2.55 23.64
CA ALA A 741 37.91 -3.76 22.81
C ALA A 741 38.21 -4.96 23.69
N ALA A 742 39.18 -4.81 24.60
CA ALA A 742 39.56 -5.91 25.48
C ALA A 742 38.39 -6.33 26.33
N GLU A 743 37.63 -5.37 26.85
CA GLU A 743 36.44 -5.67 27.64
C GLU A 743 35.38 -6.38 26.79
N GLY A 744 35.24 -5.96 25.53
CA GLY A 744 34.33 -6.66 24.63
C GLY A 744 34.70 -8.12 24.44
N VAL A 745 35.99 -8.39 24.20
CA VAL A 745 36.44 -9.77 24.05
C VAL A 745 36.22 -10.54 25.35
N ARG A 746 36.46 -9.90 26.50
CA ARG A 746 36.23 -10.57 27.77
C ARG A 746 34.79 -11.05 27.88
N ILE A 747 33.85 -10.19 27.50
CA ILE A 747 32.43 -10.52 27.56
C ILE A 747 32.07 -11.62 26.57
N LEU A 748 32.59 -11.53 25.34
CA LEU A 748 32.34 -12.60 24.37
C LEU A 748 32.89 -13.94 24.85
N ARG A 749 34.11 -13.94 25.41
CA ARG A 749 34.66 -15.19 25.92
C ARG A 749 33.85 -15.71 27.10
N GLU A 750 33.44 -14.82 28.01
CA GLU A 750 32.56 -15.24 29.10
C GLU A 750 31.27 -15.83 28.57
N ALA A 751 30.76 -15.31 27.46
CA ALA A 751 29.53 -15.81 26.88
C ALA A 751 29.71 -17.16 26.21
N GLY A 752 30.95 -17.63 26.09
CA GLY A 752 31.20 -18.97 25.60
C GLY A 752 32.07 -19.05 24.36
N ILE A 753 32.44 -17.94 23.74
CA ILE A 753 33.34 -17.98 22.59
C ILE A 753 34.69 -18.49 23.08
N PRO A 754 35.17 -19.64 22.59
CA PRO A 754 36.46 -20.16 23.06
C PRO A 754 37.60 -19.20 22.70
N ALA A 755 38.65 -19.23 23.54
CA ALA A 755 39.80 -18.36 23.34
C ALA A 755 40.45 -18.58 21.98
N SER A 756 40.41 -19.81 21.46
CA SER A 756 40.99 -20.06 20.15
C SER A 756 40.14 -19.48 19.02
N ALA A 757 38.85 -19.23 19.28
CA ALA A 757 37.97 -18.64 18.29
C ALA A 757 38.02 -17.12 18.26
N LEU A 758 38.58 -16.48 19.29
CA LEU A 758 38.55 -15.02 19.37
C LEU A 758 39.81 -14.55 20.09
N GLN A 759 40.76 -14.03 19.31
CA GLN A 759 42.03 -13.54 19.82
C GLN A 759 42.09 -12.01 19.65
N LEU A 760 42.53 -11.33 20.71
CA LEU A 760 42.66 -9.88 20.68
C LEU A 760 44.12 -9.53 20.43
N LEU A 761 44.37 -8.66 19.46
CA LEU A 761 45.72 -8.27 19.08
C LEU A 761 45.80 -6.75 19.02
N PRO A 762 45.99 -6.09 20.16
CA PRO A 762 46.15 -4.62 20.15
C PRO A 762 47.44 -4.20 19.45
N GLY A 763 47.43 -3.00 18.89
CA GLY A 763 48.60 -2.48 18.22
C GLY A 763 48.22 -1.57 17.07
N ASP A 764 49.26 -1.14 16.34
CA ASP A 764 49.11 -0.16 15.27
C ASP A 764 48.90 -0.89 13.93
N GLY A 765 49.21 -0.21 12.83
CA GLY A 765 49.01 -0.80 11.52
C GLY A 765 49.96 -1.93 11.19
N ARG A 766 51.10 -2.01 11.89
CA ARG A 766 51.99 -3.14 11.72
C ARG A 766 51.31 -4.44 12.10
N VAL A 767 50.55 -4.43 13.19
CA VAL A 767 49.77 -5.60 13.58
C VAL A 767 48.70 -5.88 12.54
N GLY A 768 47.96 -4.85 12.16
CA GLY A 768 46.92 -5.03 11.15
C GLY A 768 47.50 -5.56 9.84
N ALA A 769 48.66 -5.03 9.44
CA ALA A 769 49.23 -5.43 8.16
C ALA A 769 49.79 -6.85 8.23
N ALA A 770 50.39 -7.22 9.36
CA ALA A 770 50.88 -8.58 9.53
C ALA A 770 49.73 -9.58 9.45
N LEU A 771 48.58 -9.23 10.02
CA LEU A 771 47.43 -10.13 10.02
C LEU A 771 46.84 -10.27 8.62
N VAL A 772 46.67 -9.15 7.92
CA VAL A 772 46.13 -9.20 6.56
C VAL A 772 47.05 -10.03 5.66
N ALA A 773 48.36 -9.94 5.87
CA ALA A 773 49.29 -10.62 4.97
C ALA A 773 49.44 -12.11 5.27
N ALA A 774 48.95 -12.59 6.41
CA ALA A 774 49.18 -13.98 6.79
C ALA A 774 48.47 -14.94 5.85
N ALA A 775 49.20 -16.00 5.44
CA ALA A 775 48.68 -16.90 4.41
C ALA A 775 47.35 -17.54 4.80
N GLU A 776 47.13 -17.75 6.11
CA GLU A 776 45.91 -18.43 6.54
C GLU A 776 44.74 -17.49 6.78
N THR A 777 44.95 -16.18 6.69
CA THR A 777 43.84 -15.24 6.75
C THR A 777 42.93 -15.44 5.55
N ALA A 778 41.68 -15.77 5.82
CA ALA A 778 40.73 -16.16 4.79
C ALA A 778 39.76 -15.06 4.43
N GLY A 779 39.80 -13.93 5.13
CA GLY A 779 38.89 -12.83 4.91
C GLY A 779 39.24 -11.68 5.84
N VAL A 780 38.94 -10.45 5.44
CA VAL A 780 39.24 -9.27 6.23
C VAL A 780 37.97 -8.43 6.31
N MET A 781 37.63 -7.99 7.51
CA MET A 781 36.56 -7.01 7.71
C MET A 781 37.20 -5.74 8.23
N PHE A 782 37.11 -4.66 7.45
CA PHE A 782 37.79 -3.41 7.77
C PHE A 782 36.77 -2.28 7.80
N THR A 783 36.86 -1.44 8.84
CA THR A 783 36.13 -0.17 8.89
C THR A 783 37.16 0.88 9.27
N GLY A 784 37.33 1.88 8.42
CA GLY A 784 38.36 2.88 8.64
C GLY A 784 38.50 3.77 7.42
N SER A 785 39.66 4.39 7.29
CA SER A 785 39.86 5.32 6.18
C SER A 785 39.95 4.57 4.85
N THR A 786 39.60 5.28 3.77
CA THR A 786 39.75 4.72 2.42
C THR A 786 41.21 4.45 2.10
N GLU A 787 42.12 5.32 2.58
CA GLU A 787 43.54 5.15 2.31
C GLU A 787 44.04 3.81 2.82
N VAL A 788 43.68 3.46 4.05
CA VAL A 788 44.12 2.18 4.61
C VAL A 788 43.42 1.03 3.93
N ALA A 789 42.11 1.17 3.68
CA ALA A 789 41.37 0.13 2.98
C ALA A 789 42.02 -0.18 1.63
N ARG A 790 42.50 0.84 0.92
N ARG A 790 42.50 0.85 0.93
CA ARG A 790 43.15 0.60 -0.36
CA ARG A 790 43.15 0.62 -0.37
C ARG A 790 44.48 -0.11 -0.18
C ARG A 790 44.49 -0.08 -0.20
N LEU A 791 45.20 0.18 0.90
CA LEU A 791 46.44 -0.55 1.17
C LEU A 791 46.15 -2.01 1.51
N ILE A 792 45.05 -2.29 2.23
CA ILE A 792 44.70 -3.68 2.50
C ILE A 792 44.30 -4.39 1.23
N GLN A 793 43.53 -3.71 0.37
CA GLN A 793 43.12 -4.28 -0.90
C GLN A 793 44.33 -4.73 -1.71
N ALA A 794 45.38 -3.90 -1.76
CA ALA A 794 46.57 -4.27 -2.53
C ALA A 794 47.28 -5.48 -1.91
N GLN A 795 47.36 -5.54 -0.57
CA GLN A 795 47.94 -6.71 0.08
C GLN A 795 47.18 -7.97 -0.31
N LEU A 796 45.86 -7.93 -0.22
CA LEU A 796 45.05 -9.13 -0.45
C LEU A 796 45.12 -9.59 -1.89
N ALA A 797 45.26 -8.68 -2.84
CA ALA A 797 45.32 -9.08 -4.24
C ALA A 797 46.56 -9.91 -4.55
N ASP A 798 47.55 -9.91 -3.64
CA ASP A 798 48.70 -10.78 -3.78
C ASP A 798 48.36 -12.26 -3.56
N ARG A 799 47.23 -12.54 -2.91
CA ARG A 799 46.98 -13.88 -2.38
C ARG A 799 45.70 -14.47 -2.96
N LEU A 800 45.61 -15.79 -2.87
CA LEU A 800 44.39 -16.52 -3.18
C LEU A 800 44.10 -17.46 -2.02
N SER A 801 42.84 -17.87 -1.93
CA SER A 801 42.46 -18.91 -1.00
C SER A 801 43.05 -20.24 -1.47
N PRO A 802 43.11 -21.25 -0.61
CA PRO A 802 43.60 -22.57 -1.07
C PRO A 802 42.84 -23.11 -2.27
N ALA A 803 41.57 -22.71 -2.41
CA ALA A 803 40.76 -23.03 -3.58
C ALA A 803 41.10 -22.18 -4.80
N GLY A 804 42.01 -21.22 -4.67
CA GLY A 804 42.37 -20.38 -5.79
C GLY A 804 41.41 -19.23 -6.08
N ARG A 805 40.78 -18.67 -5.05
CA ARG A 805 39.80 -17.61 -5.19
C ARG A 805 40.21 -16.38 -4.37
N PRO A 806 39.72 -15.20 -4.72
CA PRO A 806 40.15 -13.99 -3.99
C PRO A 806 39.69 -14.04 -2.54
N ILE A 807 40.49 -13.41 -1.68
CA ILE A 807 40.17 -13.28 -0.25
C ILE A 807 39.11 -12.20 -0.08
N PRO A 808 37.94 -12.52 0.47
CA PRO A 808 36.90 -11.51 0.62
C PRO A 808 37.34 -10.38 1.52
N LEU A 809 37.01 -9.15 1.12
CA LEU A 809 37.29 -7.96 1.91
C LEU A 809 35.99 -7.18 2.06
N ILE A 810 35.57 -6.93 3.30
CA ILE A 810 34.49 -5.99 3.57
C ILE A 810 35.14 -4.73 4.07
N ALA A 811 35.04 -3.65 3.30
CA ALA A 811 35.70 -2.39 3.65
C ALA A 811 34.64 -1.31 3.68
N GLU A 812 34.41 -0.76 4.86
CA GLU A 812 33.46 0.33 5.03
C GLU A 812 34.26 1.58 5.38
N THR A 813 34.11 2.62 4.57
CA THR A 813 35.01 3.76 4.61
C THR A 813 34.16 5.03 4.78
N GLY A 814 34.77 6.18 4.52
CA GLY A 814 34.13 7.42 4.88
C GLY A 814 33.03 7.83 3.93
N GLY A 815 32.49 9.02 4.17
CA GLY A 815 31.56 9.60 3.24
C GLY A 815 31.71 11.10 3.27
N GLN A 816 31.34 11.74 2.17
CA GLN A 816 31.24 13.19 2.09
C GLN A 816 29.75 13.55 2.06
N ASN A 817 29.11 13.36 3.21
CA ASN A 817 27.66 13.28 3.28
C ASN A 817 27.00 14.65 3.21
N ALA A 818 25.93 14.74 2.44
CA ALA A 818 25.24 15.98 2.20
C ALA A 818 23.81 15.93 2.70
N MET A 819 23.25 17.11 2.97
CA MET A 819 21.84 17.26 3.23
C MET A 819 21.33 18.40 2.37
N ILE A 820 20.22 18.17 1.68
CA ILE A 820 19.59 19.19 0.84
C ILE A 820 18.31 19.66 1.52
N VAL A 821 18.14 20.98 1.63
CA VAL A 821 17.02 21.60 2.32
C VAL A 821 16.35 22.53 1.34
N ASP A 822 15.03 22.41 1.18
CA ASP A 822 14.37 23.33 0.25
C ASP A 822 13.51 24.30 1.05
N SER A 823 12.85 25.21 0.34
CA SER A 823 12.14 26.28 1.01
C SER A 823 10.88 25.81 1.71
N SER A 824 10.46 24.57 1.53
CA SER A 824 9.30 24.03 2.22
C SER A 824 9.64 23.44 3.58
N ALA A 825 10.92 23.22 3.88
CA ALA A 825 11.31 22.63 5.16
C ALA A 825 11.08 23.62 6.30
N LEU A 826 10.92 23.10 7.52
CA LEU A 826 10.78 23.94 8.70
C LEU A 826 12.15 24.23 9.29
N ALA A 827 12.52 25.51 9.33
CA ALA A 827 13.86 25.92 9.73
C ALA A 827 14.27 25.33 11.07
N GLU A 828 13.40 25.44 12.09
CA GLU A 828 13.74 24.93 13.42
C GLU A 828 14.08 23.44 13.38
N GLN A 829 13.31 22.68 12.61
CA GLN A 829 13.55 21.25 12.48
C GLN A 829 14.86 20.97 11.75
N VAL A 830 15.11 21.70 10.67
CA VAL A 830 16.36 21.57 9.93
C VAL A 830 17.55 21.86 10.84
N VAL A 831 17.49 22.98 11.57
CA VAL A 831 18.66 23.39 12.34
C VAL A 831 18.98 22.35 13.41
N GLY A 832 17.95 21.83 14.08
CA GLY A 832 18.21 20.77 15.05
C GLY A 832 18.84 19.54 14.43
N ASP A 833 18.32 19.10 13.28
CA ASP A 833 18.89 17.90 12.67
C ASP A 833 20.28 18.18 12.13
N VAL A 834 20.54 19.41 11.69
CA VAL A 834 21.85 19.77 11.16
C VAL A 834 22.87 19.83 12.29
N ILE A 835 22.51 20.48 13.40
CA ILE A 835 23.40 20.57 14.56
C ILE A 835 23.76 19.17 15.05
N THR A 836 22.76 18.29 15.17
CA THR A 836 23.05 16.91 15.60
C THR A 836 23.89 16.17 14.57
N SER A 837 23.56 16.29 13.27
CA SER A 837 24.23 15.47 12.25
C SER A 837 25.68 15.86 12.08
N ALA A 838 25.98 17.15 12.19
CA ALA A 838 27.30 17.65 11.90
C ALA A 838 28.26 17.57 13.10
N PHE A 839 27.76 17.83 14.30
CA PHE A 839 28.62 18.05 15.45
C PHE A 839 28.49 17.01 16.56
N ASP A 840 27.44 16.18 16.58
CA ASP A 840 27.39 15.06 17.51
C ASP A 840 28.67 14.25 17.38
N SER A 841 29.23 13.83 18.52
CA SER A 841 30.47 13.05 18.54
C SER A 841 31.61 13.80 17.84
N ALA A 842 31.57 15.13 17.95
CA ALA A 842 32.56 16.00 17.34
C ALA A 842 32.70 15.70 15.85
N GLY A 843 31.59 15.34 15.21
CA GLY A 843 31.61 15.03 13.80
C GLY A 843 32.45 13.82 13.44
N GLN A 844 32.76 12.97 14.41
CA GLN A 844 33.58 11.80 14.15
C GLN A 844 32.75 10.56 13.85
N ARG A 845 31.56 10.74 13.27
CA ARG A 845 30.79 9.64 12.73
C ARG A 845 31.07 9.51 11.24
N CYS A 846 31.11 8.27 10.75
CA CYS A 846 31.23 8.09 9.30
C CYS A 846 30.05 8.72 8.57
N SER A 847 28.88 8.73 9.23
CA SER A 847 27.64 9.25 8.69
C SER A 847 27.49 10.76 8.82
N ALA A 848 28.46 11.45 9.43
CA ALA A 848 28.25 12.83 9.85
C ALA A 848 27.98 13.72 8.66
N LEU A 849 27.21 14.78 8.89
CA LEU A 849 26.87 15.73 7.84
C LEU A 849 28.06 16.63 7.55
N ARG A 850 28.55 16.58 6.32
CA ARG A 850 29.70 17.39 5.91
C ARG A 850 29.31 18.60 5.09
N VAL A 851 28.27 18.51 4.27
CA VAL A 851 27.89 19.61 3.39
C VAL A 851 26.40 19.82 3.49
N LEU A 852 26.00 21.03 3.88
CA LEU A 852 24.60 21.42 3.93
C LEU A 852 24.31 22.31 2.73
N CYS A 853 23.26 21.97 1.97
CA CYS A 853 22.88 22.65 0.73
C CYS A 853 21.52 23.31 0.98
N LEU A 854 21.50 24.64 0.94
CA LEU A 854 20.33 25.42 1.33
C LEU A 854 19.75 26.11 0.10
N GLN A 855 18.45 25.93 -0.14
CA GLN A 855 17.83 26.66 -1.22
C GLN A 855 18.00 28.16 -1.00
N GLU A 856 18.35 28.88 -2.07
CA GLU A 856 18.81 30.24 -1.94
C GLU A 856 17.82 31.13 -1.20
N ASP A 857 16.52 30.95 -1.45
CA ASP A 857 15.51 31.83 -0.86
C ASP A 857 15.41 31.71 0.66
N VAL A 858 15.88 30.61 1.26
CA VAL A 858 15.83 30.45 2.71
C VAL A 858 17.21 30.33 3.34
N ALA A 859 18.28 30.45 2.54
CA ALA A 859 19.62 30.17 3.06
C ALA A 859 20.00 31.13 4.18
N ASP A 860 19.75 32.45 3.99
CA ASP A 860 20.24 33.40 4.98
C ASP A 860 19.53 33.21 6.31
N ARG A 861 18.21 32.96 6.27
CA ARG A 861 17.47 32.75 7.51
C ARG A 861 17.91 31.48 8.22
N ILE A 862 18.10 30.38 7.48
CA ILE A 862 18.50 29.13 8.11
C ILE A 862 19.93 29.23 8.64
N LEU A 863 20.81 29.90 7.89
CA LEU A 863 22.18 30.07 8.33
CA LEU A 863 22.19 30.06 8.34
C LEU A 863 22.26 30.92 9.59
N THR A 864 21.45 31.98 9.67
CA THR A 864 21.42 32.79 10.89
C THR A 864 20.99 31.95 12.08
N MET A 865 19.92 31.16 11.93
CA MET A 865 19.47 30.29 13.01
C MET A 865 20.53 29.24 13.34
N LEU A 866 21.21 28.73 12.32
CA LEU A 866 22.20 27.69 12.54
C LEU A 866 23.40 28.24 13.32
N LYS A 867 23.87 29.44 12.96
CA LYS A 867 24.99 30.00 13.69
C LYS A 867 24.60 30.29 15.13
N GLY A 868 23.38 30.76 15.33
CA GLY A 868 22.92 31.03 16.69
C GLY A 868 22.84 29.77 17.52
N ALA A 869 22.39 28.67 16.89
CA ALA A 869 22.30 27.41 17.62
C ALA A 869 23.69 26.82 17.87
N LEU A 870 24.62 27.03 16.94
CA LEU A 870 26.00 26.60 17.15
C LEU A 870 26.56 27.13 18.48
N HIS A 871 26.31 28.39 18.76
CA HIS A 871 26.88 29.02 19.94
C HIS A 871 26.20 28.63 21.24
N GLU A 872 25.18 27.78 21.18
CA GLU A 872 24.54 27.28 22.40
C GLU A 872 25.10 25.94 22.84
N LEU A 873 26.08 25.40 22.11
CA LEU A 873 26.64 24.09 22.40
C LEU A 873 27.73 24.22 23.44
N HIS A 874 27.77 23.26 24.36
CA HIS A 874 28.79 23.22 25.42
C HIS A 874 29.83 22.18 25.03
N ILE A 875 31.07 22.63 24.87
CA ILE A 875 32.18 21.76 24.48
C ILE A 875 33.07 21.59 25.70
N GLY A 876 33.40 20.36 26.04
CA GLY A 876 34.32 20.14 27.15
C GLY A 876 34.53 18.66 27.41
N ARG A 877 35.20 18.37 28.52
CA ARG A 877 35.40 16.97 28.91
C ARG A 877 34.06 16.31 29.15
N THR A 878 33.90 15.07 28.65
CA THR A 878 32.57 14.49 28.54
C THR A 878 32.11 13.75 29.78
N ASP A 879 32.74 13.98 30.93
CA ASP A 879 32.22 13.39 32.16
C ASP A 879 31.21 14.29 32.87
N ARG A 880 30.58 15.21 32.14
CA ARG A 880 29.45 16.00 32.63
C ARG A 880 28.28 15.87 31.65
N LEU A 881 27.09 15.64 32.20
CA LEU A 881 25.90 15.53 31.36
C LEU A 881 25.69 16.77 30.52
N SER A 882 26.14 17.93 31.00
CA SER A 882 25.89 19.18 30.29
C SER A 882 26.72 19.34 29.01
N VAL A 883 27.74 18.53 28.81
CA VAL A 883 28.59 18.69 27.64
C VAL A 883 27.89 18.12 26.41
N ASP A 884 27.81 18.92 25.35
CA ASP A 884 27.18 18.45 24.12
C ASP A 884 28.16 17.79 23.17
N VAL A 885 29.37 18.32 23.12
CA VAL A 885 30.38 17.92 22.13
C VAL A 885 31.70 17.71 22.86
N GLY A 886 32.31 16.56 22.66
CA GLY A 886 33.55 16.25 23.32
C GLY A 886 34.76 16.53 22.47
N PRO A 887 35.87 15.90 22.82
CA PRO A 887 37.12 16.12 22.09
C PRO A 887 37.20 15.23 20.86
N VAL A 888 38.10 15.62 19.96
CA VAL A 888 38.48 14.73 18.88
C VAL A 888 39.56 13.78 19.39
N ILE A 889 39.78 12.70 18.65
CA ILE A 889 40.39 11.50 19.26
C ILE A 889 41.87 11.71 19.61
N THR A 890 42.62 12.46 18.79
CA THR A 890 44.05 12.65 19.04
C THR A 890 44.50 14.05 18.66
N SER A 891 45.73 14.37 19.07
CA SER A 891 46.35 15.62 18.63
C SER A 891 46.55 15.65 17.12
N GLU A 892 46.79 14.48 16.50
CA GLU A 892 46.98 14.43 15.05
C GLU A 892 45.67 14.74 14.32
N ALA A 893 44.56 14.15 14.78
CA ALA A 893 43.26 14.47 14.20
C ALA A 893 42.98 15.96 14.31
N LYS A 894 43.21 16.50 15.51
CA LYS A 894 43.03 17.94 15.76
C LYS A 894 43.82 18.78 14.77
N ASP A 895 45.13 18.50 14.64
CA ASP A 895 45.97 19.29 13.74
C ASP A 895 45.48 19.17 12.31
N ASN A 896 45.12 17.96 11.89
CA ASN A 896 44.62 17.76 10.54
C ASN A 896 43.36 18.60 10.29
N ILE A 897 42.43 18.59 11.25
CA ILE A 897 41.19 19.33 11.10
C ILE A 897 41.43 20.83 11.11
N GLU A 898 42.29 21.30 12.02
CA GLU A 898 42.55 22.73 12.08
C GLU A 898 43.29 23.22 10.84
N LYS A 899 44.15 22.39 10.24
CA LYS A 899 44.83 22.82 9.02
C LYS A 899 43.81 23.08 7.91
N HIS A 900 42.77 22.25 7.84
CA HIS A 900 41.70 22.47 6.85
C HIS A 900 40.98 23.78 7.09
N ILE A 901 40.58 24.02 8.35
CA ILE A 901 39.86 25.25 8.67
C ILE A 901 40.68 26.48 8.32
N GLU A 902 41.97 26.45 8.61
CA GLU A 902 42.79 27.62 8.33
C GLU A 902 42.99 27.83 6.83
N ARG A 903 43.06 26.75 6.06
CA ARG A 903 43.12 26.89 4.60
C ARG A 903 41.88 27.61 4.08
N MET A 904 40.70 27.12 4.49
CA MET A 904 39.44 27.77 4.10
C MET A 904 39.39 29.21 4.56
N ARG A 905 39.85 29.49 5.80
CA ARG A 905 39.88 30.86 6.26
CA ARG A 905 39.88 30.86 6.26
C ARG A 905 40.83 31.69 5.42
N GLY A 906 41.99 31.13 5.07
CA GLY A 906 42.95 31.85 4.25
C GLY A 906 42.46 32.13 2.84
N LEU A 907 41.50 31.35 2.35
CA LEU A 907 40.88 31.58 1.05
C LEU A 907 39.76 32.61 1.10
N GLY A 908 39.48 33.19 2.26
CA GLY A 908 38.45 34.19 2.40
C GLY A 908 37.06 33.65 2.63
N ARG A 909 36.90 32.34 2.86
CA ARG A 909 35.60 31.78 3.18
C ARG A 909 35.16 32.23 4.58
N LYS A 910 33.85 32.44 4.74
CA LYS A 910 33.33 32.79 6.06
C LYS A 910 33.39 31.58 6.97
N VAL A 911 33.94 31.77 8.16
CA VAL A 911 34.15 30.69 9.13
C VAL A 911 33.56 31.13 10.46
N GLU A 912 32.62 30.35 10.96
CA GLU A 912 32.00 30.59 12.26
C GLU A 912 32.48 29.51 13.22
N GLN A 913 32.98 29.91 14.38
CA GLN A 913 33.44 28.94 15.37
C GLN A 913 32.99 29.38 16.75
N ILE A 914 32.58 28.43 17.58
CA ILE A 914 32.32 28.76 18.98
C ILE A 914 33.65 28.90 19.72
N GLY A 915 33.68 29.78 20.70
CA GLY A 915 34.86 29.90 21.53
C GLY A 915 34.94 28.74 22.50
N LEU A 916 36.16 28.29 22.78
CA LEU A 916 36.40 27.16 23.67
C LEU A 916 36.83 27.64 25.04
N ALA A 917 36.38 26.93 26.07
CA ALA A 917 36.78 27.28 27.42
C ALA A 917 38.24 26.92 27.64
N SER A 918 38.84 27.53 28.68
CA SER A 918 40.26 27.29 28.94
C SER A 918 40.53 25.85 29.38
N GLU A 919 39.54 25.19 29.98
CA GLU A 919 39.72 23.82 30.44
C GLU A 919 40.01 22.85 29.29
N THR A 920 39.55 23.17 28.08
CA THR A 920 39.84 22.27 26.97
C THR A 920 41.33 22.15 26.69
N GLY A 921 42.16 22.98 27.34
CA GLY A 921 43.59 22.99 27.04
C GLY A 921 44.29 21.67 27.31
N VAL A 922 43.78 20.89 28.27
CA VAL A 922 44.46 19.65 28.65
C VAL A 922 44.08 18.48 27.74
N GLY A 923 43.17 18.66 26.81
CA GLY A 923 42.80 17.64 25.85
C GLY A 923 42.92 18.11 24.42
N THR A 924 42.37 17.36 23.47
CA THR A 924 42.48 17.70 22.05
C THR A 924 41.08 18.04 21.54
N PHE A 925 40.75 19.34 21.50
CA PHE A 925 39.40 19.76 21.09
C PHE A 925 39.44 20.59 19.80
N VAL A 926 38.44 20.40 18.95
CA VAL A 926 38.19 21.29 17.82
C VAL A 926 36.81 21.90 18.03
N PRO A 927 36.68 23.22 18.00
CA PRO A 927 35.36 23.83 18.17
C PRO A 927 34.48 23.54 16.97
N PRO A 928 33.20 23.23 17.19
CA PRO A 928 32.26 23.15 16.07
C PRO A 928 32.35 24.39 15.19
N THR A 929 32.36 24.16 13.88
CA THR A 929 32.77 25.18 12.91
C THR A 929 31.82 25.12 11.72
N ILE A 930 31.44 26.28 11.19
CA ILE A 930 30.63 26.38 9.98
C ILE A 930 31.46 27.13 8.94
N ILE A 931 31.61 26.54 7.76
CA ILE A 931 32.39 27.12 6.67
C ILE A 931 31.47 27.28 5.48
N GLU A 932 31.38 28.49 4.95
CA GLU A 932 30.51 28.76 3.82
C GLU A 932 31.33 28.65 2.54
N LEU A 933 30.92 27.74 1.66
CA LEU A 933 31.63 27.47 0.42
C LEU A 933 30.88 28.07 -0.75
N GLU A 934 31.60 28.26 -1.86
CA GLU A 934 30.95 28.73 -3.08
C GLU A 934 30.28 27.55 -3.81
N LYS A 935 31.06 26.53 -4.14
CA LYS A 935 30.57 25.35 -4.83
C LYS A 935 30.93 24.11 -4.02
N LEU A 936 30.12 23.06 -4.17
CA LEU A 936 30.44 21.79 -3.54
C LEU A 936 31.86 21.33 -3.86
N SER A 937 32.35 21.63 -5.06
CA SER A 937 33.70 21.22 -5.46
C SER A 937 34.81 21.96 -4.71
N ASP A 938 34.49 23.03 -3.95
CA ASP A 938 35.49 23.65 -3.07
C ASP A 938 35.99 22.71 -1.99
N LEU A 939 35.23 21.67 -1.67
CA LEU A 939 35.60 20.70 -0.64
CA LEU A 939 35.60 20.70 -0.64
C LEU A 939 36.28 19.52 -1.32
N GLN A 940 37.60 19.43 -1.18
CA GLN A 940 38.40 18.47 -1.95
C GLN A 940 39.02 17.37 -1.10
N ARG A 941 38.47 17.10 0.10
CA ARG A 941 38.99 16.04 0.97
C ARG A 941 38.00 15.84 2.11
N GLU A 942 37.98 14.61 2.64
CA GLU A 942 37.15 14.35 3.81
C GLU A 942 37.80 14.94 5.06
N VAL A 943 37.03 15.67 5.85
CA VAL A 943 37.51 16.33 7.06
C VAL A 943 36.76 15.72 8.25
N PHE A 944 37.44 14.87 9.02
CA PHE A 944 36.77 14.00 9.97
C PHE A 944 36.70 14.68 11.33
N GLY A 945 35.88 15.72 11.39
CA GLY A 945 35.74 16.52 12.58
C GLY A 945 34.47 17.34 12.60
N PRO A 946 34.34 18.23 13.58
CA PRO A 946 33.09 19.00 13.73
C PRO A 946 33.06 20.22 12.82
N VAL A 947 33.07 19.98 11.51
CA VAL A 947 33.25 21.04 10.53
C VAL A 947 32.17 20.88 9.48
N LEU A 948 31.24 21.82 9.45
CA LEU A 948 30.10 21.80 8.56
C LEU A 948 30.36 22.78 7.43
N HIS A 949 30.15 22.34 6.19
CA HIS A 949 30.29 23.21 5.04
C HIS A 949 28.90 23.52 4.51
N VAL A 950 28.69 24.78 4.10
CA VAL A 950 27.38 25.25 3.67
C VAL A 950 27.50 25.77 2.26
N ILE A 951 26.60 25.33 1.38
CA ILE A 951 26.48 25.91 0.05
C ILE A 951 25.02 26.21 -0.20
N ARG A 952 24.79 27.13 -1.13
CA ARG A 952 23.46 27.59 -1.51
C ARG A 952 23.18 27.19 -2.96
N TYR A 953 21.91 26.95 -3.28
CA TYR A 953 21.56 26.55 -4.64
C TYR A 953 20.25 27.18 -5.04
N ARG A 954 20.13 27.50 -6.33
CA ARG A 954 18.86 27.94 -6.91
C ARG A 954 17.96 26.74 -7.16
N ARG A 955 16.65 26.92 -6.94
CA ARG A 955 15.75 25.77 -7.04
C ARG A 955 15.84 25.06 -8.39
N ASP A 956 15.90 25.82 -9.48
CA ASP A 956 15.98 25.17 -10.79
C ASP A 956 17.23 24.33 -10.94
N ASP A 957 18.28 24.59 -10.14
CA ASP A 957 19.53 23.85 -10.22
C ASP A 957 19.58 22.66 -9.29
N LEU A 958 18.45 22.23 -8.72
CA LEU A 958 18.46 21.10 -7.80
C LEU A 958 19.03 19.84 -8.47
N ASP A 959 18.57 19.53 -9.68
CA ASP A 959 19.04 18.29 -10.30
C ASP A 959 20.54 18.32 -10.54
N ARG A 960 21.08 19.49 -10.90
CA ARG A 960 22.51 19.61 -11.08
C ARG A 960 23.24 19.45 -9.75
N LEU A 961 22.67 20.00 -8.67
CA LEU A 961 23.28 19.83 -7.34
C LEU A 961 23.40 18.37 -6.96
N VAL A 962 22.32 17.60 -7.14
CA VAL A 962 22.38 16.17 -6.87
C VAL A 962 23.50 15.54 -7.68
N ASP A 963 23.63 15.94 -8.96
CA ASP A 963 24.75 15.51 -9.78
C ASP A 963 26.09 15.80 -9.10
N ASP A 964 26.23 17.01 -8.55
CA ASP A 964 27.47 17.41 -7.87
C ASP A 964 27.71 16.58 -6.61
N VAL A 965 26.65 16.29 -5.86
CA VAL A 965 26.80 15.41 -4.71
C VAL A 965 27.30 14.04 -5.14
N ASN A 966 26.66 13.46 -6.18
CA ASN A 966 27.08 12.16 -6.67
C ASN A 966 28.51 12.20 -7.18
N ALA A 967 28.93 13.34 -7.73
CA ALA A 967 30.20 13.39 -8.45
C ALA A 967 31.41 13.24 -7.54
N THR A 968 31.27 13.47 -6.23
CA THR A 968 32.37 13.22 -5.31
C THR A 968 32.83 11.77 -5.34
N GLY A 969 31.96 10.84 -5.76
CA GLY A 969 32.27 9.43 -5.75
C GLY A 969 31.97 8.72 -4.45
N TYR A 970 31.64 9.46 -3.39
CA TYR A 970 31.18 8.89 -2.15
C TYR A 970 29.71 8.57 -2.23
N GLY A 971 29.22 7.80 -1.26
CA GLY A 971 27.83 7.43 -1.28
C GLY A 971 27.34 6.76 -0.01
N LEU A 972 27.53 7.44 1.13
CA LEU A 972 27.20 6.82 2.41
C LEU A 972 25.83 7.27 2.90
N THR A 973 25.76 8.42 3.57
CA THR A 973 24.49 8.95 4.04
C THR A 973 24.13 10.22 3.27
N PHE A 974 22.84 10.49 3.20
CA PHE A 974 22.31 11.63 2.48
C PHE A 974 20.99 12.02 3.15
N GLY A 975 20.77 13.32 3.34
CA GLY A 975 19.55 13.79 3.96
C GLY A 975 18.79 14.72 3.04
N LEU A 976 17.47 14.67 3.16
CA LEU A 976 16.60 15.60 2.44
C LEU A 976 15.52 16.14 3.36
N HIS A 977 15.42 17.46 3.44
CA HIS A 977 14.34 18.15 4.16
C HIS A 977 13.46 18.87 3.15
N THR A 978 12.26 18.35 2.99
CA THR A 978 11.24 18.91 2.10
C THR A 978 9.90 18.33 2.53
N ARG A 979 8.84 19.09 2.29
CA ARG A 979 7.50 18.55 2.44
C ARG A 979 6.90 18.06 1.13
N LEU A 980 7.58 18.24 0.00
CA LEU A 980 6.97 18.09 -1.31
C LEU A 980 7.30 16.73 -1.92
N ASP A 981 6.26 15.94 -2.23
CA ASP A 981 6.46 14.61 -2.80
C ASP A 981 7.24 14.65 -4.11
N GLU A 982 7.00 15.66 -4.95
CA GLU A 982 7.71 15.71 -6.22
C GLU A 982 9.21 15.84 -6.01
N THR A 983 9.60 16.66 -5.02
CA THR A 983 11.01 16.82 -4.69
C THR A 983 11.59 15.55 -4.05
N ILE A 984 10.80 14.89 -3.20
CA ILE A 984 11.25 13.60 -2.64
C ILE A 984 11.48 12.59 -3.74
N ALA A 985 10.52 12.47 -4.66
CA ALA A 985 10.65 11.46 -5.73
C ALA A 985 11.87 11.74 -6.58
N HIS A 986 12.03 12.99 -7.02
CA HIS A 986 13.16 13.40 -7.84
C HIS A 986 14.49 13.11 -7.16
N VAL A 987 14.69 13.70 -5.97
CA VAL A 987 15.99 13.64 -5.31
C VAL A 987 16.34 12.20 -4.94
N THR A 988 15.41 11.48 -4.33
CA THR A 988 15.75 10.11 -3.92
C THR A 988 15.92 9.19 -5.12
N SER A 989 15.36 9.53 -6.28
CA SER A 989 15.61 8.67 -7.44
C SER A 989 16.95 8.97 -8.10
N ARG A 990 17.51 10.16 -7.91
CA ARG A 990 18.74 10.57 -8.58
C ARG A 990 19.98 10.46 -7.69
N ILE A 991 19.83 10.57 -6.37
CA ILE A 991 20.95 10.47 -5.46
C ILE A 991 21.47 9.03 -5.43
N LYS A 992 22.77 8.89 -5.25
CA LYS A 992 23.43 7.57 -5.22
C LYS A 992 24.09 7.38 -3.86
N ALA A 993 23.29 7.01 -2.86
CA ALA A 993 23.82 6.81 -1.52
C ALA A 993 23.15 5.61 -0.87
N GLY A 994 23.86 4.99 0.08
CA GLY A 994 23.36 3.78 0.71
C GLY A 994 22.34 3.99 1.81
N ASN A 995 22.36 5.14 2.48
CA ASN A 995 21.47 5.40 3.60
C ASN A 995 20.86 6.77 3.42
N LEU A 996 19.57 6.78 3.10
CA LEU A 996 18.84 8.02 2.84
C LEU A 996 17.99 8.35 4.06
N TYR A 997 17.79 9.64 4.29
CA TYR A 997 17.03 10.08 5.46
C TYR A 997 16.19 11.26 5.03
N ILE A 998 14.90 11.20 5.31
CA ILE A 998 13.96 12.24 4.88
CA ILE A 998 13.95 12.23 4.87
C ILE A 998 13.36 12.89 6.11
N ASN A 999 13.60 14.19 6.27
CA ASN A 999 13.03 15.02 7.32
C ASN A 999 13.47 14.60 8.73
N ARG A 1000 14.74 14.22 8.86
CA ARG A 1000 15.34 13.81 10.13
C ARG A 1000 16.85 13.98 10.02
N ASN A 1001 17.57 13.69 11.10
CA ASN A 1001 19.03 13.72 11.03
C ASN A 1001 19.51 12.51 10.21
N ILE A 1002 20.80 12.48 9.90
CA ILE A 1002 21.34 11.44 9.03
C ILE A 1002 22.29 10.51 9.80
N ILE A 1003 22.24 10.52 11.12
CA ILE A 1003 23.19 9.75 11.93
C ILE A 1003 22.45 8.72 12.78
N GLY A 1004 23.22 7.80 13.35
CA GLY A 1004 22.66 6.81 14.27
C GLY A 1004 21.84 5.70 13.62
N ALA A 1005 22.30 5.17 12.48
CA ALA A 1005 21.58 4.07 11.83
C ALA A 1005 21.34 2.95 12.84
N VAL A 1006 20.11 2.42 12.86
CA VAL A 1006 19.73 1.39 13.83
C VAL A 1006 19.85 0.02 13.17
N VAL A 1007 20.52 -0.91 13.87
CA VAL A 1007 20.69 -2.27 13.36
C VAL A 1007 19.35 -2.87 12.99
N GLY A 1008 19.27 -3.49 11.80
CA GLY A 1008 18.07 -4.19 11.38
C GLY A 1008 16.94 -3.27 10.95
N VAL A 1009 17.12 -1.96 11.09
CA VAL A 1009 16.10 -0.97 10.80
C VAL A 1009 16.58 0.00 9.72
N GLN A 1010 17.79 0.55 9.86
CA GLN A 1010 18.52 1.17 8.76
C GLN A 1010 19.83 0.41 8.61
N PRO A 1011 19.81 -0.74 7.93
CA PRO A 1011 21.07 -1.44 7.61
C PRO A 1011 22.03 -0.46 6.97
N PHE A 1012 23.28 -0.50 7.40
CA PHE A 1012 24.16 0.64 7.21
C PHE A 1012 25.32 0.31 6.30
N GLY A 1013 25.54 1.16 5.30
CA GLY A 1013 26.65 0.94 4.40
C GLY A 1013 26.37 1.63 3.09
N GLY A 1014 27.42 2.13 2.44
CA GLY A 1014 27.28 2.91 1.23
C GLY A 1014 27.88 2.24 0.01
N ARG A 1015 28.13 3.06 -1.00
CA ARG A 1015 28.64 2.60 -2.29
CA ARG A 1015 28.65 2.60 -2.29
C ARG A 1015 29.80 3.50 -2.71
N GLY A 1016 30.40 3.17 -3.85
CA GLY A 1016 31.48 4.00 -4.38
C GLY A 1016 32.64 4.02 -3.43
N LEU A 1017 33.17 5.22 -3.16
CA LEU A 1017 34.29 5.41 -2.25
C LEU A 1017 33.93 5.14 -0.79
N SER A 1018 32.66 4.84 -0.51
CA SER A 1018 32.23 4.68 0.87
C SER A 1018 32.23 3.24 1.34
N GLY A 1019 32.33 2.27 0.43
CA GLY A 1019 32.34 0.89 0.89
C GLY A 1019 32.11 -0.11 -0.21
N THR A 1020 32.40 -1.36 0.13
CA THR A 1020 32.16 -2.51 -0.72
C THR A 1020 30.79 -3.11 -0.49
N GLY A 1021 30.20 -2.87 0.67
CA GLY A 1021 29.10 -3.68 1.11
C GLY A 1021 29.59 -5.09 1.40
N PRO A 1022 28.69 -5.97 1.83
CA PRO A 1022 27.27 -5.70 2.10
C PRO A 1022 27.08 -4.87 3.38
N LYS A 1023 25.86 -4.37 3.57
CA LYS A 1023 25.55 -3.49 4.69
C LYS A 1023 25.67 -4.19 6.03
N ALA A 1024 26.34 -3.53 6.97
CA ALA A 1024 26.35 -4.00 8.34
C ALA A 1024 24.96 -3.90 8.94
N GLY A 1025 24.60 -4.88 9.78
CA GLY A 1025 23.29 -4.84 10.37
C GLY A 1025 22.18 -5.04 9.37
N GLY A 1026 22.48 -5.74 8.28
CA GLY A 1026 21.51 -6.07 7.25
C GLY A 1026 21.59 -7.54 6.88
N PRO A 1027 20.67 -8.00 6.05
CA PRO A 1027 20.47 -9.45 5.89
C PRO A 1027 21.44 -10.12 4.93
N LEU A 1028 22.24 -9.37 4.18
CA LEU A 1028 23.24 -9.95 3.29
C LEU A 1028 24.60 -10.11 3.96
N TYR A 1029 24.75 -9.59 5.18
CA TYR A 1029 26.07 -9.50 5.81
C TYR A 1029 26.70 -10.86 6.09
N LEU A 1030 25.95 -11.76 6.74
CA LEU A 1030 26.55 -13.05 7.08
C LEU A 1030 26.94 -13.84 5.84
N GLY A 1031 26.18 -13.71 4.76
CA GLY A 1031 26.45 -14.50 3.57
C GLY A 1031 27.81 -14.23 2.93
N ARG A 1032 28.41 -13.08 3.22
CA ARG A 1032 29.75 -12.77 2.76
C ARG A 1032 30.82 -13.49 3.55
N LEU A 1033 30.46 -14.05 4.70
CA LEU A 1033 31.41 -14.64 5.63
C LEU A 1033 31.36 -16.16 5.61
N VAL A 1034 30.75 -16.75 4.57
CA VAL A 1034 30.75 -18.19 4.36
C VAL A 1034 31.08 -18.45 2.90
N THR A 1035 31.58 -19.67 2.64
CA THR A 1035 32.01 -19.98 1.27
C THR A 1035 30.83 -20.05 0.30
N THR A 1036 29.67 -20.49 0.76
CA THR A 1036 28.45 -20.56 -0.04
C THR A 1036 27.37 -19.75 0.66
N ALA A 1037 26.88 -18.71 0.00
CA ALA A 1037 25.97 -17.78 0.67
C ALA A 1037 24.59 -18.43 0.84
N PRO A 1038 23.96 -18.26 2.01
CA PRO A 1038 22.58 -18.70 2.17
C PRO A 1038 21.60 -17.73 1.53
N VAL A 1039 20.33 -18.14 1.52
CA VAL A 1039 19.24 -17.29 1.07
C VAL A 1039 18.75 -16.48 2.27
N PRO A 1040 18.97 -15.16 2.29
CA PRO A 1040 18.56 -14.36 3.44
C PRO A 1040 17.05 -14.39 3.63
N PRO A 1041 16.57 -14.10 4.83
CA PRO A 1041 15.13 -13.92 5.03
C PRO A 1041 14.57 -12.83 4.13
N GLN A 1042 13.39 -13.08 3.59
CA GLN A 1042 12.63 -12.16 2.75
C GLN A 1042 13.36 -11.76 1.47
N HIS A 1043 14.43 -12.47 1.08
CA HIS A 1043 15.28 -12.07 -0.03
C HIS A 1043 14.77 -12.73 -1.31
N SER A 1044 13.88 -12.04 -2.01
CA SER A 1044 13.37 -12.51 -3.30
C SER A 1044 12.74 -11.33 -4.01
N SER A 1045 12.44 -11.53 -5.30
CA SER A 1045 11.83 -10.50 -6.13
C SER A 1045 11.05 -11.16 -7.25
N VAL A 1046 9.81 -10.71 -7.48
CA VAL A 1046 9.06 -11.23 -8.61
C VAL A 1046 9.36 -10.49 -9.89
N HIS A 1047 10.25 -9.50 -9.87
CA HIS A 1047 10.56 -8.76 -11.07
CA HIS A 1047 10.63 -8.70 -11.03
C HIS A 1047 11.74 -9.39 -11.80
N THR A 1048 11.67 -9.30 -13.13
CA THR A 1048 12.72 -9.83 -13.99
C THR A 1048 13.26 -8.69 -14.83
N ASP A 1049 14.56 -8.55 -14.86
CA ASP A 1049 15.16 -7.49 -15.64
C ASP A 1049 14.83 -7.73 -17.13
N PRO A 1050 14.28 -6.75 -17.84
CA PRO A 1050 13.87 -7.00 -19.24
C PRO A 1050 15.03 -7.08 -20.20
N VAL A 1051 16.17 -6.46 -19.87
CA VAL A 1051 17.34 -6.61 -20.70
C VAL A 1051 17.93 -8.00 -20.54
N LEU A 1052 17.89 -8.55 -19.33
CA LEU A 1052 18.22 -9.96 -19.16
C LEU A 1052 17.33 -10.83 -20.05
N LEU A 1053 16.02 -10.56 -20.05
CA LEU A 1053 15.12 -11.35 -20.89
C LEU A 1053 15.46 -11.22 -22.37
N ASP A 1054 15.82 -10.01 -22.81
CA ASP A 1054 16.23 -9.83 -24.21
C ASP A 1054 17.52 -10.58 -24.51
N PHE A 1055 18.46 -10.58 -23.57
CA PHE A 1055 19.71 -11.31 -23.74
C PHE A 1055 19.48 -12.82 -23.84
N ALA A 1056 18.57 -13.35 -22.99
CA ALA A 1056 18.27 -14.78 -23.04
C ALA A 1056 17.62 -15.18 -24.36
N LYS A 1057 16.73 -14.34 -24.91
CA LYS A 1057 16.19 -14.62 -26.24
C LYS A 1057 17.27 -14.57 -27.31
N TRP A 1058 18.16 -13.59 -27.23
CA TRP A 1058 19.28 -13.52 -28.15
C TRP A 1058 20.15 -14.78 -28.07
N LEU A 1059 20.45 -15.22 -26.85
CA LEU A 1059 21.26 -16.44 -26.69
C LEU A 1059 20.60 -17.63 -27.35
N ASP A 1060 19.28 -17.75 -27.19
CA ASP A 1060 18.53 -18.83 -27.85
C ASP A 1060 18.57 -18.70 -29.37
N GLY A 1061 18.44 -17.48 -29.90
CA GLY A 1061 18.60 -17.28 -31.33
C GLY A 1061 19.96 -17.70 -31.85
N LYS A 1062 21.02 -17.50 -31.05
CA LYS A 1062 22.36 -17.94 -31.43
C LYS A 1062 22.60 -19.43 -31.21
N GLY A 1063 21.64 -20.16 -30.64
CA GLY A 1063 21.83 -21.57 -30.37
C GLY A 1063 22.44 -21.88 -29.02
N ALA A 1064 22.77 -20.87 -28.22
CA ALA A 1064 23.41 -21.10 -26.92
C ALA A 1064 22.32 -21.45 -25.91
N ARG A 1065 21.76 -22.65 -26.09
CA ARG A 1065 20.57 -23.06 -25.34
C ARG A 1065 20.86 -23.20 -23.85
N ALA A 1066 22.00 -23.78 -23.49
CA ALA A 1066 22.32 -23.95 -22.08
C ALA A 1066 22.51 -22.61 -21.40
N GLU A 1067 23.21 -21.69 -22.08
CA GLU A 1067 23.43 -20.36 -21.53
C GLU A 1067 22.12 -19.60 -21.39
N ALA A 1068 21.25 -19.74 -22.40
CA ALA A 1068 19.95 -19.06 -22.36
C ALA A 1068 19.13 -19.52 -21.17
N GLU A 1069 19.16 -20.83 -20.88
CA GLU A 1069 18.47 -21.34 -19.70
C GLU A 1069 19.09 -20.80 -18.41
N ALA A 1070 20.42 -20.75 -18.35
CA ALA A 1070 21.09 -20.17 -17.20
C ALA A 1070 20.75 -18.69 -17.05
N ALA A 1071 20.63 -17.99 -18.17
CA ALA A 1071 20.24 -16.58 -18.10
C ALA A 1071 18.84 -16.42 -17.50
N ARG A 1072 17.89 -17.25 -17.93
CA ARG A 1072 16.54 -17.15 -17.37
C ARG A 1072 16.54 -17.52 -15.89
N ASN A 1073 17.35 -18.51 -15.50
CA ASN A 1073 17.43 -18.84 -14.09
C ASN A 1073 18.03 -17.68 -13.29
N ALA A 1074 19.03 -16.99 -13.87
CA ALA A 1074 19.55 -15.80 -13.19
C ALA A 1074 18.49 -14.72 -13.08
N GLY A 1075 17.68 -14.54 -14.12
CA GLY A 1075 16.62 -13.54 -14.05
C GLY A 1075 15.65 -13.80 -12.91
N SER A 1076 15.33 -15.08 -12.67
CA SER A 1076 14.43 -15.43 -11.57
C SER A 1076 15.11 -15.38 -10.22
N SER A 1077 16.37 -15.81 -10.13
CA SER A 1077 17.09 -15.84 -8.86
CA SER A 1077 17.05 -15.83 -8.84
CA SER A 1077 17.06 -15.83 -8.85
C SER A 1077 17.48 -14.44 -8.37
N SER A 1078 17.63 -13.49 -9.28
CA SER A 1078 17.98 -12.14 -8.87
C SER A 1078 16.94 -11.57 -7.91
N ALA A 1079 17.41 -10.82 -6.92
CA ALA A 1079 16.50 -10.16 -6.00
C ALA A 1079 16.42 -8.67 -6.29
N LEU A 1080 16.97 -8.24 -7.42
CA LEU A 1080 16.74 -6.89 -7.92
C LEU A 1080 15.27 -6.55 -7.89
N GLY A 1081 14.92 -5.42 -7.28
CA GLY A 1081 13.54 -5.00 -7.17
C GLY A 1081 12.91 -5.35 -5.83
N LEU A 1082 13.61 -6.08 -4.96
CA LEU A 1082 13.12 -6.27 -3.62
C LEU A 1082 12.81 -4.91 -3.01
N ASP A 1083 11.69 -4.83 -2.28
CA ASP A 1083 11.24 -3.54 -1.73
C ASP A 1083 10.45 -3.81 -0.44
N LEU A 1084 11.10 -3.63 0.70
CA LEU A 1084 10.51 -4.04 1.97
C LEU A 1084 10.39 -2.86 2.92
N GLU A 1085 9.41 -2.95 3.82
CA GLU A 1085 9.36 -2.01 4.93
C GLU A 1085 9.76 -2.77 6.18
N LEU A 1086 10.76 -2.24 6.90
CA LEU A 1086 11.31 -2.91 8.07
C LEU A 1086 10.61 -2.45 9.35
N PRO A 1087 10.34 -3.37 10.28
CA PRO A 1087 9.72 -2.99 11.55
C PRO A 1087 10.59 -2.01 12.33
N GLY A 1088 9.95 -1.06 12.99
CA GLY A 1088 10.66 -0.05 13.75
C GLY A 1088 9.69 0.78 14.58
N PRO A 1089 10.14 1.95 15.01
CA PRO A 1089 9.28 2.80 15.85
C PRO A 1089 8.12 3.37 15.06
N VAL A 1090 7.10 3.81 15.79
CA VAL A 1090 6.03 4.58 15.17
C VAL A 1090 6.57 5.91 14.70
N GLY A 1091 5.85 6.53 13.77
CA GLY A 1091 6.23 7.84 13.28
C GLY A 1091 7.42 7.84 12.37
N GLU A 1092 7.76 6.68 11.82
CA GLU A 1092 8.89 6.55 10.93
C GLU A 1092 8.60 5.40 9.98
N ARG A 1093 9.02 5.52 8.73
CA ARG A 1093 8.91 4.41 7.78
C ARG A 1093 10.32 4.07 7.31
N ASN A 1094 10.72 2.83 7.51
CA ASN A 1094 12.07 2.41 7.20
C ASN A 1094 12.04 1.38 6.09
N LEU A 1095 12.65 1.73 4.97
CA LEU A 1095 12.52 0.97 3.75
C LEU A 1095 13.87 0.42 3.34
N TYR A 1096 13.84 -0.75 2.70
CA TYR A 1096 15.04 -1.48 2.31
C TYR A 1096 14.80 -1.99 0.90
N THR A 1097 15.66 -1.61 -0.03
CA THR A 1097 15.43 -1.91 -1.45
C THR A 1097 16.74 -2.37 -2.10
N LEU A 1098 16.61 -3.24 -3.12
CA LEU A 1098 17.74 -3.75 -3.87
C LEU A 1098 17.70 -3.17 -5.28
N HIS A 1099 18.76 -2.47 -5.66
CA HIS A 1099 18.90 -1.80 -6.94
C HIS A 1099 20.10 -2.37 -7.67
N ALA A 1100 20.27 -1.97 -8.93
CA ALA A 1100 21.51 -2.32 -9.63
C ALA A 1100 22.70 -1.61 -8.98
N ARG A 1101 23.88 -2.23 -9.10
CA ARG A 1101 25.09 -1.63 -8.54
C ARG A 1101 25.63 -0.53 -9.44
N GLY A 1102 25.63 -0.74 -10.75
CA GLY A 1102 26.17 0.21 -11.70
C GLY A 1102 26.74 -0.47 -12.94
N ARG A 1103 27.99 -0.16 -13.31
CA ARG A 1103 28.66 -0.83 -14.41
C ARG A 1103 29.62 -1.86 -13.85
N ILE A 1104 29.42 -3.13 -14.19
CA ILE A 1104 30.27 -4.21 -13.70
C ILE A 1104 31.37 -4.47 -14.72
N LEU A 1105 32.62 -4.55 -14.26
CA LEU A 1105 33.75 -4.92 -15.11
C LEU A 1105 33.71 -6.43 -15.34
N LEU A 1106 33.70 -6.85 -16.60
CA LEU A 1106 33.67 -8.28 -16.91
C LEU A 1106 35.02 -8.67 -17.48
N VAL A 1107 35.64 -9.68 -16.89
CA VAL A 1107 36.93 -10.14 -17.39
C VAL A 1107 36.77 -11.62 -17.74
N PRO A 1108 36.22 -11.92 -18.90
CA PRO A 1108 35.98 -13.31 -19.28
C PRO A 1108 37.22 -13.95 -19.89
N ALA A 1109 37.15 -15.27 -20.00
CA ALA A 1109 38.16 -16.06 -20.69
C ALA A 1109 37.59 -16.80 -21.89
N THR A 1110 36.36 -17.30 -21.79
CA THR A 1110 35.75 -18.08 -22.85
C THR A 1110 34.42 -17.45 -23.22
N GLU A 1111 33.94 -17.77 -24.42
CA GLU A 1111 32.65 -17.25 -24.87
C GLU A 1111 31.53 -17.65 -23.91
N SER A 1112 31.51 -18.92 -23.46
CA SER A 1112 30.48 -19.34 -22.51
C SER A 1112 30.61 -18.59 -21.20
N GLY A 1113 31.83 -18.42 -20.70
CA GLY A 1113 32.02 -17.63 -19.50
C GLY A 1113 31.49 -16.22 -19.65
N LEU A 1114 31.78 -15.58 -20.79
CA LEU A 1114 31.26 -14.24 -21.05
C LEU A 1114 29.74 -14.23 -20.98
N TYR A 1115 29.10 -15.23 -21.60
CA TYR A 1115 27.64 -15.28 -21.58
C TYR A 1115 27.10 -15.43 -20.17
N HIS A 1116 27.73 -16.29 -19.37
CA HIS A 1116 27.30 -16.46 -17.98
C HIS A 1116 27.55 -15.19 -17.16
N GLN A 1117 28.68 -14.52 -17.37
CA GLN A 1117 28.93 -13.27 -16.65
C GLN A 1117 27.93 -12.19 -17.05
N LEU A 1118 27.64 -12.09 -18.34
CA LEU A 1118 26.68 -11.09 -18.80
C LEU A 1118 25.29 -11.36 -18.24
N ALA A 1119 24.89 -12.63 -18.19
CA ALA A 1119 23.58 -12.95 -17.62
C ALA A 1119 23.51 -12.52 -16.15
N ALA A 1120 24.52 -12.89 -15.34
CA ALA A 1120 24.52 -12.49 -13.93
C ALA A 1120 24.40 -10.97 -13.79
N ALA A 1121 25.18 -10.24 -14.59
CA ALA A 1121 25.19 -8.78 -14.47
C ALA A 1121 23.87 -8.17 -14.94
N LEU A 1122 23.34 -8.65 -16.07
CA LEU A 1122 22.08 -8.08 -16.58
C LEU A 1122 20.90 -8.43 -15.67
N ALA A 1123 20.88 -9.67 -15.15
CA ALA A 1123 19.78 -10.09 -14.27
C ALA A 1123 19.69 -9.23 -13.03
N THR A 1124 20.80 -8.61 -12.62
CA THR A 1124 20.83 -7.75 -11.45
C THR A 1124 20.78 -6.27 -11.82
N GLY A 1125 20.44 -5.95 -13.08
CA GLY A 1125 20.14 -4.58 -13.48
C GLY A 1125 21.32 -3.77 -13.95
N ASN A 1126 22.49 -4.37 -14.07
CA ASN A 1126 23.73 -3.63 -14.31
C ASN A 1126 24.02 -3.50 -15.80
N SER A 1127 24.83 -2.50 -16.11
CA SER A 1127 25.55 -2.42 -17.37
C SER A 1127 26.90 -3.11 -17.17
N VAL A 1128 27.61 -3.33 -18.28
CA VAL A 1128 28.88 -4.03 -18.18
C VAL A 1128 29.94 -3.32 -19.01
N ALA A 1129 31.19 -3.48 -18.58
CA ALA A 1129 32.35 -3.16 -19.38
C ALA A 1129 33.16 -4.45 -19.52
N ILE A 1130 33.28 -4.94 -20.75
CA ILE A 1130 33.91 -6.23 -21.02
C ILE A 1130 35.36 -5.99 -21.44
N ASP A 1131 36.27 -6.75 -20.86
CA ASP A 1131 37.68 -6.61 -21.20
C ASP A 1131 37.92 -6.87 -22.68
N ALA A 1132 38.36 -5.84 -23.41
CA ALA A 1132 38.64 -6.05 -24.83
C ALA A 1132 39.83 -6.96 -25.05
N ALA A 1133 40.72 -7.07 -24.06
CA ALA A 1133 41.87 -7.96 -24.20
C ALA A 1133 41.48 -9.44 -24.18
N SER A 1134 40.20 -9.76 -23.95
CA SER A 1134 39.76 -11.15 -23.98
C SER A 1134 39.69 -11.71 -25.39
N GLY A 1135 39.63 -10.86 -26.42
CA GLY A 1135 39.45 -11.33 -27.77
C GLY A 1135 38.10 -11.94 -28.07
N LEU A 1136 37.08 -11.67 -27.24
CA LEU A 1136 35.78 -12.30 -27.41
C LEU A 1136 34.75 -11.39 -28.09
N GLN A 1137 35.20 -10.34 -28.79
CA GLN A 1137 34.27 -9.39 -29.41
C GLN A 1137 33.34 -10.08 -30.41
N ALA A 1138 33.84 -11.04 -31.18
CA ALA A 1138 32.98 -11.71 -32.15
C ALA A 1138 31.93 -12.58 -31.48
N SER A 1139 31.96 -12.75 -30.16
CA SER A 1139 30.96 -13.57 -29.49
C SER A 1139 29.65 -12.83 -29.24
N LEU A 1140 29.60 -11.53 -29.51
CA LEU A 1140 28.44 -10.71 -29.20
C LEU A 1140 27.95 -9.97 -30.42
N LYS A 1141 27.90 -10.64 -31.56
CA LYS A 1141 27.43 -10.01 -32.79
C LYS A 1141 25.91 -9.93 -32.80
N ASN A 1142 25.40 -8.81 -33.32
CA ASN A 1142 23.96 -8.63 -33.49
C ASN A 1142 23.20 -8.67 -32.18
N LEU A 1143 23.79 -8.08 -31.14
CA LEU A 1143 23.05 -7.94 -29.88
C LEU A 1143 21.83 -7.06 -30.10
N PRO A 1144 20.71 -7.38 -29.47
CA PRO A 1144 19.56 -6.45 -29.48
C PRO A 1144 19.99 -5.10 -28.93
N GLN A 1145 19.33 -4.05 -29.43
CA GLN A 1145 19.71 -2.70 -29.03
C GLN A 1145 19.58 -2.52 -27.52
N THR A 1146 18.54 -3.11 -26.91
CA THR A 1146 18.37 -2.96 -25.47
C THR A 1146 19.58 -3.49 -24.71
N VAL A 1147 20.14 -4.61 -25.19
CA VAL A 1147 21.32 -5.17 -24.55
C VAL A 1147 22.56 -4.39 -24.94
N GLY A 1148 22.69 -4.03 -26.22
CA GLY A 1148 23.80 -3.19 -26.64
C GLY A 1148 23.93 -1.92 -25.83
N LEU A 1149 22.80 -1.33 -25.43
CA LEU A 1149 22.83 -0.12 -24.61
C LEU A 1149 23.57 -0.33 -23.30
N ARG A 1150 23.56 -1.56 -22.78
CA ARG A 1150 24.17 -1.86 -21.51
C ARG A 1150 25.60 -2.39 -21.62
N VAL A 1151 26.10 -2.61 -22.83
CA VAL A 1151 27.38 -3.28 -23.06
C VAL A 1151 28.39 -2.27 -23.60
N SER A 1152 29.56 -2.22 -22.99
CA SER A 1152 30.68 -1.49 -23.55
C SER A 1152 31.89 -2.39 -23.50
N TRP A 1153 32.86 -2.09 -24.36
CA TRP A 1153 34.15 -2.76 -24.33
C TRP A 1153 35.22 -1.81 -23.82
N SER A 1154 36.19 -2.35 -23.10
CA SER A 1154 37.19 -1.54 -22.42
C SER A 1154 38.57 -2.13 -22.66
N LYS A 1155 39.46 -1.33 -23.23
CA LYS A 1155 40.87 -1.69 -23.28
C LYS A 1155 41.62 -1.16 -22.07
N ASP A 1156 41.31 0.07 -21.65
CA ASP A 1156 41.97 0.74 -20.54
C ASP A 1156 40.93 0.84 -19.41
N TRP A 1157 40.96 -0.14 -18.51
CA TRP A 1157 39.92 -0.22 -17.48
C TRP A 1157 39.89 1.04 -16.63
N ALA A 1158 41.04 1.59 -16.26
CA ALA A 1158 41.06 2.77 -15.41
C ALA A 1158 40.39 3.97 -16.05
N ALA A 1159 40.34 4.02 -17.38
CA ALA A 1159 39.75 5.16 -18.06
C ALA A 1159 38.24 5.06 -18.15
N ASP A 1160 37.70 3.85 -18.13
CA ASP A 1160 36.30 3.60 -18.36
C ASP A 1160 35.51 3.42 -17.08
N GLY A 1161 36.12 3.73 -15.93
CA GLY A 1161 35.47 3.60 -14.66
C GLY A 1161 34.69 4.85 -14.30
N PRO A 1162 34.17 4.90 -13.06
CA PRO A 1162 34.30 3.88 -12.03
C PRO A 1162 33.40 2.69 -12.26
N PHE A 1163 33.84 1.52 -11.82
CA PHE A 1163 33.00 0.33 -11.84
C PHE A 1163 32.37 0.12 -10.47
N ALA A 1164 31.39 -0.76 -10.41
CA ALA A 1164 30.70 -1.07 -9.17
C ALA A 1164 30.89 -2.51 -8.72
N GLY A 1165 31.80 -3.24 -9.37
CA GLY A 1165 32.02 -4.64 -9.11
C GLY A 1165 32.69 -5.26 -10.32
N ALA A 1166 33.08 -6.52 -10.17
CA ALA A 1166 33.75 -7.20 -11.28
C ALA A 1166 33.46 -8.69 -11.24
N LEU A 1167 33.44 -9.31 -12.43
CA LEU A 1167 33.33 -10.76 -12.60
C LEU A 1167 34.53 -11.22 -13.41
N VAL A 1168 35.27 -12.21 -12.91
CA VAL A 1168 36.49 -12.67 -13.55
C VAL A 1168 36.37 -14.16 -13.81
N GLU A 1169 36.84 -14.58 -14.98
CA GLU A 1169 36.98 -16.00 -15.34
C GLU A 1169 38.44 -16.32 -15.64
N GLY A 1170 38.96 -17.37 -15.02
CA GLY A 1170 40.30 -17.79 -15.36
C GLY A 1170 40.76 -18.88 -14.43
N ASP A 1171 41.95 -19.41 -14.75
CA ASP A 1171 42.63 -20.27 -13.80
C ASP A 1171 43.21 -19.41 -12.68
N ALA A 1172 43.82 -20.09 -11.70
CA ALA A 1172 44.23 -19.40 -10.47
C ALA A 1172 45.18 -18.24 -10.76
N GLU A 1173 46.18 -18.48 -11.63
CA GLU A 1173 47.17 -17.44 -11.92
C GLU A 1173 46.54 -16.27 -12.68
N ARG A 1174 45.58 -16.56 -13.56
CA ARG A 1174 44.88 -15.49 -14.26
C ARG A 1174 44.06 -14.66 -13.29
N ILE A 1175 43.42 -15.31 -12.32
CA ILE A 1175 42.61 -14.59 -11.34
C ILE A 1175 43.49 -13.68 -10.48
N ARG A 1176 44.61 -14.21 -9.98
CA ARG A 1176 45.53 -13.37 -9.20
C ARG A 1176 46.01 -12.17 -10.02
N ALA A 1177 46.37 -12.39 -11.28
CA ALA A 1177 46.82 -11.31 -12.14
C ALA A 1177 45.74 -10.26 -12.35
N VAL A 1178 44.52 -10.71 -12.66
CA VAL A 1178 43.42 -9.77 -12.86
C VAL A 1178 43.10 -9.05 -11.56
N ASN A 1179 43.10 -9.77 -10.44
CA ASN A 1179 42.77 -9.17 -9.14
C ASN A 1179 43.75 -8.05 -8.80
N LYS A 1180 45.03 -8.23 -9.13
CA LYS A 1180 46.01 -7.17 -8.91
C LYS A 1180 45.75 -5.98 -9.82
N ALA A 1181 45.41 -6.23 -11.10
CA ALA A 1181 45.08 -5.12 -11.99
C ALA A 1181 43.84 -4.37 -11.53
N ILE A 1182 42.85 -5.08 -10.97
CA ILE A 1182 41.65 -4.41 -10.48
C ILE A 1182 41.97 -3.56 -9.26
N ALA A 1183 42.79 -4.10 -8.35
CA ALA A 1183 43.17 -3.33 -7.16
C ALA A 1183 43.88 -2.03 -7.54
N ALA A 1184 44.54 -1.98 -8.69
CA ALA A 1184 45.24 -0.78 -9.12
C ALA A 1184 44.33 0.23 -9.78
N LEU A 1185 43.06 -0.09 -10.00
CA LEU A 1185 42.13 0.89 -10.57
C LEU A 1185 41.87 2.00 -9.55
N PRO A 1186 41.94 3.27 -9.96
CA PRO A 1186 41.65 4.34 -9.03
C PRO A 1186 40.17 4.36 -8.66
N GLY A 1187 39.89 4.94 -7.50
CA GLY A 1187 38.53 5.10 -7.06
C GLY A 1187 38.05 3.99 -6.14
N PRO A 1188 36.82 3.53 -6.34
CA PRO A 1188 36.20 2.61 -5.38
C PRO A 1188 36.90 1.27 -5.34
N LEU A 1189 36.86 0.65 -4.16
CA LEU A 1189 37.32 -0.72 -3.99
C LEU A 1189 36.27 -1.66 -4.56
N LEU A 1190 36.60 -2.39 -5.61
CA LEU A 1190 35.59 -3.21 -6.28
C LEU A 1190 35.39 -4.53 -5.55
N LEU A 1191 34.12 -4.92 -5.40
CA LEU A 1191 33.81 -6.29 -4.98
C LEU A 1191 33.95 -7.19 -6.21
N VAL A 1192 34.96 -8.05 -6.18
CA VAL A 1192 35.36 -8.93 -7.29
C VAL A 1192 34.91 -10.35 -7.01
N GLN A 1193 34.32 -11.01 -8.00
CA GLN A 1193 34.02 -12.43 -7.93
C GLN A 1193 34.72 -13.16 -9.06
N ALA A 1194 35.32 -14.29 -8.72
CA ALA A 1194 36.13 -15.03 -9.67
C ALA A 1194 35.67 -16.48 -9.70
N ALA A 1195 35.83 -17.10 -10.87
CA ALA A 1195 35.50 -18.50 -11.05
C ALA A 1195 36.33 -19.03 -12.20
N SER A 1196 36.63 -20.33 -12.16
CA SER A 1196 37.28 -20.96 -13.30
C SER A 1196 36.25 -21.27 -14.37
N SER A 1197 36.74 -21.57 -15.57
CA SER A 1197 35.84 -22.04 -16.62
C SER A 1197 35.09 -23.28 -16.18
N GLY A 1198 35.79 -24.22 -15.52
CA GLY A 1198 35.14 -25.43 -15.08
C GLY A 1198 34.09 -25.17 -14.02
N GLU A 1199 34.37 -24.24 -13.12
CA GLU A 1199 33.39 -23.90 -12.09
C GLU A 1199 32.13 -23.31 -12.70
N ILE A 1200 32.27 -22.47 -13.72
CA ILE A 1200 31.09 -21.92 -14.37
C ILE A 1200 30.25 -23.04 -14.99
N ALA A 1201 30.93 -24.07 -15.51
CA ALA A 1201 30.19 -25.20 -16.10
C ALA A 1201 29.50 -26.05 -15.05
N ARG A 1202 30.10 -26.19 -13.86
CA ARG A 1202 29.59 -27.11 -12.85
C ARG A 1202 28.66 -26.46 -11.83
N ASN A 1203 28.86 -25.19 -11.50
CA ASN A 1203 28.11 -24.58 -10.42
C ASN A 1203 27.23 -23.45 -10.93
N PRO A 1204 25.90 -23.60 -10.91
CA PRO A 1204 25.03 -22.49 -11.33
C PRO A 1204 25.23 -21.23 -10.50
N ASP A 1205 25.73 -21.36 -9.27
CA ASP A 1205 25.99 -20.23 -8.40
C ASP A 1205 27.45 -19.82 -8.40
N ALA A 1206 28.18 -20.13 -9.47
CA ALA A 1206 29.61 -19.80 -9.53
C ALA A 1206 29.82 -18.33 -9.22
N TYR A 1207 28.97 -17.47 -9.78
CA TYR A 1207 28.89 -16.07 -9.42
C TYR A 1207 27.64 -15.87 -8.58
N CYS A 1208 27.76 -15.17 -7.46
CA CYS A 1208 26.65 -15.02 -6.56
C CYS A 1208 25.94 -13.70 -6.84
N LEU A 1209 24.64 -13.75 -7.04
CA LEU A 1209 23.92 -12.52 -7.40
C LEU A 1209 23.73 -11.55 -6.23
N ASN A 1210 23.97 -12.00 -4.98
CA ASN A 1210 23.85 -11.10 -3.82
C ASN A 1210 24.78 -9.89 -3.97
N TRP A 1211 25.96 -10.11 -4.56
CA TRP A 1211 26.99 -9.08 -4.59
C TRP A 1211 26.95 -8.25 -5.86
N LEU A 1212 25.94 -8.47 -6.71
CA LEU A 1212 25.74 -7.72 -7.94
C LEU A 1212 24.56 -6.75 -7.84
N VAL A 1213 23.92 -6.64 -6.68
CA VAL A 1213 22.89 -5.62 -6.41
C VAL A 1213 23.41 -4.68 -5.34
N GLU A 1214 22.78 -3.50 -5.26
CA GLU A 1214 23.11 -2.51 -4.26
C GLU A 1214 21.95 -2.38 -3.29
N GLU A 1215 22.26 -2.48 -1.99
CA GLU A 1215 21.30 -2.25 -0.93
C GLU A 1215 21.14 -0.76 -0.67
N VAL A 1216 19.89 -0.31 -0.55
CA VAL A 1216 19.57 1.07 -0.19
C VAL A 1216 18.60 1.05 0.98
N SER A 1217 18.92 1.81 2.01
CA SER A 1217 18.07 2.03 3.17
C SER A 1217 17.52 3.43 3.11
N ALA A 1218 16.25 3.60 3.43
CA ALA A 1218 15.66 4.93 3.46
C ALA A 1218 14.80 5.03 4.72
N SER A 1219 15.05 6.06 5.51
CA SER A 1219 14.31 6.32 6.74
C SER A 1219 13.59 7.64 6.57
N ILE A 1220 12.25 7.61 6.64
CA ILE A 1220 11.41 8.78 6.45
C ILE A 1220 10.73 9.11 7.77
N ASN A 1221 10.94 10.33 8.26
CA ASN A 1221 10.23 10.77 9.47
C ASN A 1221 8.81 11.12 9.06
N THR A 1222 7.85 10.28 9.45
CA THR A 1222 6.48 10.55 9.08
C THR A 1222 5.73 11.35 10.14
N ALA A 1223 6.40 11.71 11.22
CA ALA A 1223 5.85 12.61 12.23
C ALA A 1223 6.19 14.07 11.93
N ALA A 1224 6.83 14.33 10.78
CA ALA A 1224 7.48 15.62 10.54
C ALA A 1224 6.48 16.76 10.42
N ALA A 1225 5.23 16.50 10.00
CA ALA A 1225 4.24 17.55 9.87
C ALA A 1225 3.66 18.01 11.20
N GLY A 1226 3.94 17.31 12.30
CA GLY A 1226 3.45 17.71 13.60
C GLY A 1226 2.59 16.67 14.28
N GLY A 1227 2.48 15.49 13.68
CA GLY A 1227 1.65 14.45 14.26
C GLY A 1227 1.83 13.13 13.55
N ASN A 1228 1.22 12.10 14.13
CA ASN A 1228 1.33 10.72 13.65
C ASN A 1228 -0.05 10.22 13.25
N ALA A 1229 -0.30 10.15 11.94
CA ALA A 1229 -1.54 9.57 11.43
C ALA A 1229 -1.51 8.05 11.52
N PRO B 17 -42.26 -18.83 -35.52
CA PRO B 17 -42.56 -18.66 -34.09
C PRO B 17 -42.68 -17.19 -33.69
N ALA B 18 -43.80 -16.84 -33.05
CA ALA B 18 -44.02 -15.47 -32.62
C ALA B 18 -42.93 -15.03 -31.64
N PRO B 19 -42.53 -13.76 -31.67
CA PRO B 19 -41.42 -13.31 -30.82
C PRO B 19 -41.78 -13.39 -29.35
N PHE B 20 -40.89 -14.02 -28.57
CA PHE B 20 -40.89 -14.05 -27.11
C PHE B 20 -42.05 -14.83 -26.52
N ALA B 21 -42.77 -15.60 -27.32
CA ALA B 21 -43.87 -16.41 -26.80
C ALA B 21 -43.37 -17.43 -25.78
N ASP B 22 -42.20 -18.01 -26.01
CA ASP B 22 -41.63 -18.97 -25.07
C ASP B 22 -40.32 -18.48 -24.47
N PHE B 23 -40.29 -17.24 -24.00
CA PHE B 23 -39.01 -16.65 -23.55
C PHE B 23 -38.44 -17.40 -22.35
N ALA B 24 -39.20 -17.43 -21.25
CA ALA B 24 -38.76 -18.11 -20.03
C ALA B 24 -39.96 -18.56 -19.21
N PRO B 25 -40.74 -19.51 -19.73
CA PRO B 25 -41.89 -20.00 -18.96
C PRO B 25 -41.41 -20.76 -17.73
N PRO B 26 -42.03 -20.52 -16.58
CA PRO B 26 -41.60 -21.23 -15.36
C PRO B 26 -41.82 -22.74 -15.48
N VAL B 27 -41.10 -23.48 -14.62
CA VAL B 27 -41.31 -24.92 -14.56
C VAL B 27 -42.76 -25.23 -14.20
N ARG B 28 -43.35 -24.47 -13.29
CA ARG B 28 -44.73 -24.68 -12.87
C ARG B 28 -45.33 -23.33 -12.48
N PRO B 29 -46.66 -23.24 -12.41
CA PRO B 29 -47.27 -22.03 -11.85
C PRO B 29 -46.82 -21.82 -10.41
N GLN B 30 -46.49 -20.56 -10.09
CA GLN B 30 -45.97 -20.23 -8.77
C GLN B 30 -47.11 -20.15 -7.76
N SER B 31 -47.05 -21.00 -6.75
CA SER B 31 -48.01 -20.97 -5.66
C SER B 31 -47.80 -19.73 -4.80
N THR B 32 -48.76 -19.47 -3.91
CA THR B 32 -48.62 -18.34 -2.99
C THR B 32 -47.32 -18.44 -2.19
N LEU B 33 -46.99 -19.64 -1.71
CA LEU B 33 -45.76 -19.82 -0.94
C LEU B 33 -44.52 -19.58 -1.80
N ARG B 34 -44.55 -20.00 -3.08
CA ARG B 34 -43.40 -19.76 -3.94
C ARG B 34 -43.24 -18.27 -4.25
N ARG B 35 -44.37 -17.55 -4.41
CA ARG B 35 -44.29 -16.12 -4.67
C ARG B 35 -43.71 -15.37 -3.47
N ALA B 36 -44.05 -15.79 -2.25
CA ALA B 36 -43.50 -15.10 -1.09
C ALA B 36 -41.99 -15.23 -1.01
N ILE B 37 -41.46 -16.40 -1.41
CA ILE B 37 -40.02 -16.59 -1.50
C ILE B 37 -39.42 -15.59 -2.48
N THR B 38 -39.94 -15.58 -3.71
CA THR B 38 -39.41 -14.72 -4.75
C THR B 38 -39.50 -13.25 -4.34
N ALA B 39 -40.58 -12.88 -3.66
CA ALA B 39 -40.75 -11.49 -3.22
C ALA B 39 -39.66 -11.04 -2.24
N ALA B 40 -39.03 -11.97 -1.53
CA ALA B 40 -38.02 -11.59 -0.55
C ALA B 40 -36.61 -11.64 -1.12
N TYR B 41 -36.45 -12.02 -2.39
CA TYR B 41 -35.13 -12.27 -2.97
C TYR B 41 -34.13 -11.18 -2.60
N ARG B 42 -34.50 -9.92 -2.78
CA ARG B 42 -33.54 -8.84 -2.54
C ARG B 42 -34.13 -7.78 -1.64
N ARG B 43 -34.95 -8.21 -0.67
CA ARG B 43 -35.64 -7.29 0.22
C ARG B 43 -34.62 -6.45 0.99
N PRO B 44 -34.87 -5.16 1.19
CA PRO B 44 -33.95 -4.35 1.99
C PRO B 44 -33.67 -4.99 3.35
N GLU B 45 -32.41 -4.91 3.78
CA GLU B 45 -32.00 -5.52 5.05
C GLU B 45 -32.77 -4.94 6.23
N THR B 46 -33.16 -3.66 6.16
CA THR B 46 -33.93 -3.08 7.25
C THR B 46 -35.37 -3.61 7.31
N GLU B 47 -35.88 -4.17 6.21
CA GLU B 47 -37.19 -4.83 6.28
C GLU B 47 -37.08 -6.30 6.69
N CYS B 48 -35.98 -6.97 6.38
CA CYS B 48 -35.85 -8.38 6.75
C CYS B 48 -35.71 -8.56 8.26
N LEU B 49 -34.95 -7.70 8.91
CA LEU B 49 -34.53 -8.02 10.27
C LEU B 49 -35.61 -7.93 11.35
N PRO B 50 -36.54 -6.98 11.33
CA PRO B 50 -37.48 -6.86 12.48
C PRO B 50 -38.32 -8.11 12.71
N PRO B 51 -38.91 -8.73 11.67
CA PRO B 51 -39.61 -10.02 11.92
C PRO B 51 -38.68 -11.13 12.37
N LEU B 52 -37.43 -11.13 11.92
CA LEU B 52 -36.50 -12.15 12.37
C LEU B 52 -36.18 -11.95 13.85
N VAL B 53 -35.88 -10.71 14.25
CA VAL B 53 -35.66 -10.41 15.66
C VAL B 53 -36.83 -10.89 16.51
N GLU B 54 -38.06 -10.62 16.06
CA GLU B 54 -39.22 -11.03 16.85
C GLU B 54 -39.28 -12.54 16.99
N ALA B 55 -39.05 -13.27 15.89
CA ALA B 55 -39.06 -14.73 15.96
C ALA B 55 -37.90 -15.28 16.79
N ALA B 56 -36.76 -14.61 16.80
CA ALA B 56 -35.60 -15.12 17.51
C ALA B 56 -35.57 -14.69 18.97
N THR B 57 -36.63 -14.07 19.47
CA THR B 57 -36.65 -13.57 20.85
C THR B 57 -36.89 -14.70 21.84
N GLN B 58 -36.07 -14.75 22.88
CA GLN B 58 -36.21 -15.73 23.95
C GLN B 58 -36.19 -15.03 25.30
N SER B 59 -36.95 -15.58 26.24
CA SER B 59 -37.10 -14.99 27.58
C SER B 59 -35.76 -14.89 28.28
N LYS B 60 -35.73 -14.08 29.35
CA LYS B 60 -34.48 -13.85 30.08
C LYS B 60 -33.97 -15.13 30.75
N GLU B 61 -34.87 -16.03 31.13
CA GLU B 61 -34.43 -17.30 31.70
C GLU B 61 -33.71 -18.15 30.66
N ILE B 62 -34.35 -18.35 29.50
CA ILE B 62 -33.71 -19.11 28.43
C ILE B 62 -32.40 -18.45 28.00
N ARG B 63 -32.38 -17.11 27.94
CA ARG B 63 -31.17 -16.41 27.51
C ARG B 63 -30.03 -16.62 28.50
N ASP B 64 -30.32 -16.48 29.80
CA ASP B 64 -29.30 -16.68 30.82
C ASP B 64 -28.77 -18.10 30.77
N ALA B 65 -29.67 -19.08 30.74
CA ALA B 65 -29.25 -20.48 30.63
C ALA B 65 -28.42 -20.73 29.37
N ALA B 66 -28.68 -20.00 28.29
CA ALA B 66 -27.95 -20.21 27.05
C ALA B 66 -26.51 -19.73 27.16
N ALA B 67 -26.32 -18.49 27.60
CA ALA B 67 -24.97 -17.93 27.72
C ALA B 67 -24.11 -18.70 28.72
N SER B 68 -24.74 -19.41 29.67
CA SER B 68 -23.97 -20.24 30.58
C SER B 68 -23.53 -21.53 29.89
N THR B 69 -24.48 -22.22 29.25
CA THR B 69 -24.10 -23.35 28.40
C THR B 69 -23.04 -22.95 27.37
N ALA B 70 -23.17 -21.76 26.79
CA ALA B 70 -22.20 -21.32 25.78
C ALA B 70 -20.84 -21.04 26.39
N ARG B 71 -20.81 -20.43 27.58
CA ARG B 71 -19.53 -20.17 28.25
C ARG B 71 -18.82 -21.47 28.62
N LYS B 72 -19.58 -22.47 29.09
CA LYS B 72 -18.98 -23.76 29.38
C LYS B 72 -18.32 -24.36 28.15
N LEU B 73 -18.97 -24.22 26.98
CA LEU B 73 -18.42 -24.79 25.76
C LEU B 73 -17.14 -24.07 25.34
N ILE B 74 -17.14 -22.74 25.39
CA ILE B 74 -15.96 -22.00 24.97
C ILE B 74 -14.80 -22.25 25.92
N GLU B 75 -15.08 -22.32 27.22
CA GLU B 75 -14.03 -22.64 28.18
C GLU B 75 -13.44 -24.01 27.90
N ALA B 76 -14.31 -25.02 27.70
CA ALA B 76 -13.83 -26.37 27.41
C ALA B 76 -13.00 -26.40 26.12
N LEU B 77 -13.39 -25.61 25.11
CA LEU B 77 -12.66 -25.63 23.84
C LEU B 77 -11.30 -24.96 23.96
N ARG B 78 -11.25 -23.78 24.59
CA ARG B 78 -9.98 -23.08 24.75
C ARG B 78 -9.03 -23.78 25.72
N GLY B 79 -9.52 -24.75 26.49
CA GLY B 79 -8.67 -25.49 27.41
C GLY B 79 -8.01 -26.73 26.84
N LYS B 80 -8.35 -27.09 25.61
CA LYS B 80 -7.83 -28.30 24.98
C LYS B 80 -7.40 -28.03 23.53
N GLY B 85 -1.41 -29.63 14.17
CA GLY B 85 -0.02 -29.99 14.36
C GLY B 85 0.93 -29.16 13.50
N VAL B 86 0.36 -28.26 12.69
CA VAL B 86 1.22 -27.44 11.85
C VAL B 86 1.93 -26.39 12.71
N GLU B 87 1.31 -25.96 13.81
CA GLU B 87 1.96 -25.01 14.71
C GLU B 87 3.16 -25.64 15.40
N GLY B 88 3.04 -26.91 15.82
CA GLY B 88 4.16 -27.59 16.44
C GLY B 88 5.32 -27.82 15.49
N LEU B 89 5.03 -28.05 14.21
CA LEU B 89 6.08 -28.20 13.21
C LEU B 89 6.78 -26.87 12.98
N VAL B 90 6.01 -25.79 12.84
CA VAL B 90 6.59 -24.47 12.64
C VAL B 90 7.48 -24.11 13.82
N GLN B 91 7.06 -24.45 15.03
CA GLN B 91 7.83 -24.10 16.22
C GLN B 91 9.06 -25.01 16.37
N GLU B 92 8.92 -26.30 16.05
CA GLU B 92 10.05 -27.21 16.19
C GLU B 92 11.21 -26.81 15.28
N TYR B 93 10.92 -26.39 14.05
CA TYR B 93 11.98 -26.04 13.12
C TYR B 93 12.13 -24.55 12.93
N SER B 94 11.45 -23.75 13.75
CA SER B 94 11.54 -22.28 13.70
C SER B 94 11.32 -21.78 12.27
N LEU B 95 10.20 -22.21 11.69
CA LEU B 95 9.85 -21.84 10.34
C LEU B 95 9.15 -20.50 10.31
N SER B 96 9.46 -19.70 9.29
CA SER B 96 8.64 -18.56 8.98
C SER B 96 7.34 -19.04 8.34
N SER B 97 6.37 -18.12 8.23
CA SER B 97 5.14 -18.47 7.55
C SER B 97 5.39 -18.92 6.12
N GLN B 98 6.19 -18.15 5.37
CA GLN B 98 6.49 -18.52 3.99
C GLN B 98 7.22 -19.87 3.95
N GLU B 99 8.08 -20.14 4.93
CA GLU B 99 8.74 -21.44 4.94
C GLU B 99 7.74 -22.54 5.25
N GLY B 100 6.78 -22.27 6.13
CA GLY B 100 5.79 -23.28 6.44
C GLY B 100 4.89 -23.57 5.25
N VAL B 101 4.50 -22.52 4.52
CA VAL B 101 3.71 -22.72 3.31
C VAL B 101 4.51 -23.50 2.27
N ALA B 102 5.77 -23.12 2.09
CA ALA B 102 6.62 -23.77 1.09
C ALA B 102 6.81 -25.24 1.40
N LEU B 103 6.99 -25.56 2.67
CA LEU B 103 7.22 -26.94 3.06
C LEU B 103 5.98 -27.80 2.78
N MET B 104 4.80 -27.27 3.07
CA MET B 104 3.57 -28.02 2.80
C MET B 104 3.36 -28.21 1.30
N CYS B 105 3.71 -27.21 0.49
CA CYS B 105 3.65 -27.39 -0.95
C CYS B 105 4.59 -28.50 -1.40
N LEU B 106 5.82 -28.49 -0.87
CA LEU B 106 6.76 -29.57 -1.17
C LEU B 106 6.20 -30.90 -0.74
N ALA B 107 5.58 -30.96 0.45
CA ALA B 107 5.08 -32.22 0.97
C ALA B 107 3.90 -32.72 0.12
N GLU B 108 3.01 -31.81 -0.29
CA GLU B 108 1.93 -32.15 -1.20
C GLU B 108 2.45 -32.77 -2.48
N ALA B 109 3.52 -32.20 -3.05
CA ALA B 109 4.07 -32.77 -4.27
C ALA B 109 4.69 -34.13 -4.00
N LEU B 110 5.36 -34.28 -2.86
CA LEU B 110 5.96 -35.57 -2.54
C LEU B 110 4.90 -36.65 -2.36
N LEU B 111 3.71 -36.28 -1.89
CA LEU B 111 2.62 -37.23 -1.71
C LEU B 111 1.95 -37.63 -3.02
N ARG B 112 2.24 -36.93 -4.13
CA ARG B 112 1.78 -37.40 -5.42
C ARG B 112 2.59 -38.59 -5.93
N ILE B 113 3.68 -38.94 -5.24
CA ILE B 113 4.41 -40.18 -5.53
C ILE B 113 3.77 -41.28 -4.69
N PRO B 114 3.12 -42.27 -5.31
CA PRO B 114 2.28 -43.21 -4.53
C PRO B 114 3.09 -44.22 -3.72
N ASP B 115 4.23 -44.67 -4.25
CA ASP B 115 5.02 -45.71 -3.60
C ASP B 115 5.88 -45.09 -2.51
N THR B 116 5.65 -45.52 -1.26
CA THR B 116 6.40 -44.96 -0.14
C THR B 116 7.90 -45.11 -0.33
N ALA B 117 8.34 -46.25 -0.87
CA ALA B 117 9.76 -46.47 -1.08
C ALA B 117 10.34 -45.51 -2.10
N THR B 118 9.59 -45.23 -3.18
CA THR B 118 10.08 -44.29 -4.18
C THR B 118 10.14 -42.87 -3.62
N ARG B 119 9.12 -42.48 -2.84
CA ARG B 119 9.09 -41.15 -2.26
C ARG B 119 10.21 -40.97 -1.26
N ASP B 120 10.30 -41.88 -0.29
CA ASP B 120 11.32 -41.78 0.76
C ASP B 120 12.73 -41.79 0.17
N ALA B 121 12.91 -42.39 -1.01
CA ALA B 121 14.21 -42.39 -1.65
C ALA B 121 14.49 -41.08 -2.38
N LEU B 122 13.49 -40.52 -3.05
CA LEU B 122 13.67 -39.19 -3.62
C LEU B 122 14.07 -38.19 -2.56
N ILE B 123 13.46 -38.30 -1.38
CA ILE B 123 13.72 -37.36 -0.29
C ILE B 123 15.18 -37.45 0.13
N ARG B 124 15.65 -38.66 0.44
CA ARG B 124 16.97 -38.84 1.03
C ARG B 124 18.09 -38.48 0.06
N ASP B 125 17.87 -38.66 -1.24
CA ASP B 125 18.97 -38.61 -2.20
C ASP B 125 18.86 -37.49 -3.23
N LYS B 126 17.77 -36.75 -3.28
CA LYS B 126 17.70 -35.67 -4.26
C LYS B 126 17.22 -34.34 -3.67
N ILE B 127 16.33 -34.37 -2.68
CA ILE B 127 15.69 -33.15 -2.20
C ILE B 127 16.33 -32.63 -0.92
N ALA B 128 16.70 -33.52 0.01
CA ALA B 128 17.46 -33.12 1.18
C ALA B 128 18.77 -32.46 0.82
N ASP B 129 19.23 -32.60 -0.43
CA ASP B 129 20.41 -31.93 -0.94
C ASP B 129 20.07 -30.66 -1.70
N GLY B 130 18.83 -30.17 -1.58
CA GLY B 130 18.44 -28.89 -2.13
C GLY B 130 18.18 -28.86 -3.62
N ASN B 131 18.40 -29.96 -4.34
CA ASN B 131 18.16 -29.98 -5.78
C ASN B 131 16.69 -30.32 -6.07
N TRP B 132 15.80 -29.53 -5.48
CA TRP B 132 14.38 -29.85 -5.51
C TRP B 132 13.69 -29.33 -6.76
N LYS B 133 14.20 -28.27 -7.38
CA LYS B 133 13.58 -27.75 -8.59
C LYS B 133 13.65 -28.77 -9.74
N SER B 134 14.70 -29.58 -9.77
CA SER B 134 14.87 -30.60 -10.80
C SER B 134 13.88 -31.75 -10.60
N HIS B 135 14.04 -32.48 -9.49
CA HIS B 135 13.26 -33.69 -9.27
C HIS B 135 11.76 -33.42 -9.15
N LEU B 136 11.34 -32.20 -8.86
CA LEU B 136 9.92 -31.88 -8.78
C LEU B 136 9.63 -30.56 -9.51
N ARG B 140 5.07 -27.86 -13.86
CA ARG B 140 4.11 -27.29 -12.91
C ARG B 140 4.82 -26.81 -11.65
N SER B 141 4.54 -25.58 -11.25
CA SER B 141 5.16 -25.03 -10.07
C SER B 141 4.85 -25.91 -8.86
N LEU B 142 5.85 -26.10 -8.01
CA LEU B 142 5.58 -26.72 -6.72
C LEU B 142 4.51 -25.98 -5.94
N PHE B 143 4.31 -24.69 -6.22
CA PHE B 143 3.52 -23.82 -5.37
C PHE B 143 2.13 -23.51 -5.92
N VAL B 144 1.64 -24.33 -6.86
CA VAL B 144 0.33 -24.11 -7.48
C VAL B 144 -0.78 -23.96 -6.43
N ASN B 145 -0.70 -24.73 -5.35
CA ASN B 145 -1.71 -24.67 -4.29
C ASN B 145 -1.26 -23.90 -3.07
N ALA B 146 -0.29 -22.98 -3.23
CA ALA B 146 0.27 -22.32 -2.06
C ALA B 146 -0.76 -21.44 -1.33
N ALA B 147 -1.77 -20.96 -2.04
CA ALA B 147 -2.78 -20.11 -1.38
C ALA B 147 -3.57 -20.91 -0.34
N THR B 148 -3.92 -22.16 -0.67
CA THR B 148 -4.63 -23.00 0.27
C THR B 148 -3.77 -23.28 1.51
N TRP B 149 -2.52 -23.71 1.29
CA TRP B 149 -1.62 -23.92 2.42
C TRP B 149 -1.34 -22.63 3.18
N GLY B 150 -1.35 -21.48 2.48
CA GLY B 150 -1.22 -20.22 3.19
C GLY B 150 -2.36 -19.99 4.16
N LEU B 151 -3.57 -20.41 3.78
CA LEU B 151 -4.69 -20.40 4.70
C LEU B 151 -4.45 -21.35 5.87
N VAL B 152 -3.92 -22.54 5.60
CA VAL B 152 -3.64 -23.48 6.68
C VAL B 152 -2.60 -22.92 7.64
N VAL B 153 -1.55 -22.31 7.10
CA VAL B 153 -0.39 -21.93 7.91
C VAL B 153 -0.61 -20.59 8.60
N THR B 154 -1.10 -19.57 7.89
CA THR B 154 -1.22 -18.22 8.41
C THR B 154 -2.64 -17.78 8.72
N GLY B 155 -3.64 -18.46 8.17
CA GLY B 155 -5.02 -18.03 8.33
C GLY B 155 -5.50 -17.00 7.33
N LYS B 156 -4.65 -16.53 6.42
CA LYS B 156 -5.04 -15.56 5.42
C LYS B 156 -5.02 -16.18 4.03
N LEU B 157 -5.84 -15.64 3.13
CA LEU B 157 -5.91 -16.05 1.73
C LEU B 157 -5.45 -14.91 0.82
N THR B 158 -4.89 -15.25 -0.35
CA THR B 158 -4.25 -14.24 -1.19
C THR B 158 -4.67 -14.22 -2.67
N SER B 159 -5.24 -15.30 -3.20
CA SER B 159 -5.66 -15.42 -4.60
C SER B 159 -4.49 -15.72 -5.53
N THR B 160 -3.35 -15.05 -5.37
CA THR B 160 -2.15 -15.44 -6.13
C THR B 160 -0.97 -15.60 -5.17
N VAL B 161 0.09 -16.20 -5.70
CA VAL B 161 1.15 -16.80 -4.91
C VAL B 161 2.46 -16.11 -5.27
N ASN B 162 3.22 -15.69 -4.26
CA ASN B 162 4.56 -15.16 -4.52
C ASN B 162 5.49 -16.37 -4.61
N ASP B 163 5.63 -16.90 -5.82
CA ASP B 163 6.43 -18.11 -6.00
C ASP B 163 7.93 -17.85 -5.90
N ARG B 164 8.39 -16.61 -6.09
CA ARG B 164 9.81 -16.34 -5.83
C ARG B 164 10.10 -16.33 -4.33
N SER B 165 9.20 -15.76 -3.53
CA SER B 165 9.35 -15.81 -2.08
C SER B 165 9.29 -17.25 -1.58
N LEU B 166 8.38 -18.05 -2.12
CA LEU B 166 8.25 -19.44 -1.70
C LEU B 166 9.48 -20.25 -2.10
N ALA B 167 10.00 -20.03 -3.31
CA ALA B 167 11.19 -20.74 -3.76
C ALA B 167 12.38 -20.42 -2.87
N ALA B 168 12.58 -19.14 -2.55
CA ALA B 168 13.61 -18.74 -1.60
C ALA B 168 13.42 -19.41 -0.23
N ALA B 169 12.18 -19.45 0.26
CA ALA B 169 11.94 -20.01 1.59
C ALA B 169 12.17 -21.52 1.61
N LEU B 170 11.79 -22.21 0.53
CA LEU B 170 12.00 -23.65 0.52
C LEU B 170 13.49 -23.97 0.46
N THR B 171 14.23 -23.25 -0.39
CA THR B 171 15.68 -23.43 -0.38
C THR B 171 16.27 -23.15 0.99
N ARG B 172 15.82 -22.07 1.63
CA ARG B 172 16.37 -21.72 2.93
C ARG B 172 16.11 -22.81 3.94
N LEU B 173 14.87 -23.33 3.98
CA LEU B 173 14.53 -24.28 5.04
C LEU B 173 15.21 -25.62 4.82
N ILE B 174 15.35 -26.05 3.57
CA ILE B 174 16.04 -27.31 3.31
C ILE B 174 17.52 -27.17 3.63
N SER B 175 18.15 -26.07 3.21
CA SER B 175 19.58 -25.92 3.49
C SER B 175 19.86 -25.72 4.98
N ARG B 176 18.87 -25.28 5.74
CA ARG B 176 19.03 -25.11 7.18
C ARG B 176 18.76 -26.40 7.94
N CYS B 177 17.75 -27.16 7.53
CA CYS B 177 17.24 -28.27 8.34
C CYS B 177 17.27 -29.62 7.64
N GLY B 178 17.35 -29.67 6.32
CA GLY B 178 17.59 -30.94 5.66
C GLY B 178 16.41 -31.91 5.68
N GLU B 179 16.76 -33.19 5.51
CA GLU B 179 15.76 -34.26 5.46
C GLU B 179 14.82 -34.30 6.66
N PRO B 180 15.25 -34.09 7.91
CA PRO B 180 14.30 -34.22 9.01
C PRO B 180 13.10 -33.30 8.91
N VAL B 181 13.25 -32.09 8.36
CA VAL B 181 12.08 -31.22 8.27
C VAL B 181 11.20 -31.66 7.11
N ILE B 182 11.81 -32.18 6.03
CA ILE B 182 11.03 -32.70 4.91
C ILE B 182 10.17 -33.87 5.38
N ARG B 183 10.78 -34.84 6.08
CA ARG B 183 10.01 -35.98 6.58
C ARG B 183 8.86 -35.53 7.47
N ARG B 184 9.10 -34.59 8.38
CA ARG B 184 8.03 -34.07 9.23
C ARG B 184 6.92 -33.43 8.40
N GLY B 185 7.29 -32.67 7.36
CA GLY B 185 6.28 -32.03 6.54
C GLY B 185 5.43 -33.02 5.78
N VAL B 186 6.06 -34.03 5.18
CA VAL B 186 5.33 -35.09 4.49
C VAL B 186 4.35 -35.79 5.43
N ASP B 187 4.84 -36.19 6.61
CA ASP B 187 3.97 -36.87 7.57
C ASP B 187 2.82 -35.99 8.01
N MET B 188 3.07 -34.68 8.14
CA MET B 188 2.03 -33.74 8.52
C MET B 188 0.99 -33.60 7.41
N ALA B 189 1.44 -33.43 6.16
CA ALA B 189 0.50 -33.26 5.07
C ALA B 189 -0.32 -34.53 4.85
N MET B 190 0.32 -35.69 4.96
CA MET B 190 -0.40 -36.96 4.86
C MET B 190 -1.57 -37.00 5.85
N ARG B 191 -1.30 -36.69 7.13
CA ARG B 191 -2.35 -36.70 8.14
C ARG B 191 -3.45 -35.70 7.80
N MET B 192 -3.07 -34.46 7.47
CA MET B 192 -4.07 -33.45 7.19
C MET B 192 -4.90 -33.83 5.97
N MET B 193 -4.23 -34.14 4.86
CA MET B 193 -4.97 -34.42 3.63
C MET B 193 -5.64 -35.78 3.65
N GLY B 194 -5.21 -36.67 4.54
CA GLY B 194 -5.71 -38.04 4.54
C GLY B 194 -6.78 -38.30 5.58
N GLU B 195 -6.77 -37.53 6.67
CA GLU B 195 -7.61 -37.85 7.84
C GLU B 195 -8.31 -36.65 8.44
N GLN B 196 -7.83 -35.42 8.22
CA GLN B 196 -8.47 -34.23 8.77
C GLN B 196 -9.34 -33.51 7.75
N PHE B 197 -8.80 -33.21 6.57
CA PHE B 197 -9.61 -32.56 5.55
C PHE B 197 -10.64 -33.50 4.97
N VAL B 198 -10.31 -34.79 4.85
CA VAL B 198 -11.29 -35.78 4.45
C VAL B 198 -11.34 -36.84 5.53
N THR B 199 -12.50 -37.47 5.65
CA THR B 199 -12.62 -38.61 6.55
C THR B 199 -11.92 -39.83 5.95
N GLY B 200 -11.83 -39.90 4.63
CA GLY B 200 -11.05 -40.93 3.98
C GLY B 200 -10.97 -40.65 2.49
N GLU B 201 -10.00 -41.29 1.84
CA GLU B 201 -9.82 -41.12 0.41
C GLU B 201 -10.90 -41.85 -0.39
N THR B 202 -11.40 -42.96 0.15
CA THR B 202 -12.47 -43.72 -0.48
C THR B 202 -13.60 -43.89 0.54
N ILE B 203 -14.80 -44.20 0.03
CA ILE B 203 -15.93 -44.44 0.93
C ILE B 203 -15.64 -45.63 1.85
N ARG B 204 -14.88 -46.61 1.35
CA ARG B 204 -14.51 -47.76 2.17
C ARG B 204 -13.69 -47.33 3.38
N GLU B 205 -12.68 -46.49 3.15
CA GLU B 205 -11.85 -46.03 4.26
C GLU B 205 -12.64 -45.14 5.20
N ALA B 206 -13.52 -44.29 4.65
CA ALA B 206 -14.27 -43.37 5.48
C ALA B 206 -15.29 -44.11 6.35
N LEU B 207 -15.88 -45.18 5.82
CA LEU B 207 -16.86 -45.94 6.60
C LEU B 207 -16.19 -46.64 7.77
N LYS B 208 -15.00 -47.23 7.55
CA LYS B 208 -14.30 -47.87 8.65
C LYS B 208 -13.83 -46.85 9.69
N ARG B 209 -13.52 -45.63 9.27
CA ARG B 209 -13.09 -44.61 10.22
C ARG B 209 -14.25 -43.98 10.95
N SER B 210 -15.48 -44.24 10.54
CA SER B 210 -16.65 -43.66 11.19
C SER B 210 -17.13 -44.44 12.40
N LYS B 211 -16.73 -45.72 12.54
CA LYS B 211 -17.26 -46.55 13.61
C LYS B 211 -16.93 -45.97 14.99
N GLU B 212 -15.75 -45.37 15.13
CA GLU B 212 -15.30 -44.92 16.46
C GLU B 212 -16.23 -43.86 17.02
N LEU B 213 -16.55 -42.83 16.23
CA LEU B 213 -17.43 -41.78 16.72
C LEU B 213 -18.89 -42.18 16.68
N GLU B 214 -19.29 -43.07 15.76
CA GLU B 214 -20.65 -43.60 15.78
C GLU B 214 -20.95 -44.34 17.08
N GLU B 215 -19.98 -45.10 17.59
CA GLU B 215 -20.19 -45.81 18.85
C GLU B 215 -20.31 -44.85 20.02
N LYS B 216 -19.79 -43.64 19.89
CA LYS B 216 -19.95 -42.60 20.90
C LYS B 216 -21.24 -41.81 20.72
N GLY B 217 -21.99 -42.05 19.65
CA GLY B 217 -23.28 -41.41 19.43
C GLY B 217 -23.35 -40.49 18.23
N PHE B 218 -22.23 -40.26 17.54
CA PHE B 218 -22.30 -39.44 16.33
C PHE B 218 -22.93 -40.22 15.19
N SER B 219 -23.38 -39.49 14.18
CA SER B 219 -23.78 -40.09 12.92
C SER B 219 -23.05 -39.35 11.80
N TYR B 220 -23.25 -39.80 10.56
CA TYR B 220 -22.46 -39.29 9.45
C TYR B 220 -23.32 -38.98 8.24
N SER B 221 -22.85 -38.04 7.44
CA SER B 221 -23.37 -37.76 6.12
C SER B 221 -22.16 -37.55 5.22
N TYR B 222 -22.01 -38.39 4.21
CA TYR B 222 -20.79 -38.41 3.41
C TYR B 222 -20.91 -37.51 2.20
N ASP B 223 -19.87 -36.73 1.96
CA ASP B 223 -19.80 -35.75 0.88
C ASP B 223 -18.74 -36.25 -0.10
N MET B 224 -19.17 -36.78 -1.23
CA MET B 224 -18.25 -37.44 -2.15
C MET B 224 -17.39 -36.46 -2.94
N LEU B 225 -17.33 -35.20 -2.52
CA LEU B 225 -16.50 -34.16 -3.12
C LEU B 225 -16.59 -34.17 -4.64
N GLY B 226 -17.68 -33.59 -5.14
CA GLY B 226 -17.89 -33.32 -6.55
C GLY B 226 -18.85 -32.15 -6.66
N GLU B 227 -18.61 -31.25 -7.60
CA GLU B 227 -19.53 -30.14 -7.83
C GLU B 227 -19.14 -29.46 -9.12
N ALA B 228 -20.08 -28.67 -9.64
CA ALA B 228 -19.88 -27.88 -10.86
C ALA B 228 -19.28 -28.75 -11.97
N ALA B 229 -20.09 -29.72 -12.41
CA ALA B 229 -19.76 -30.47 -13.60
C ALA B 229 -19.58 -29.51 -14.79
N THR B 230 -18.44 -29.63 -15.48
CA THR B 230 -18.17 -28.84 -16.67
C THR B 230 -18.65 -29.53 -17.96
N THR B 231 -18.52 -30.84 -18.02
CA THR B 231 -18.86 -31.60 -19.21
C THR B 231 -19.90 -32.67 -18.87
N ALA B 232 -20.54 -33.20 -19.92
CA ALA B 232 -21.45 -34.32 -19.72
C ALA B 232 -20.74 -35.48 -19.04
N ALA B 233 -19.48 -35.74 -19.41
CA ALA B 233 -18.77 -36.89 -18.86
C ALA B 233 -18.49 -36.69 -17.36
N ASP B 234 -18.17 -35.44 -16.96
CA ASP B 234 -18.04 -35.14 -15.55
C ASP B 234 -19.31 -35.49 -14.79
N ALA B 235 -20.45 -35.03 -15.31
CA ALA B 235 -21.72 -35.24 -14.62
C ALA B 235 -22.08 -36.72 -14.55
N GLU B 236 -21.80 -37.47 -15.61
CA GLU B 236 -22.09 -38.89 -15.58
C GLU B 236 -21.21 -39.60 -14.57
N ARG B 237 -19.95 -39.19 -14.45
CA ARG B 237 -19.06 -39.80 -13.47
C ARG B 237 -19.51 -39.46 -12.05
N TYR B 238 -19.86 -38.20 -11.80
CA TYR B 238 -20.36 -37.83 -10.46
C TYR B 238 -21.59 -38.64 -10.11
N TYR B 239 -22.49 -38.84 -11.07
CA TYR B 239 -23.66 -39.67 -10.80
C TYR B 239 -23.26 -41.08 -10.42
N ARG B 240 -22.34 -41.67 -11.19
CA ARG B 240 -21.93 -43.04 -10.90
C ARG B 240 -21.18 -43.14 -9.57
N ASP B 241 -20.43 -42.10 -9.22
CA ASP B 241 -19.79 -42.05 -7.91
C ASP B 241 -20.81 -41.96 -6.77
N TYR B 242 -21.86 -41.14 -6.93
CA TYR B 242 -22.91 -41.09 -5.91
C TYR B 242 -23.62 -42.43 -5.79
N GLU B 243 -23.97 -43.03 -6.92
CA GLU B 243 -24.64 -44.33 -6.94
C GLU B 243 -23.80 -45.39 -6.23
N SER B 244 -22.51 -45.44 -6.56
CA SER B 244 -21.62 -46.39 -5.91
C SER B 244 -21.55 -46.15 -4.40
N ALA B 245 -21.45 -44.87 -3.99
CA ALA B 245 -21.35 -44.57 -2.56
C ALA B 245 -22.63 -44.91 -1.82
N ILE B 246 -23.79 -44.70 -2.45
CA ILE B 246 -25.05 -45.04 -1.80
C ILE B 246 -25.11 -46.54 -1.51
N HIS B 247 -24.60 -47.37 -2.44
CA HIS B 247 -24.56 -48.81 -2.18
C HIS B 247 -23.68 -49.12 -0.98
N ALA B 248 -22.52 -48.49 -0.89
CA ALA B 248 -21.63 -48.73 0.24
C ALA B 248 -22.24 -48.23 1.54
N ILE B 249 -22.73 -46.99 1.55
CA ILE B 249 -23.30 -46.40 2.77
C ILE B 249 -24.51 -47.18 3.21
N GLY B 250 -25.41 -47.49 2.26
CA GLY B 250 -26.60 -48.25 2.60
C GLY B 250 -26.29 -49.61 3.20
N LYS B 251 -25.29 -50.31 2.64
CA LYS B 251 -24.92 -51.60 3.21
C LYS B 251 -24.27 -51.42 4.58
N ALA B 252 -23.45 -50.39 4.75
CA ALA B 252 -22.88 -50.08 6.06
C ALA B 252 -23.97 -49.73 7.07
N SER B 253 -24.97 -48.95 6.65
CA SER B 253 -26.07 -48.57 7.54
C SER B 253 -26.71 -49.80 8.18
N ALA B 254 -26.87 -50.87 7.40
CA ALA B 254 -27.41 -52.15 7.89
C ALA B 254 -28.74 -51.96 8.60
N GLY B 255 -29.60 -51.13 8.00
CA GLY B 255 -30.95 -50.94 8.51
C GLY B 255 -31.07 -50.11 9.76
N ARG B 256 -30.01 -49.38 10.13
CA ARG B 256 -30.06 -48.52 11.30
C ARG B 256 -30.99 -47.33 11.12
N GLY B 257 -31.45 -47.07 9.90
CA GLY B 257 -32.42 -46.02 9.65
C GLY B 257 -31.77 -44.66 9.49
N ILE B 258 -32.60 -43.68 9.10
CA ILE B 258 -32.07 -42.40 8.65
C ILE B 258 -31.59 -41.49 9.78
N TYR B 259 -31.87 -41.82 11.04
CA TYR B 259 -31.40 -40.98 12.15
C TYR B 259 -30.13 -41.54 12.79
N GLU B 260 -30.10 -42.83 13.09
CA GLU B 260 -28.88 -43.41 13.65
C GLU B 260 -27.87 -43.72 12.56
N GLY B 261 -28.33 -44.16 11.40
CA GLY B 261 -27.45 -44.60 10.34
C GLY B 261 -26.89 -43.45 9.53
N PRO B 262 -25.91 -43.78 8.68
CA PRO B 262 -25.30 -42.76 7.84
C PRO B 262 -26.15 -42.42 6.63
N GLY B 263 -25.85 -41.26 6.05
CA GLY B 263 -26.53 -40.78 4.88
C GLY B 263 -25.52 -40.22 3.89
N ILE B 264 -26.04 -39.65 2.81
CA ILE B 264 -25.22 -39.07 1.76
C ILE B 264 -25.74 -37.67 1.47
N SER B 265 -24.81 -36.78 1.12
CA SER B 265 -25.10 -35.43 0.65
C SER B 265 -24.63 -35.30 -0.79
N ILE B 266 -25.46 -34.66 -1.63
CA ILE B 266 -25.12 -34.48 -3.03
C ILE B 266 -25.25 -33.01 -3.38
N LYS B 267 -24.60 -32.62 -4.46
CA LYS B 267 -24.76 -31.27 -5.01
C LYS B 267 -25.38 -31.38 -6.39
N LEU B 268 -26.44 -30.62 -6.63
CA LEU B 268 -27.12 -30.70 -7.92
C LEU B 268 -26.22 -30.24 -9.06
N SER B 269 -25.33 -29.27 -8.81
CA SER B 269 -24.43 -28.83 -9.87
C SER B 269 -23.46 -29.93 -10.30
N ALA B 270 -23.27 -30.95 -9.47
CA ALA B 270 -22.42 -32.06 -9.88
C ALA B 270 -23.09 -32.96 -10.91
N LEU B 271 -24.41 -32.89 -11.02
CA LEU B 271 -25.17 -33.88 -11.78
C LEU B 271 -25.56 -33.39 -13.16
N HIS B 272 -25.19 -32.16 -13.54
CA HIS B 272 -25.56 -31.67 -14.86
C HIS B 272 -24.65 -30.49 -15.18
N PRO B 273 -24.11 -30.39 -16.40
CA PRO B 273 -23.21 -29.27 -16.71
C PRO B 273 -23.90 -27.92 -16.86
N ARG B 274 -25.23 -27.87 -16.99
CA ARG B 274 -25.94 -26.62 -17.19
C ARG B 274 -27.03 -26.48 -16.12
N TYR B 275 -26.64 -26.58 -14.87
CA TYR B 275 -27.60 -26.46 -13.77
C TYR B 275 -27.85 -24.99 -13.50
N SER B 276 -28.92 -24.43 -14.10
CA SER B 276 -29.22 -23.02 -13.94
C SER B 276 -30.64 -22.73 -14.39
N ARG B 277 -31.20 -21.64 -13.88
CA ARG B 277 -32.56 -21.26 -14.25
C ARG B 277 -32.70 -21.08 -15.76
N ALA B 278 -31.65 -20.58 -16.44
CA ALA B 278 -31.75 -20.37 -17.87
C ALA B 278 -31.94 -21.67 -18.64
N GLN B 279 -31.52 -22.80 -18.07
CA GLN B 279 -31.66 -24.11 -18.69
C GLN B 279 -32.61 -25.01 -17.91
N ALA B 280 -33.63 -24.42 -17.29
CA ALA B 280 -34.57 -25.15 -16.45
C ALA B 280 -35.21 -26.33 -17.18
N ALA B 281 -35.47 -26.18 -18.48
CA ALA B 281 -36.02 -27.30 -19.24
C ALA B 281 -35.09 -28.49 -19.20
N ARG B 282 -33.81 -28.27 -19.49
CA ARG B 282 -32.84 -29.36 -19.44
C ARG B 282 -32.68 -29.90 -18.02
N VAL B 283 -32.75 -29.02 -17.02
CA VAL B 283 -32.59 -29.46 -15.65
C VAL B 283 -33.71 -30.40 -15.25
N MET B 284 -34.97 -30.03 -15.56
CA MET B 284 -36.08 -30.90 -15.20
C MET B 284 -36.09 -32.20 -16.01
N GLY B 285 -35.61 -32.17 -17.24
CA GLY B 285 -35.68 -33.33 -18.10
C GLY B 285 -34.51 -34.28 -17.98
N GLU B 286 -33.35 -33.78 -17.55
CA GLU B 286 -32.13 -34.55 -17.52
C GLU B 286 -31.54 -34.70 -16.13
N LEU B 287 -31.47 -33.61 -15.37
CA LEU B 287 -30.93 -33.66 -14.02
C LEU B 287 -31.89 -34.38 -13.07
N LEU B 288 -33.18 -34.01 -13.10
CA LEU B 288 -34.13 -34.58 -12.16
C LEU B 288 -34.20 -36.11 -12.19
N PRO B 289 -34.28 -36.78 -13.36
CA PRO B 289 -34.30 -38.25 -13.33
C PRO B 289 -33.08 -38.86 -12.67
N ARG B 290 -31.93 -38.19 -12.75
CA ARG B 290 -30.76 -38.67 -12.06
CA ARG B 290 -30.75 -38.67 -12.06
C ARG B 290 -30.92 -38.58 -10.55
N VAL B 291 -31.44 -37.44 -10.05
CA VAL B 291 -31.68 -37.32 -8.61
C VAL B 291 -32.69 -38.37 -8.16
N LYS B 292 -33.72 -38.60 -8.96
CA LYS B 292 -34.75 -39.55 -8.55
C LYS B 292 -34.15 -40.95 -8.40
N ALA B 293 -33.30 -41.34 -9.35
CA ALA B 293 -32.69 -42.66 -9.29
C ALA B 293 -31.84 -42.82 -8.03
N LEU B 294 -31.05 -41.80 -7.70
CA LEU B 294 -30.24 -41.85 -6.48
C LEU B 294 -31.13 -41.91 -5.25
N ALA B 295 -32.17 -41.08 -5.22
CA ALA B 295 -33.09 -41.11 -4.08
C ALA B 295 -33.80 -42.45 -3.98
N LEU B 296 -34.13 -43.06 -5.11
CA LEU B 296 -34.71 -44.40 -5.10
C LEU B 296 -33.78 -45.41 -4.44
N LEU B 297 -32.48 -45.32 -4.73
CA LEU B 297 -31.52 -46.22 -4.08
C LEU B 297 -31.38 -45.92 -2.60
N ALA B 298 -31.33 -44.63 -2.23
CA ALA B 298 -31.24 -44.27 -0.81
C ALA B 298 -32.47 -44.77 -0.05
N LYS B 299 -33.64 -44.74 -0.68
CA LYS B 299 -34.84 -45.26 -0.05
C LYS B 299 -34.75 -46.76 0.14
N ASN B 300 -34.22 -47.48 -0.85
CA ASN B 300 -34.14 -48.93 -0.72
C ASN B 300 -33.23 -49.34 0.43
N TYR B 301 -32.24 -48.52 0.77
CA TYR B 301 -31.39 -48.78 1.92
C TYR B 301 -31.86 -48.08 3.19
N ASP B 302 -32.89 -47.25 3.10
CA ASP B 302 -33.39 -46.41 4.20
C ASP B 302 -32.27 -45.56 4.81
N ILE B 303 -31.63 -44.78 3.95
CA ILE B 303 -30.65 -43.80 4.38
C ILE B 303 -31.12 -42.42 3.93
N GLY B 304 -30.54 -41.40 4.55
CA GLY B 304 -30.82 -40.05 4.16
C GLY B 304 -30.07 -39.66 2.89
N LEU B 305 -30.72 -38.85 2.08
CA LEU B 305 -30.09 -38.25 0.90
C LEU B 305 -30.36 -36.76 0.99
N ASN B 306 -29.30 -35.98 1.13
CA ASN B 306 -29.41 -34.53 1.35
C ASN B 306 -28.93 -33.76 0.13
N ILE B 307 -29.70 -32.74 -0.24
CA ILE B 307 -29.34 -31.83 -1.33
C ILE B 307 -28.70 -30.59 -0.71
N ASP B 308 -27.40 -30.44 -0.93
CA ASP B 308 -26.67 -29.25 -0.50
C ASP B 308 -27.21 -28.02 -1.20
N ALA B 309 -27.11 -26.87 -0.55
CA ALA B 309 -27.52 -25.60 -1.13
C ALA B 309 -26.30 -24.87 -1.66
N GLU B 310 -26.45 -24.25 -2.84
CA GLU B 310 -25.34 -23.63 -3.54
C GLU B 310 -25.55 -22.13 -3.71
N GLU B 311 -25.31 -21.59 -4.90
CA GLU B 311 -25.42 -20.15 -5.12
C GLU B 311 -26.87 -19.69 -4.97
N ALA B 312 -27.03 -18.38 -4.71
CA ALA B 312 -28.38 -17.85 -4.49
C ALA B 312 -29.24 -18.02 -5.74
N ASP B 313 -28.66 -17.96 -6.94
CA ASP B 313 -29.52 -18.06 -8.11
C ASP B 313 -29.90 -19.49 -8.47
N ARG B 314 -29.54 -20.48 -7.63
CA ARG B 314 -30.00 -21.85 -7.81
C ARG B 314 -31.02 -22.27 -6.75
N LEU B 315 -31.30 -21.42 -5.76
CA LEU B 315 -32.18 -21.83 -4.66
C LEU B 315 -33.57 -22.21 -5.16
N GLU B 316 -34.23 -21.28 -5.86
CA GLU B 316 -35.61 -21.54 -6.25
C GLU B 316 -35.69 -22.66 -7.29
N LEU B 317 -34.71 -22.76 -8.18
CA LEU B 317 -34.69 -23.86 -9.14
C LEU B 317 -34.66 -25.19 -8.40
N SER B 318 -33.84 -25.30 -7.34
CA SER B 318 -33.76 -26.57 -6.61
C SER B 318 -35.10 -26.92 -5.95
N LEU B 319 -35.92 -25.92 -5.62
CA LEU B 319 -37.22 -26.23 -5.01
C LEU B 319 -38.14 -26.95 -5.97
N ASP B 320 -38.03 -26.68 -7.27
CA ASP B 320 -38.83 -27.42 -8.24
C ASP B 320 -38.46 -28.89 -8.27
N LEU B 321 -37.19 -29.21 -8.02
CA LEU B 321 -36.81 -30.61 -7.93
C LEU B 321 -37.32 -31.23 -6.64
N LEU B 322 -37.20 -30.49 -5.53
CA LEU B 322 -37.71 -30.98 -4.26
C LEU B 322 -39.19 -31.28 -4.36
N GLU B 323 -39.94 -30.43 -5.07
CA GLU B 323 -41.38 -30.64 -5.21
C GLU B 323 -41.67 -31.98 -5.87
N VAL B 324 -40.99 -32.29 -6.97
CA VAL B 324 -41.28 -33.52 -7.70
C VAL B 324 -40.89 -34.75 -6.87
N LEU B 325 -39.71 -34.70 -6.23
CA LEU B 325 -39.25 -35.84 -5.45
C LEU B 325 -40.20 -36.13 -4.30
N CYS B 326 -40.75 -35.08 -3.67
CA CYS B 326 -41.60 -35.32 -2.50
C CYS B 326 -42.97 -35.85 -2.89
N LEU B 327 -43.43 -35.55 -4.11
CA LEU B 327 -44.71 -36.08 -4.60
C LEU B 327 -44.55 -37.37 -5.40
N ASP B 328 -43.33 -37.81 -5.65
CA ASP B 328 -43.08 -39.01 -6.43
C ASP B 328 -43.42 -40.25 -5.61
N GLY B 329 -44.51 -40.94 -5.97
CA GLY B 329 -44.95 -42.13 -5.24
C GLY B 329 -43.95 -43.29 -5.23
N ASP B 330 -42.95 -43.28 -6.11
CA ASP B 330 -41.91 -44.29 -6.04
C ASP B 330 -41.12 -44.18 -4.75
N LEU B 331 -41.07 -42.99 -4.14
CA LEU B 331 -40.37 -42.77 -2.87
C LEU B 331 -41.32 -42.82 -1.67
N SER B 332 -42.51 -43.40 -1.84
CA SER B 332 -43.55 -43.42 -0.82
C SER B 332 -43.02 -43.91 0.53
N GLY B 333 -43.22 -43.09 1.56
CA GLY B 333 -42.88 -43.47 2.92
C GLY B 333 -41.44 -43.22 3.34
N TRP B 334 -40.56 -42.91 2.39
CA TRP B 334 -39.16 -42.61 2.68
C TRP B 334 -39.04 -41.20 3.23
N ASN B 335 -38.63 -41.08 4.50
CA ASN B 335 -38.41 -39.80 5.12
C ASN B 335 -36.97 -39.33 5.02
N GLY B 336 -36.21 -39.89 4.09
CA GLY B 336 -34.81 -39.58 4.04
C GLY B 336 -34.42 -38.44 3.15
N MET B 337 -35.37 -37.82 2.45
CA MET B 337 -35.02 -36.67 1.61
C MET B 337 -34.54 -35.52 2.49
N GLY B 338 -33.37 -34.98 2.15
CA GLY B 338 -32.81 -33.88 2.90
C GLY B 338 -32.63 -32.65 2.01
N PHE B 339 -32.69 -31.48 2.63
CA PHE B 339 -32.62 -30.23 1.88
C PHE B 339 -32.01 -29.17 2.77
N VAL B 340 -30.99 -28.49 2.28
CA VAL B 340 -30.30 -27.43 3.02
C VAL B 340 -30.98 -26.10 2.72
N VAL B 341 -31.15 -25.27 3.76
CA VAL B 341 -31.55 -23.88 3.61
C VAL B 341 -30.51 -23.01 4.31
N GLN B 342 -30.19 -21.87 3.68
CA GLN B 342 -29.08 -21.02 4.11
C GLN B 342 -29.65 -19.82 4.87
N ALA B 343 -29.37 -19.75 6.17
CA ALA B 343 -29.87 -18.65 7.00
C ALA B 343 -29.30 -17.30 6.60
N TYR B 344 -28.13 -17.27 5.93
CA TYR B 344 -27.67 -15.94 5.52
C TYR B 344 -28.47 -15.38 4.35
N GLY B 345 -29.41 -16.15 3.81
CA GLY B 345 -30.22 -15.70 2.70
C GLY B 345 -31.51 -15.05 3.19
N LYS B 346 -31.92 -14.00 2.48
CA LYS B 346 -33.09 -13.26 2.88
C LYS B 346 -34.37 -14.06 2.69
N ARG B 347 -34.33 -15.09 1.86
CA ARG B 347 -35.54 -15.85 1.58
C ARG B 347 -35.74 -17.00 2.55
N CYS B 348 -34.76 -17.27 3.42
CA CYS B 348 -34.73 -18.47 4.25
C CYS B 348 -36.02 -18.74 5.02
N PRO B 349 -36.64 -17.78 5.74
CA PRO B 349 -37.87 -18.13 6.45
C PRO B 349 -39.01 -18.48 5.52
N PHE B 350 -39.09 -17.84 4.36
CA PHE B 350 -40.15 -18.15 3.42
C PHE B 350 -39.90 -19.49 2.73
N VAL B 351 -38.63 -19.83 2.50
CA VAL B 351 -38.32 -21.15 1.96
C VAL B 351 -38.73 -22.24 2.95
N LEU B 352 -38.50 -21.99 4.25
CA LEU B 352 -38.92 -22.95 5.27
C LEU B 352 -40.43 -23.09 5.31
N ASP B 353 -41.16 -21.97 5.17
CA ASP B 353 -42.62 -22.05 5.05
C ASP B 353 -43.02 -22.98 3.92
N PHE B 354 -42.36 -22.86 2.77
CA PHE B 354 -42.65 -23.70 1.61
C PHE B 354 -42.30 -25.17 1.89
N ILE B 355 -41.13 -25.42 2.48
CA ILE B 355 -40.73 -26.80 2.76
C ILE B 355 -41.65 -27.44 3.79
N ILE B 356 -42.01 -26.71 4.84
CA ILE B 356 -42.88 -27.26 5.87
C ILE B 356 -44.26 -27.57 5.28
N ASP B 357 -44.75 -26.71 4.39
CA ASP B 357 -46.02 -27.00 3.75
C ASP B 357 -45.90 -28.18 2.79
N LEU B 358 -44.79 -28.28 2.04
CA LEU B 358 -44.59 -29.41 1.16
C LEU B 358 -44.61 -30.72 1.94
N ALA B 359 -44.00 -30.73 3.13
CA ALA B 359 -43.93 -31.95 3.90
C ALA B 359 -45.30 -32.35 4.43
N ARG B 360 -46.12 -31.36 4.78
CA ARG B 360 -47.47 -31.66 5.28
C ARG B 360 -48.32 -32.31 4.20
N ARG B 361 -48.36 -31.70 3.01
CA ARG B 361 -49.27 -32.18 1.97
C ARG B 361 -48.74 -33.40 1.24
N SER B 362 -47.45 -33.72 1.37
CA SER B 362 -46.89 -34.88 0.71
C SER B 362 -46.72 -36.09 1.63
N GLY B 363 -46.84 -35.90 2.93
CA GLY B 363 -46.69 -37.04 3.82
C GLY B 363 -45.26 -37.50 4.00
N ARG B 364 -44.30 -36.60 3.84
CA ARG B 364 -42.88 -36.90 4.00
C ARG B 364 -42.32 -36.02 5.09
N ARG B 365 -41.68 -36.64 6.08
CA ARG B 365 -40.84 -35.87 6.98
C ARG B 365 -39.56 -35.52 6.22
N ILE B 366 -39.42 -34.27 5.86
CA ILE B 366 -38.25 -33.78 5.15
C ILE B 366 -37.19 -33.40 6.18
N MET B 367 -35.95 -33.80 5.91
CA MET B 367 -34.82 -33.44 6.76
C MET B 367 -34.30 -32.09 6.31
N VAL B 368 -34.27 -31.12 7.22
CA VAL B 368 -33.92 -29.76 6.86
C VAL B 368 -32.62 -29.39 7.56
N ARG B 369 -31.55 -29.25 6.78
CA ARG B 369 -30.28 -28.80 7.34
C ARG B 369 -30.26 -27.28 7.27
N LEU B 370 -30.31 -26.65 8.43
CA LEU B 370 -30.17 -25.21 8.53
C LEU B 370 -28.69 -24.87 8.66
N VAL B 371 -28.17 -24.13 7.69
CA VAL B 371 -26.79 -23.68 7.73
C VAL B 371 -26.82 -22.16 7.64
N LYS B 372 -25.67 -21.54 7.87
CA LYS B 372 -25.61 -20.12 7.60
C LYS B 372 -25.35 -19.87 6.11
N GLY B 373 -24.26 -20.38 5.57
CA GLY B 373 -24.08 -20.40 4.13
C GLY B 373 -22.64 -20.16 3.72
N ALA B 374 -22.24 -20.80 2.61
CA ALA B 374 -20.84 -20.95 2.28
C ALA B 374 -20.34 -20.02 1.18
N TYR B 375 -21.20 -19.18 0.58
CA TYR B 375 -20.85 -18.44 -0.63
C TYR B 375 -20.91 -16.92 -0.45
N TRP B 376 -20.68 -16.43 0.77
CA TRP B 376 -21.01 -15.05 1.07
C TRP B 376 -20.24 -14.06 0.21
N ASP B 377 -18.90 -14.14 0.19
CA ASP B 377 -18.10 -13.19 -0.60
C ASP B 377 -18.51 -13.22 -2.07
N ALA B 378 -18.77 -14.41 -2.59
CA ALA B 378 -19.16 -14.53 -3.99
C ALA B 378 -20.51 -13.86 -4.25
N GLU B 379 -21.43 -13.94 -3.29
CA GLU B 379 -22.75 -13.36 -3.53
C GLU B 379 -22.68 -11.83 -3.52
N ILE B 380 -21.85 -11.27 -2.65
CA ILE B 380 -21.65 -9.82 -2.66
C ILE B 380 -21.08 -9.37 -4.00
N LYS B 381 -20.02 -10.04 -4.44
CA LYS B 381 -19.40 -9.68 -5.71
C LYS B 381 -20.38 -9.80 -6.87
N ARG B 382 -21.14 -10.91 -6.93
CA ARG B 382 -22.05 -11.12 -8.05
C ARG B 382 -23.13 -10.04 -8.12
N ALA B 383 -23.74 -9.72 -6.98
CA ALA B 383 -24.78 -8.69 -6.96
C ALA B 383 -24.22 -7.35 -7.41
N GLN B 384 -23.00 -7.02 -6.99
CA GLN B 384 -22.41 -5.75 -7.41
C GLN B 384 -22.10 -5.74 -8.89
N LEU B 385 -21.55 -6.84 -9.41
CA LEU B 385 -21.26 -6.93 -10.83
C LEU B 385 -22.50 -6.76 -11.67
N ASP B 386 -23.61 -7.34 -11.22
CA ASP B 386 -24.82 -7.40 -12.01
C ASP B 386 -25.72 -6.20 -11.80
N GLY B 387 -25.32 -5.26 -10.94
CA GLY B 387 -26.11 -4.06 -10.72
C GLY B 387 -27.49 -4.32 -10.16
N LEU B 388 -27.64 -5.32 -9.32
CA LEU B 388 -29.00 -5.67 -8.93
C LEU B 388 -29.47 -4.84 -7.74
N ALA B 389 -30.75 -4.95 -7.41
CA ALA B 389 -31.37 -4.03 -6.46
C ALA B 389 -30.73 -4.10 -5.08
N ASP B 390 -30.39 -5.30 -4.63
CA ASP B 390 -29.81 -5.44 -3.31
C ASP B 390 -29.11 -6.78 -3.30
N PHE B 391 -28.57 -7.16 -2.15
CA PHE B 391 -27.96 -8.47 -2.07
C PHE B 391 -29.00 -9.54 -1.75
N PRO B 392 -28.76 -10.78 -2.14
CA PRO B 392 -29.65 -11.87 -1.72
C PRO B 392 -29.26 -12.45 -0.37
N VAL B 393 -28.22 -11.89 0.27
CA VAL B 393 -27.75 -12.35 1.57
C VAL B 393 -27.59 -11.11 2.45
N PHE B 394 -27.54 -11.35 3.76
CA PHE B 394 -27.27 -10.27 4.69
C PHE B 394 -25.84 -9.78 4.52
N THR B 395 -25.59 -8.53 4.94
CA THR B 395 -24.27 -7.94 4.85
C THR B 395 -23.57 -7.79 6.19
N ARG B 396 -24.27 -7.98 7.32
CA ARG B 396 -23.65 -8.04 8.65
C ARG B 396 -23.71 -9.46 9.18
N LYS B 397 -22.59 -9.95 9.69
CA LYS B 397 -22.56 -11.31 10.21
C LYS B 397 -23.59 -11.53 11.33
N ILE B 398 -23.85 -10.49 12.13
CA ILE B 398 -24.80 -10.66 13.22
C ILE B 398 -26.23 -10.84 12.69
N HIS B 399 -26.54 -10.26 11.53
CA HIS B 399 -27.85 -10.47 10.91
C HIS B 399 -28.06 -11.94 10.55
N THR B 400 -27.03 -12.58 9.99
CA THR B 400 -27.14 -14.00 9.69
C THR B 400 -27.36 -14.80 10.97
N ASP B 401 -26.72 -14.40 12.06
CA ASP B 401 -26.89 -15.14 13.31
C ASP B 401 -28.31 -15.03 13.83
N VAL B 402 -28.93 -13.85 13.70
CA VAL B 402 -30.31 -13.69 14.12
C VAL B 402 -31.23 -14.47 13.19
N SER B 403 -30.97 -14.41 11.88
CA SER B 403 -31.74 -15.19 10.91
C SER B 403 -31.73 -16.67 11.25
N TYR B 404 -30.54 -17.21 11.52
CA TYR B 404 -30.42 -18.61 11.91
C TYR B 404 -31.28 -18.94 13.11
N ILE B 405 -31.21 -18.11 14.16
CA ILE B 405 -31.95 -18.41 15.38
C ILE B 405 -33.45 -18.32 15.12
N ALA B 406 -33.88 -17.33 14.34
CA ALA B 406 -35.30 -17.19 14.01
C ALA B 406 -35.79 -18.37 13.18
N CYS B 407 -34.98 -18.82 12.22
CA CYS B 407 -35.39 -19.98 11.44
C CYS B 407 -35.35 -21.25 12.26
N ALA B 408 -34.42 -21.34 13.22
CA ALA B 408 -34.43 -22.46 14.15
C ALA B 408 -35.72 -22.50 14.95
N ALA B 409 -36.25 -21.34 15.33
CA ALA B 409 -37.51 -21.34 16.06
C ALA B 409 -38.65 -21.86 15.18
N LYS B 410 -38.66 -21.47 13.91
CA LYS B 410 -39.72 -21.92 13.01
C LYS B 410 -39.67 -23.43 12.79
N LEU B 411 -38.47 -23.98 12.64
CA LEU B 411 -38.32 -25.42 12.42
C LEU B 411 -38.72 -26.22 13.64
N LEU B 412 -38.30 -25.77 14.83
CA LEU B 412 -38.62 -26.49 16.05
C LEU B 412 -40.12 -26.58 16.29
N ALA B 413 -40.91 -25.66 15.73
CA ALA B 413 -42.35 -25.74 15.90
C ALA B 413 -43.01 -26.65 14.87
N ALA B 414 -42.23 -27.29 14.00
CA ALA B 414 -42.77 -28.12 12.94
C ALA B 414 -42.13 -29.51 12.89
N THR B 415 -41.55 -29.96 14.00
CA THR B 415 -40.86 -31.24 14.04
C THR B 415 -41.74 -32.43 13.71
N ASP B 416 -43.07 -32.24 13.64
CA ASP B 416 -43.94 -33.31 13.16
C ASP B 416 -43.79 -33.51 11.66
N VAL B 417 -43.57 -32.42 10.92
CA VAL B 417 -43.49 -32.47 9.47
C VAL B 417 -42.05 -32.44 8.94
N VAL B 418 -41.09 -31.96 9.73
CA VAL B 418 -39.70 -31.86 9.28
C VAL B 418 -38.76 -32.30 10.39
N PHE B 419 -37.57 -32.73 9.97
CA PHE B 419 -36.51 -33.12 10.90
C PHE B 419 -35.41 -32.05 10.86
N PRO B 420 -35.36 -31.15 11.84
CA PRO B 420 -34.39 -30.05 11.78
C PRO B 420 -32.98 -30.54 12.13
N GLN B 421 -32.02 -30.12 11.30
CA GLN B 421 -30.61 -30.46 11.45
C GLN B 421 -29.84 -29.15 11.52
N PHE B 422 -29.30 -28.82 12.68
CA PHE B 422 -28.68 -27.51 12.90
C PHE B 422 -27.17 -27.64 12.73
N ALA B 423 -26.67 -27.24 11.57
CA ALA B 423 -25.25 -27.29 11.27
C ALA B 423 -24.60 -25.98 11.71
N THR B 424 -23.76 -26.05 12.72
CA THR B 424 -23.02 -24.87 13.13
C THR B 424 -21.85 -25.29 14.02
N HIS B 425 -20.77 -24.51 13.95
CA HIS B 425 -19.62 -24.66 14.81
C HIS B 425 -19.57 -23.59 15.89
N ASN B 426 -20.60 -22.77 15.99
CA ASN B 426 -20.64 -21.61 16.88
C ASN B 426 -21.35 -22.02 18.17
N ALA B 427 -20.60 -22.02 19.27
CA ALA B 427 -21.14 -22.46 20.56
C ALA B 427 -22.27 -21.56 21.02
N GLN B 428 -22.20 -20.26 20.72
CA GLN B 428 -23.29 -19.36 21.09
C GLN B 428 -24.57 -19.74 20.35
N THR B 429 -24.46 -19.94 19.03
CA THR B 429 -25.61 -20.40 18.25
C THR B 429 -26.14 -21.74 18.78
N LEU B 430 -25.23 -22.67 19.05
CA LEU B 430 -25.61 -24.00 19.52
C LEU B 430 -26.38 -23.92 20.84
N ALA B 431 -25.85 -23.18 21.80
CA ALA B 431 -26.50 -23.09 23.11
C ALA B 431 -27.90 -22.50 22.99
N ALA B 432 -28.05 -21.47 22.15
CA ALA B 432 -29.36 -20.84 21.97
C ALA B 432 -30.40 -21.84 21.48
N ILE B 433 -30.04 -22.67 20.49
CA ILE B 433 -30.99 -23.66 19.99
C ILE B 433 -31.21 -24.75 21.02
N TYR B 434 -30.14 -25.17 21.69
CA TYR B 434 -30.23 -26.24 22.69
C TYR B 434 -31.25 -25.92 23.77
N HIS B 435 -31.33 -24.66 24.18
CA HIS B 435 -32.30 -24.27 25.20
C HIS B 435 -33.65 -23.88 24.62
N MET B 436 -33.69 -23.47 23.36
CA MET B 436 -34.95 -23.13 22.71
C MET B 436 -35.79 -24.37 22.45
N ALA B 437 -35.15 -25.53 22.29
CA ALA B 437 -35.86 -26.77 21.98
C ALA B 437 -36.59 -27.36 23.17
N GLY B 438 -36.22 -26.99 24.40
CA GLY B 438 -36.90 -27.48 25.59
C GLY B 438 -36.24 -28.70 26.20
N LYS B 439 -37.02 -29.52 26.91
CA LYS B 439 -36.51 -30.70 27.58
C LYS B 439 -37.00 -32.02 27.02
N ASP B 440 -38.06 -32.02 26.20
CA ASP B 440 -38.62 -33.26 25.68
C ASP B 440 -37.81 -33.78 24.48
N PHE B 441 -36.52 -33.98 24.72
CA PHE B 441 -35.56 -34.29 23.65
C PHE B 441 -35.44 -35.80 23.45
N HIS B 442 -35.40 -36.20 22.18
CA HIS B 442 -35.20 -37.60 21.83
C HIS B 442 -34.57 -37.66 20.45
N VAL B 443 -34.15 -38.86 20.05
CA VAL B 443 -33.56 -39.05 18.73
C VAL B 443 -34.67 -39.16 17.70
N GLY B 444 -34.52 -38.43 16.60
CA GLY B 444 -35.59 -38.25 15.65
C GLY B 444 -36.30 -36.90 15.76
N LYS B 445 -36.09 -36.18 16.87
CA LYS B 445 -36.70 -34.86 17.04
C LYS B 445 -35.94 -33.80 16.26
N TYR B 446 -34.65 -33.63 16.57
CA TYR B 446 -33.75 -32.77 15.82
C TYR B 446 -32.33 -33.28 16.07
N GLU B 447 -31.36 -32.70 15.37
CA GLU B 447 -29.97 -33.05 15.59
C GLU B 447 -29.12 -31.83 15.30
N PHE B 448 -27.88 -31.86 15.78
CA PHE B 448 -26.87 -30.91 15.36
C PHE B 448 -25.99 -31.56 14.29
N GLN B 449 -25.24 -30.72 13.57
CA GLN B 449 -24.32 -31.22 12.56
C GLN B 449 -23.04 -30.41 12.57
N CYS B 450 -21.94 -31.05 12.19
CA CYS B 450 -20.67 -30.35 12.11
C CYS B 450 -19.87 -30.94 10.96
N LEU B 451 -18.75 -30.31 10.68
CA LEU B 451 -17.84 -30.73 9.64
C LEU B 451 -16.74 -31.60 10.24
N HIS B 452 -16.44 -32.70 9.55
CA HIS B 452 -15.37 -33.57 9.99
C HIS B 452 -14.09 -32.78 10.20
N GLY B 453 -13.37 -33.09 11.28
CA GLY B 453 -12.09 -32.45 11.54
C GLY B 453 -12.19 -30.96 11.75
N MET B 454 -13.30 -30.51 12.32
CA MET B 454 -13.47 -29.09 12.62
C MET B 454 -14.41 -28.96 13.79
N GLY B 455 -15.59 -29.58 13.67
CA GLY B 455 -16.58 -29.50 14.72
C GLY B 455 -16.41 -30.50 15.83
N GLU B 456 -15.48 -31.45 15.68
CA GLU B 456 -15.33 -32.50 16.68
C GLU B 456 -14.97 -31.95 18.06
N PRO B 457 -13.99 -31.04 18.22
CA PRO B 457 -13.78 -30.46 19.56
C PRO B 457 -15.03 -29.92 20.22
N LEU B 458 -15.85 -29.16 19.49
CA LEU B 458 -17.06 -28.59 20.07
C LEU B 458 -18.05 -29.69 20.45
N TYR B 459 -18.34 -30.59 19.52
CA TYR B 459 -19.41 -31.55 19.77
C TYR B 459 -18.94 -32.73 20.63
N GLU B 460 -17.62 -32.88 20.86
CA GLU B 460 -17.14 -33.79 21.87
C GLU B 460 -17.57 -33.32 23.26
N GLU B 461 -17.85 -32.04 23.42
CA GLU B 461 -18.43 -31.50 24.63
C GLU B 461 -19.96 -31.39 24.55
N VAL B 462 -20.61 -32.06 23.57
CA VAL B 462 -22.05 -32.00 23.35
C VAL B 462 -22.66 -33.40 23.32
N VAL B 463 -22.04 -34.35 22.55
CA VAL B 463 -22.57 -35.71 22.46
C VAL B 463 -22.17 -36.50 23.70
N GLY B 464 -23.09 -37.30 24.19
CA GLY B 464 -22.79 -38.14 25.34
C GLY B 464 -23.62 -37.75 26.57
N ARG B 465 -23.92 -38.75 27.40
CA ARG B 465 -24.73 -38.50 28.60
C ARG B 465 -24.03 -37.55 29.57
N GLY B 466 -22.70 -37.62 29.63
CA GLY B 466 -21.89 -36.79 30.50
C GLY B 466 -21.65 -35.40 29.97
N LYS B 467 -22.34 -35.02 28.90
CA LYS B 467 -22.19 -33.70 28.30
C LYS B 467 -23.57 -33.05 28.17
N LEU B 468 -24.11 -32.96 26.95
CA LEU B 468 -25.45 -32.42 26.73
C LEU B 468 -26.43 -33.46 26.21
N ASP B 469 -25.96 -34.69 25.95
CA ASP B 469 -26.76 -35.76 25.36
C ASP B 469 -27.57 -35.27 24.16
N ARG B 470 -26.87 -34.61 23.23
CA ARG B 470 -27.49 -34.23 21.97
C ARG B 470 -26.73 -34.86 20.81
N PRO B 471 -27.43 -35.37 19.80
CA PRO B 471 -26.77 -36.04 18.69
C PRO B 471 -26.19 -35.04 17.70
N CYS B 472 -25.21 -35.52 16.96
CA CYS B 472 -24.51 -34.71 15.96
C CYS B 472 -24.20 -35.57 14.76
N ARG B 473 -24.55 -35.09 13.57
CA ARG B 473 -24.21 -35.74 12.32
C ARG B 473 -22.99 -35.04 11.73
N ILE B 474 -21.94 -35.81 11.50
CA ILE B 474 -20.69 -35.30 10.96
C ILE B 474 -20.77 -35.33 9.43
N TYR B 475 -20.62 -34.16 8.82
CA TYR B 475 -20.51 -34.05 7.37
C TYR B 475 -19.08 -34.41 7.01
N ALA B 476 -18.92 -35.50 6.26
CA ALA B 476 -17.62 -36.17 6.10
C ALA B 476 -17.17 -36.15 4.65
N PRO B 477 -16.24 -35.27 4.27
CA PRO B 477 -15.69 -35.31 2.91
C PRO B 477 -14.99 -36.63 2.64
N VAL B 478 -15.17 -37.11 1.41
CA VAL B 478 -14.53 -38.34 0.95
C VAL B 478 -13.95 -38.07 -0.42
N GLY B 479 -12.67 -38.31 -0.59
CA GLY B 479 -12.07 -38.10 -1.89
C GLY B 479 -10.57 -37.98 -1.82
N THR B 480 -9.98 -37.91 -3.01
CA THR B 480 -8.55 -37.81 -3.22
C THR B 480 -8.03 -36.44 -2.77
N HIS B 481 -6.72 -36.25 -2.92
CA HIS B 481 -6.12 -34.96 -2.59
C HIS B 481 -6.47 -33.90 -3.62
N GLU B 482 -6.56 -34.29 -4.90
CA GLU B 482 -6.90 -33.34 -5.95
C GLU B 482 -8.28 -32.74 -5.73
N THR B 483 -9.26 -33.59 -5.38
CA THR B 483 -10.61 -33.09 -5.11
C THR B 483 -10.64 -32.21 -3.87
N LEU B 484 -9.97 -32.65 -2.79
CA LEU B 484 -10.00 -31.89 -1.55
C LEU B 484 -9.47 -30.48 -1.74
N LEU B 485 -8.26 -30.37 -2.30
CA LEU B 485 -7.65 -29.06 -2.49
C LEU B 485 -8.47 -28.14 -3.39
N ALA B 486 -9.36 -28.72 -4.22
CA ALA B 486 -10.12 -27.92 -5.17
C ALA B 486 -11.15 -27.01 -4.51
N TYR B 487 -11.66 -27.39 -3.33
CA TYR B 487 -12.69 -26.61 -2.64
C TYR B 487 -12.32 -26.32 -1.20
N LEU B 488 -11.06 -26.52 -0.83
CA LEU B 488 -10.67 -26.33 0.57
C LEU B 488 -10.62 -24.86 0.96
N VAL B 489 -10.28 -23.99 0.00
CA VAL B 489 -10.29 -22.55 0.28
C VAL B 489 -11.64 -22.13 0.85
N ARG B 490 -12.72 -22.50 0.15
CA ARG B 490 -14.06 -22.12 0.61
C ARG B 490 -14.39 -22.74 1.96
N ARG B 491 -13.98 -24.00 2.18
CA ARG B 491 -14.31 -24.67 3.42
C ARG B 491 -13.61 -24.02 4.61
N LEU B 492 -12.35 -23.61 4.42
CA LEU B 492 -11.58 -23.03 5.52
C LEU B 492 -12.07 -21.62 5.86
N LEU B 493 -12.22 -20.77 4.85
CA LEU B 493 -12.72 -19.41 5.06
C LEU B 493 -14.02 -19.39 5.83
N GLY B 496 -12.53 -19.53 8.88
CA GLY B 496 -11.19 -18.97 8.89
C GLY B 496 -11.10 -17.46 8.80
N ALA B 497 -12.14 -16.83 8.24
CA ALA B 497 -12.18 -15.37 8.16
C ALA B 497 -12.32 -14.77 9.56
N ASN B 498 -11.92 -13.50 9.67
CA ASN B 498 -11.77 -12.87 10.98
C ASN B 498 -13.07 -12.91 11.78
N SER B 499 -14.20 -12.68 11.12
CA SER B 499 -15.49 -12.64 11.82
C SER B 499 -16.03 -14.03 12.16
N SER B 500 -15.39 -15.11 11.72
CA SER B 500 -15.93 -16.43 11.98
C SER B 500 -15.52 -16.93 13.35
N PHE B 501 -16.41 -17.72 13.97
CA PHE B 501 -16.13 -18.25 15.31
C PHE B 501 -14.89 -19.13 15.29
N VAL B 502 -14.69 -19.90 14.22
CA VAL B 502 -13.60 -20.86 14.15
C VAL B 502 -12.23 -20.18 14.07
N HIS B 503 -12.18 -18.89 13.71
CA HIS B 503 -10.97 -18.11 13.85
C HIS B 503 -10.94 -17.27 15.13
N ARG B 504 -12.12 -16.97 15.70
CA ARG B 504 -12.19 -16.11 16.88
C ARG B 504 -11.87 -16.87 18.16
N ILE B 505 -12.30 -18.13 18.27
CA ILE B 505 -11.98 -18.92 19.45
C ILE B 505 -10.48 -19.08 19.60
N ASN B 506 -9.72 -18.91 18.53
CA ASN B 506 -8.26 -18.95 18.56
C ASN B 506 -7.63 -17.57 18.64
N ASP B 507 -8.44 -16.51 18.71
CA ASP B 507 -7.91 -15.18 18.96
C ASP B 507 -7.91 -14.94 20.45
N PRO B 508 -6.76 -14.84 21.11
CA PRO B 508 -6.76 -14.65 22.57
C PRO B 508 -7.36 -13.33 23.00
N LYS B 509 -7.46 -12.35 22.08
CA LYS B 509 -8.06 -11.07 22.43
C LYS B 509 -9.57 -11.18 22.59
N VAL B 510 -10.23 -12.05 21.83
CA VAL B 510 -11.67 -12.19 21.95
C VAL B 510 -11.99 -12.89 23.26
N SER B 511 -12.72 -12.19 24.14
CA SER B 511 -13.12 -12.74 25.41
C SER B 511 -14.25 -13.74 25.23
N ILE B 512 -14.43 -14.61 26.23
CA ILE B 512 -15.61 -15.47 26.25
C ILE B 512 -16.87 -14.62 26.27
N ASP B 513 -16.83 -13.49 26.99
CA ASP B 513 -17.99 -12.60 27.02
C ASP B 513 -18.33 -12.10 25.62
N GLU B 514 -17.31 -11.78 24.80
CA GLU B 514 -17.57 -11.33 23.44
C GLU B 514 -18.19 -12.45 22.60
N LEU B 515 -17.69 -13.68 22.75
CA LEU B 515 -18.19 -14.80 21.97
C LEU B 515 -19.62 -15.20 22.36
N ILE B 516 -19.99 -15.04 23.64
CA ILE B 516 -21.31 -15.48 24.10
C ILE B 516 -22.31 -14.33 24.03
N ALA B 517 -21.93 -13.23 23.40
CA ALA B 517 -22.86 -12.13 23.16
C ALA B 517 -24.06 -12.62 22.35
N ASP B 518 -25.26 -12.25 22.80
CA ASP B 518 -26.51 -12.65 22.17
C ASP B 518 -26.75 -11.77 20.95
N PRO B 519 -26.67 -12.32 19.73
CA PRO B 519 -26.87 -11.49 18.54
C PRO B 519 -28.25 -10.86 18.49
N VAL B 520 -29.27 -11.55 18.97
CA VAL B 520 -30.64 -11.03 18.90
C VAL B 520 -30.74 -9.72 19.68
N GLU B 521 -30.17 -9.67 20.88
CA GLU B 521 -30.22 -8.46 21.68
C GLU B 521 -29.29 -7.37 21.15
N VAL B 522 -28.16 -7.74 20.56
CA VAL B 522 -27.29 -6.72 19.99
C VAL B 522 -27.96 -6.05 18.80
N VAL B 523 -28.62 -6.83 17.94
CA VAL B 523 -29.34 -6.25 16.81
C VAL B 523 -30.50 -5.38 17.30
N ARG B 524 -31.23 -5.86 18.31
CA ARG B 524 -32.42 -5.17 18.78
C ARG B 524 -32.09 -3.77 19.29
N ALA B 525 -30.89 -3.58 19.82
CA ALA B 525 -30.51 -2.31 20.42
C ALA B 525 -29.85 -1.34 19.44
N MET B 526 -29.62 -1.76 18.20
CA MET B 526 -29.00 -0.86 17.25
CA MET B 526 -29.01 -0.87 17.23
C MET B 526 -29.94 0.31 16.93
N PRO B 527 -29.37 1.46 16.54
CA PRO B 527 -30.24 2.61 16.26
C PRO B 527 -31.13 2.40 15.06
N VAL B 528 -30.67 1.68 14.05
CA VAL B 528 -31.50 1.29 12.90
C VAL B 528 -31.40 -0.22 12.83
N VAL B 529 -32.48 -0.91 13.18
CA VAL B 529 -32.46 -2.37 13.12
C VAL B 529 -32.26 -2.80 11.67
N GLY B 530 -31.27 -3.65 11.44
CA GLY B 530 -31.05 -4.20 10.12
C GLY B 530 -30.32 -3.30 9.14
N ALA B 531 -29.68 -2.22 9.60
CA ALA B 531 -28.90 -1.40 8.69
C ALA B 531 -27.85 -2.24 7.98
N LYS B 532 -27.71 -2.02 6.66
CA LYS B 532 -26.65 -2.62 5.86
C LYS B 532 -25.29 -2.30 6.45
N HIS B 533 -24.34 -3.21 6.24
CA HIS B 533 -22.95 -2.97 6.65
C HIS B 533 -22.45 -1.64 6.09
N ASP B 534 -21.81 -0.85 6.96
CA ASP B 534 -21.36 0.48 6.56
C ASP B 534 -20.30 0.44 5.46
N ARG B 535 -19.58 -0.67 5.32
CA ARG B 535 -18.42 -0.75 4.44
C ARG B 535 -18.67 -1.63 3.22
N ILE B 536 -19.92 -2.00 2.95
CA ILE B 536 -20.26 -2.76 1.75
C ILE B 536 -21.24 -1.92 0.94
N ALA B 537 -20.85 -1.58 -0.29
CA ALA B 537 -21.68 -0.72 -1.12
C ALA B 537 -22.84 -1.50 -1.75
N LEU B 538 -24.04 -0.93 -1.71
CA LEU B 538 -25.09 -1.43 -2.59
C LEU B 538 -24.61 -1.33 -4.04
N PRO B 539 -25.06 -2.22 -4.91
CA PRO B 539 -24.59 -2.14 -6.31
C PRO B 539 -24.81 -0.76 -6.92
N ALA B 540 -25.94 -0.12 -6.59
CA ALA B 540 -26.22 1.19 -7.14
C ALA B 540 -25.26 2.26 -6.65
N GLU B 541 -24.58 2.00 -5.52
CA GLU B 541 -23.73 2.97 -4.85
C GLU B 541 -22.24 2.65 -5.01
N LEU B 542 -21.89 1.80 -5.99
CA LEU B 542 -20.50 1.39 -6.18
C LEU B 542 -19.56 2.56 -6.40
N PHE B 543 -20.06 3.66 -6.96
CA PHE B 543 -19.20 4.80 -7.27
C PHE B 543 -19.47 5.97 -6.35
N GLY B 544 -20.24 5.76 -5.29
CA GLY B 544 -20.39 6.77 -4.25
C GLY B 544 -21.10 8.00 -4.77
N ASP B 545 -20.61 9.17 -4.35
CA ASP B 545 -21.23 10.41 -4.75
C ASP B 545 -20.90 10.81 -6.18
N ALA B 546 -19.97 10.11 -6.85
CA ALA B 546 -19.60 10.47 -8.20
C ALA B 546 -20.75 10.29 -9.18
N ARG B 547 -21.47 9.17 -9.08
CA ARG B 547 -22.52 8.87 -10.04
C ARG B 547 -23.22 7.60 -9.61
N THR B 548 -24.44 7.43 -10.10
CA THR B 548 -25.24 6.26 -9.79
C THR B 548 -24.91 5.14 -10.78
N ASN B 549 -24.56 3.97 -10.26
CA ASN B 549 -24.30 2.82 -11.10
C ASN B 549 -25.58 2.41 -11.84
N SER B 550 -25.45 2.02 -13.10
CA SER B 550 -26.59 1.47 -13.82
C SER B 550 -27.12 0.23 -13.11
N ALA B 551 -28.41 -0.05 -13.32
CA ALA B 551 -29.05 -1.22 -12.75
C ALA B 551 -29.34 -2.25 -13.85
N GLY B 552 -29.14 -3.51 -13.52
CA GLY B 552 -29.47 -4.61 -14.41
C GLY B 552 -30.78 -5.25 -14.05
N LEU B 553 -30.96 -6.49 -14.51
CA LEU B 553 -32.18 -7.26 -14.30
C LEU B 553 -31.77 -8.67 -13.93
N ASP B 554 -32.48 -9.27 -12.99
CA ASP B 554 -32.12 -10.57 -12.42
C ASP B 554 -32.86 -11.65 -13.20
N LEU B 555 -32.14 -12.36 -14.06
CA LEU B 555 -32.81 -13.35 -14.90
C LEU B 555 -33.03 -14.67 -14.18
N SER B 556 -32.79 -14.71 -12.87
CA SER B 556 -33.18 -15.84 -12.04
C SER B 556 -34.42 -15.54 -11.22
N ASN B 557 -34.95 -14.32 -11.32
CA ASN B 557 -36.12 -13.89 -10.56
C ASN B 557 -37.38 -14.12 -11.38
N GLU B 558 -38.28 -14.96 -10.86
CA GLU B 558 -39.47 -15.32 -11.64
C GLU B 558 -40.38 -14.12 -11.87
N GLU B 559 -40.45 -13.17 -10.93
CA GLU B 559 -41.24 -11.96 -11.18
C GLU B 559 -40.64 -11.17 -12.33
N THR B 560 -39.33 -11.02 -12.33
CA THR B 560 -38.62 -10.31 -13.39
C THR B 560 -38.81 -11.00 -14.74
N LEU B 561 -38.69 -12.34 -14.78
CA LEU B 561 -38.89 -13.05 -16.05
C LEU B 561 -40.33 -12.89 -16.55
N ALA B 562 -41.30 -12.94 -15.65
CA ALA B 562 -42.69 -12.81 -16.08
C ALA B 562 -42.98 -11.42 -16.63
N SER B 563 -42.46 -10.38 -15.99
CA SER B 563 -42.73 -9.04 -16.49
C SER B 563 -41.90 -8.71 -17.71
N LEU B 564 -40.67 -9.24 -17.79
CA LEU B 564 -39.84 -9.07 -18.98
C LEU B 564 -40.47 -9.76 -20.19
N THR B 565 -41.02 -10.97 -19.99
CA THR B 565 -41.72 -11.65 -21.07
C THR B 565 -42.78 -10.74 -21.69
N GLU B 566 -43.61 -10.12 -20.85
CA GLU B 566 -44.69 -9.28 -21.38
C GLU B 566 -44.16 -8.02 -22.03
N ALA B 567 -43.14 -7.41 -21.44
CA ALA B 567 -42.57 -6.21 -22.06
C ALA B 567 -41.90 -6.53 -23.38
N LEU B 568 -41.29 -7.72 -23.50
CA LEU B 568 -40.64 -8.08 -24.75
C LEU B 568 -41.68 -8.34 -25.85
N ARG B 569 -42.79 -9.00 -25.50
CA ARG B 569 -43.86 -9.19 -26.47
C ARG B 569 -44.42 -7.86 -26.95
N GLU B 570 -44.66 -6.92 -26.03
CA GLU B 570 -45.18 -5.62 -26.40
C GLU B 570 -44.23 -4.89 -27.35
N SER B 571 -42.92 -5.00 -27.10
CA SER B 571 -41.94 -4.31 -27.94
C SER B 571 -41.95 -4.85 -29.35
N ALA B 572 -42.22 -6.15 -29.51
CA ALA B 572 -42.27 -6.76 -30.83
C ALA B 572 -43.48 -6.28 -31.64
N ALA B 573 -44.52 -5.79 -30.98
CA ALA B 573 -45.71 -5.29 -31.66
C ALA B 573 -45.63 -3.80 -31.99
N MET B 574 -44.57 -3.10 -31.58
CA MET B 574 -44.47 -1.68 -31.88
C MET B 574 -43.95 -1.46 -33.31
N LYS B 575 -44.28 -0.29 -33.87
CA LYS B 575 -43.76 0.06 -35.18
C LYS B 575 -42.42 0.76 -35.01
N TRP B 576 -41.33 0.02 -35.23
CA TRP B 576 -39.97 0.56 -35.12
C TRP B 576 -39.51 1.12 -36.46
N THR B 577 -39.08 2.37 -36.45
CA THR B 577 -38.64 3.07 -37.65
C THR B 577 -37.34 3.80 -37.37
N ALA B 578 -36.62 4.10 -38.44
CA ALA B 578 -35.44 4.93 -38.34
C ALA B 578 -35.41 5.80 -39.58
N LEU B 579 -35.37 7.11 -39.36
CA LEU B 579 -35.49 8.10 -40.41
C LEU B 579 -34.27 9.01 -40.38
N PRO B 580 -33.94 9.65 -41.48
CA PRO B 580 -32.99 10.77 -41.41
C PRO B 580 -33.62 11.93 -40.66
N GLN B 581 -33.30 12.03 -39.36
CA GLN B 581 -33.83 13.06 -38.48
C GLN B 581 -32.92 14.28 -38.52
N LEU B 582 -33.22 15.21 -39.41
CA LEU B 582 -32.50 16.47 -39.43
C LEU B 582 -33.16 17.46 -38.46
N ALA B 583 -32.48 18.59 -38.23
CA ALA B 583 -33.05 19.60 -37.34
C ALA B 583 -34.43 20.03 -37.78
N THR B 584 -34.63 20.17 -39.09
CA THR B 584 -35.92 20.63 -39.62
C THR B 584 -36.97 19.53 -39.69
N GLY B 585 -36.67 18.32 -39.22
CA GLY B 585 -37.64 17.26 -39.24
C GLY B 585 -37.14 16.11 -40.08
N PRO B 586 -37.91 15.03 -40.14
CA PRO B 586 -37.46 13.85 -40.89
C PRO B 586 -37.45 14.10 -42.40
N ALA B 587 -36.40 13.63 -43.03
CA ALA B 587 -36.20 13.75 -44.47
C ALA B 587 -36.69 12.50 -45.19
N ALA B 588 -37.15 12.69 -46.42
CA ALA B 588 -37.52 11.58 -47.27
C ALA B 588 -36.26 10.85 -47.75
N GLY B 589 -36.44 9.61 -48.18
CA GLY B 589 -35.32 8.82 -48.67
C GLY B 589 -35.75 7.42 -49.06
N GLU B 590 -34.76 6.58 -49.35
CA GLU B 590 -35.02 5.20 -49.74
C GLU B 590 -35.27 4.34 -48.51
N THR B 591 -36.34 3.54 -48.53
CA THR B 591 -36.78 2.80 -47.37
C THR B 591 -36.63 1.30 -47.59
N ARG B 592 -36.18 0.58 -46.56
CA ARG B 592 -36.09 -0.87 -46.64
C ARG B 592 -36.40 -1.47 -45.28
N THR B 593 -36.66 -2.77 -45.27
CA THR B 593 -36.94 -3.46 -44.02
C THR B 593 -35.67 -3.84 -43.28
N VAL B 594 -35.75 -3.82 -41.97
CA VAL B 594 -34.70 -4.31 -41.09
C VAL B 594 -35.12 -5.70 -40.63
N LEU B 595 -34.24 -6.67 -40.79
CA LEU B 595 -34.59 -8.05 -40.52
C LEU B 595 -33.83 -8.58 -39.31
N ASN B 596 -34.44 -9.56 -38.65
CA ASN B 596 -33.82 -10.26 -37.52
C ASN B 596 -32.72 -11.18 -38.04
N PRO B 597 -31.45 -10.99 -37.64
CA PRO B 597 -30.40 -11.88 -38.15
C PRO B 597 -30.58 -13.34 -37.76
N GLY B 598 -31.32 -13.62 -36.69
CA GLY B 598 -31.61 -15.00 -36.32
C GLY B 598 -32.77 -15.63 -37.06
N ASP B 599 -33.50 -14.83 -37.84
CA ASP B 599 -34.69 -15.30 -38.54
C ASP B 599 -35.16 -14.20 -39.46
N HIS B 600 -34.79 -14.27 -40.75
CA HIS B 600 -35.07 -13.20 -41.68
C HIS B 600 -36.55 -13.03 -41.96
N ARG B 601 -37.39 -13.99 -41.56
CA ARG B 601 -38.83 -13.80 -41.67
C ARG B 601 -39.36 -12.79 -40.67
N ASP B 602 -38.60 -12.53 -39.60
CA ASP B 602 -39.01 -11.60 -38.54
C ASP B 602 -38.59 -10.20 -38.97
N VAL B 603 -39.56 -9.44 -39.46
CA VAL B 603 -39.32 -8.04 -39.84
C VAL B 603 -39.37 -7.18 -38.59
N VAL B 604 -38.25 -6.53 -38.27
CA VAL B 604 -38.13 -5.80 -37.02
C VAL B 604 -38.63 -4.37 -37.19
N GLY B 605 -38.37 -3.78 -38.35
CA GLY B 605 -38.83 -2.44 -38.61
C GLY B 605 -38.45 -1.98 -39.99
N SER B 606 -38.47 -0.67 -40.17
CA SER B 606 -38.19 -0.02 -41.44
C SER B 606 -37.18 1.09 -41.22
N VAL B 607 -36.22 1.21 -42.12
CA VAL B 607 -35.25 2.30 -42.07
C VAL B 607 -35.35 3.08 -43.37
N THR B 608 -35.35 4.40 -43.23
CA THR B 608 -35.30 5.31 -44.36
C THR B 608 -33.91 5.92 -44.39
N GLU B 609 -33.21 5.78 -45.51
CA GLU B 609 -31.79 6.11 -45.47
C GLU B 609 -31.53 7.49 -46.08
N THR B 610 -30.42 8.08 -45.64
CA THR B 610 -30.11 9.50 -45.89
C THR B 610 -29.47 9.66 -47.26
N SER B 611 -29.95 10.62 -48.04
CA SER B 611 -29.23 10.98 -49.25
C SER B 611 -27.95 11.73 -48.89
N GLU B 612 -26.98 11.68 -49.80
CA GLU B 612 -25.73 12.42 -49.57
C GLU B 612 -26.00 13.93 -49.47
N GLU B 613 -26.91 14.45 -50.29
CA GLU B 613 -27.23 15.87 -50.20
C GLU B 613 -27.79 16.22 -48.84
N ASP B 614 -28.64 15.35 -48.28
CA ASP B 614 -29.20 15.60 -46.95
C ASP B 614 -28.16 15.44 -45.86
N ALA B 615 -27.13 14.60 -46.09
CA ALA B 615 -26.07 14.49 -45.10
C ALA B 615 -25.29 15.80 -45.02
N ARG B 616 -24.99 16.39 -46.18
CA ARG B 616 -24.33 17.69 -46.18
C ARG B 616 -25.23 18.76 -45.55
N ARG B 617 -26.53 18.70 -45.81
CA ARG B 617 -27.44 19.68 -45.22
C ARG B 617 -27.46 19.56 -43.69
N ALA B 618 -27.46 18.32 -43.19
CA ALA B 618 -27.39 18.09 -41.75
C ALA B 618 -26.18 18.79 -41.13
N VAL B 619 -25.03 18.67 -41.77
CA VAL B 619 -23.82 19.28 -41.21
C VAL B 619 -23.93 20.79 -41.21
N ARG B 620 -24.55 21.38 -42.23
CA ARG B 620 -24.75 22.82 -42.24
C ARG B 620 -25.72 23.25 -41.15
N LEU B 621 -26.78 22.47 -40.92
CA LEU B 621 -27.70 22.77 -39.84
C LEU B 621 -27.00 22.65 -38.48
N ALA B 622 -26.10 21.67 -38.34
CA ALA B 622 -25.34 21.55 -37.11
C ALA B 622 -24.39 22.73 -36.94
N ALA B 623 -23.76 23.19 -38.03
CA ALA B 623 -22.85 24.32 -37.92
C ALA B 623 -23.57 25.60 -37.51
N ASP B 624 -24.75 25.84 -38.08
CA ASP B 624 -25.48 27.06 -37.77
C ASP B 624 -25.95 27.09 -36.32
N ALA B 625 -26.21 25.92 -35.73
CA ALA B 625 -26.65 25.82 -34.35
C ALA B 625 -25.52 25.55 -33.36
N ALA B 626 -24.29 25.37 -33.84
CA ALA B 626 -23.18 25.08 -32.92
C ALA B 626 -23.02 26.11 -31.81
N PRO B 627 -23.09 27.42 -32.06
CA PRO B 627 -22.90 28.35 -30.94
C PRO B 627 -24.01 28.27 -29.90
N ASP B 628 -25.26 28.02 -30.30
CA ASP B 628 -26.35 27.91 -29.33
C ASP B 628 -26.14 26.73 -28.38
N TRP B 629 -25.67 25.61 -28.92
CA TRP B 629 -25.43 24.45 -28.05
C TRP B 629 -24.20 24.67 -27.17
N ALA B 630 -23.17 25.30 -27.72
CA ALA B 630 -21.97 25.55 -26.91
C ALA B 630 -22.28 26.45 -25.71
N ALA B 631 -23.25 27.35 -25.86
CA ALA B 631 -23.62 28.30 -24.81
C ALA B 631 -24.51 27.67 -23.73
N VAL B 632 -24.96 26.44 -23.91
CA VAL B 632 -25.62 25.76 -22.80
C VAL B 632 -24.56 25.40 -21.77
N PRO B 633 -24.74 25.80 -20.51
CA PRO B 633 -23.72 25.56 -19.48
C PRO B 633 -23.35 24.09 -19.40
N PRO B 634 -22.07 23.78 -19.18
CA PRO B 634 -21.66 22.36 -19.10
C PRO B 634 -22.50 21.52 -18.16
N SER B 635 -22.83 22.07 -16.99
CA SER B 635 -23.64 21.34 -16.02
C SER B 635 -25.06 21.09 -16.54
N GLU B 636 -25.61 21.99 -17.36
CA GLU B 636 -26.92 21.72 -17.94
C GLU B 636 -26.84 20.71 -19.08
N ARG B 637 -25.75 20.71 -19.85
CA ARG B 637 -25.56 19.63 -20.83
C ARG B 637 -25.41 18.30 -20.12
N ALA B 638 -24.65 18.28 -19.02
CA ALA B 638 -24.52 17.05 -18.24
C ALA B 638 -25.87 16.61 -17.69
N ALA B 639 -26.75 17.57 -17.37
CA ALA B 639 -28.08 17.22 -16.88
C ALA B 639 -28.90 16.49 -17.94
N CYS B 640 -28.73 16.88 -19.22
CA CYS B 640 -29.39 16.18 -20.31
C CYS B 640 -28.95 14.73 -20.36
N LEU B 641 -27.64 14.50 -20.23
CA LEU B 641 -27.15 13.13 -20.25
C LEU B 641 -27.72 12.35 -19.09
N ASP B 642 -27.75 12.94 -17.89
CA ASP B 642 -28.32 12.25 -16.74
C ASP B 642 -29.78 11.93 -16.95
N ARG B 643 -30.55 12.85 -17.55
CA ARG B 643 -31.96 12.54 -17.81
C ARG B 643 -32.09 11.43 -18.84
N ALA B 644 -31.26 11.43 -19.87
CA ALA B 644 -31.27 10.34 -20.83
C ALA B 644 -31.02 9.01 -20.13
N ALA B 645 -30.06 8.97 -19.21
CA ALA B 645 -29.76 7.73 -18.50
C ALA B 645 -30.97 7.23 -17.72
N GLU B 646 -31.69 8.14 -17.05
CA GLU B 646 -32.91 7.73 -16.34
C GLU B 646 -33.94 7.15 -17.30
N LEU B 647 -34.11 7.79 -18.47
CA LEU B 647 -35.06 7.27 -19.44
C LEU B 647 -34.66 5.88 -19.94
N MET B 648 -33.37 5.65 -20.21
CA MET B 648 -32.94 4.34 -20.68
C MET B 648 -33.08 3.27 -19.61
N GLN B 649 -32.83 3.65 -18.34
CA GLN B 649 -33.03 2.71 -17.25
C GLN B 649 -34.50 2.31 -17.15
N ALA B 650 -35.41 3.28 -17.17
CA ALA B 650 -36.84 2.99 -17.05
C ALA B 650 -37.35 2.14 -18.22
N ARG B 651 -36.82 2.35 -19.41
CA ARG B 651 -37.28 1.68 -20.62
C ARG B 651 -36.42 0.50 -21.02
N MET B 652 -35.52 0.06 -20.16
CA MET B 652 -34.63 -1.05 -20.48
C MET B 652 -35.36 -2.28 -21.02
N PRO B 653 -36.49 -2.74 -20.47
CA PRO B 653 -37.15 -3.91 -21.07
C PRO B 653 -37.51 -3.73 -22.53
N THR B 654 -37.99 -2.54 -22.93
CA THR B 654 -38.35 -2.31 -24.32
C THR B 654 -37.10 -2.26 -25.20
N LEU B 655 -36.04 -1.60 -24.72
CA LEU B 655 -34.80 -1.54 -25.47
C LEU B 655 -34.20 -2.93 -25.67
N LEU B 656 -34.28 -3.78 -24.63
CA LEU B 656 -33.85 -5.17 -24.76
C LEU B 656 -34.48 -5.85 -25.95
N GLY B 657 -35.81 -5.74 -26.07
CA GLY B 657 -36.51 -6.42 -27.13
C GLY B 657 -36.02 -5.99 -28.50
N LEU B 658 -35.71 -4.71 -28.64
CA LEU B 658 -35.19 -4.22 -29.92
C LEU B 658 -33.76 -4.70 -30.15
N ILE B 659 -32.92 -4.68 -29.11
CA ILE B 659 -31.54 -5.11 -29.29
C ILE B 659 -31.52 -6.60 -29.61
N ILE B 660 -32.38 -7.37 -28.95
CA ILE B 660 -32.40 -8.81 -29.16
C ILE B 660 -32.75 -9.12 -30.61
N ARG B 661 -33.75 -8.43 -31.15
CA ARG B 661 -34.26 -8.77 -32.47
C ARG B 661 -33.51 -8.08 -33.62
N GLU B 662 -33.05 -6.85 -33.42
CA GLU B 662 -32.34 -6.19 -34.50
C GLU B 662 -30.90 -6.64 -34.56
N ALA B 663 -30.25 -6.87 -33.42
CA ALA B 663 -28.82 -7.10 -33.38
C ALA B 663 -28.45 -8.54 -33.12
N GLY B 664 -29.42 -9.42 -32.87
CA GLY B 664 -29.11 -10.82 -32.66
C GLY B 664 -28.61 -11.16 -31.29
N LYS B 665 -28.81 -10.29 -30.30
CA LYS B 665 -28.19 -10.47 -29.00
C LYS B 665 -29.06 -11.29 -28.08
N SER B 666 -28.42 -11.97 -27.14
CA SER B 666 -29.16 -12.61 -26.07
C SER B 666 -29.68 -11.55 -25.09
N ALA B 667 -30.71 -11.92 -24.33
CA ALA B 667 -31.26 -10.99 -23.35
C ALA B 667 -30.21 -10.58 -22.34
N LEU B 668 -29.37 -11.53 -21.93
CA LEU B 668 -28.32 -11.24 -20.96
C LEU B 668 -27.34 -10.20 -21.51
N ASN B 669 -26.89 -10.38 -22.76
CA ASN B 669 -25.98 -9.41 -23.36
C ASN B 669 -26.69 -8.09 -23.68
N ALA B 670 -27.97 -8.14 -24.03
CA ALA B 670 -28.69 -6.89 -24.29
C ALA B 670 -28.81 -6.06 -23.01
N ILE B 671 -29.03 -6.72 -21.87
CA ILE B 671 -29.07 -5.98 -20.59
C ILE B 671 -27.75 -5.26 -20.37
N ALA B 672 -26.63 -5.96 -20.57
CA ALA B 672 -25.31 -5.36 -20.37
C ALA B 672 -25.10 -4.17 -21.30
N GLU B 673 -25.61 -4.26 -22.52
CA GLU B 673 -25.45 -3.17 -23.46
C GLU B 673 -26.20 -1.93 -22.99
N VAL B 674 -27.45 -2.10 -22.56
CA VAL B 674 -28.22 -0.97 -22.04
C VAL B 674 -27.54 -0.39 -20.79
N ARG B 675 -27.07 -1.25 -19.88
CA ARG B 675 -26.36 -0.72 -18.73
C ARG B 675 -25.12 0.07 -19.16
N GLU B 676 -24.40 -0.41 -20.17
CA GLU B 676 -23.22 0.32 -20.61
C GLU B 676 -23.59 1.68 -21.18
N ALA B 677 -24.69 1.76 -21.96
CA ALA B 677 -25.16 3.06 -22.44
C ALA B 677 -25.47 4.03 -21.29
N ILE B 678 -26.21 3.54 -20.28
CA ILE B 678 -26.51 4.36 -19.09
C ILE B 678 -25.21 4.81 -18.42
N ASP B 679 -24.27 3.87 -18.26
CA ASP B 679 -22.99 4.21 -17.63
C ASP B 679 -22.22 5.29 -18.40
N PHE B 680 -22.14 5.17 -19.73
CA PHE B 680 -21.47 6.21 -20.52
C PHE B 680 -22.09 7.58 -20.28
N LEU B 681 -23.43 7.63 -20.32
CA LEU B 681 -24.12 8.91 -20.12
C LEU B 681 -23.79 9.51 -18.75
N ARG B 682 -23.86 8.68 -17.69
CA ARG B 682 -23.61 9.20 -16.35
C ARG B 682 -22.13 9.46 -16.12
N TYR B 683 -21.27 8.65 -16.72
CA TYR B 683 -19.83 8.89 -16.55
C TYR B 683 -19.41 10.21 -17.20
N TYR B 684 -19.81 10.43 -18.47
CA TYR B 684 -19.36 11.65 -19.13
C TYR B 684 -20.05 12.88 -18.55
N ALA B 685 -21.26 12.71 -18.02
CA ALA B 685 -21.91 13.78 -17.25
C ALA B 685 -21.05 14.17 -16.04
N GLU B 686 -20.64 13.19 -15.24
CA GLU B 686 -19.84 13.51 -14.05
C GLU B 686 -18.48 14.07 -14.45
N GLN B 687 -17.83 13.49 -15.46
CA GLN B 687 -16.54 14.04 -15.91
C GLN B 687 -16.67 15.49 -16.37
N THR B 688 -17.78 15.81 -17.06
CA THR B 688 -18.05 17.20 -17.39
C THR B 688 -18.19 18.07 -16.14
N ARG B 689 -19.01 17.65 -15.17
CA ARG B 689 -19.16 18.44 -13.94
C ARG B 689 -17.82 18.63 -13.22
N ARG B 690 -16.87 17.72 -13.40
CA ARG B 690 -15.57 17.87 -12.76
C ARG B 690 -14.59 18.75 -13.53
N THR B 691 -14.80 18.99 -14.83
CA THR B 691 -13.70 19.56 -15.61
C THR B 691 -14.04 20.79 -16.47
N LEU B 692 -15.15 20.78 -17.20
CA LEU B 692 -15.32 21.75 -18.27
C LEU B 692 -15.70 23.13 -17.74
N GLY B 693 -14.95 24.13 -18.20
CA GLY B 693 -15.24 25.52 -17.91
C GLY B 693 -15.25 26.33 -19.19
N PRO B 694 -15.30 27.66 -19.07
CA PRO B 694 -15.50 28.48 -20.27
C PRO B 694 -14.34 28.45 -21.25
N GLY B 695 -13.11 28.24 -20.79
CA GLY B 695 -11.97 28.15 -21.69
C GLY B 695 -11.81 26.85 -22.45
N HIS B 696 -12.67 25.84 -22.22
CA HIS B 696 -12.60 24.57 -22.94
C HIS B 696 -13.66 24.60 -24.03
N GLY B 697 -13.31 25.27 -25.14
CA GLY B 697 -14.23 25.50 -26.21
C GLY B 697 -14.49 24.25 -27.02
N PRO B 698 -15.71 24.12 -27.56
CA PRO B 698 -16.04 22.96 -28.38
C PRO B 698 -15.31 23.00 -29.70
N LEU B 699 -15.26 21.82 -30.34
CA LEU B 699 -14.72 21.74 -31.69
C LEU B 699 -15.72 22.27 -32.71
N GLY B 700 -17.00 21.93 -32.54
CA GLY B 700 -18.00 22.18 -33.56
C GLY B 700 -18.67 20.87 -33.93
N PRO B 701 -19.32 20.81 -35.09
CA PRO B 701 -20.03 19.58 -35.49
C PRO B 701 -19.12 18.37 -35.46
N ILE B 702 -19.57 17.32 -34.79
CA ILE B 702 -18.83 16.07 -34.70
C ILE B 702 -19.64 14.99 -35.38
N VAL B 703 -18.99 14.26 -36.27
CA VAL B 703 -19.59 13.10 -36.92
C VAL B 703 -19.27 11.90 -36.06
N CYS B 704 -20.31 11.17 -35.64
CA CYS B 704 -20.16 10.00 -34.79
C CYS B 704 -20.60 8.78 -35.59
N ILE B 705 -19.66 7.90 -35.93
CA ILE B 705 -19.92 6.72 -36.76
C ILE B 705 -19.79 5.49 -35.88
N SER B 706 -20.87 4.73 -35.74
CA SER B 706 -20.89 3.64 -34.78
C SER B 706 -21.04 2.28 -35.45
N PRO B 707 -20.68 1.20 -34.76
CA PRO B 707 -20.76 -0.14 -35.34
C PRO B 707 -22.08 -0.85 -35.02
N TRP B 708 -22.24 -2.02 -35.62
CA TRP B 708 -23.44 -2.82 -35.41
C TRP B 708 -23.34 -3.76 -34.21
N ASN B 709 -22.15 -3.93 -33.64
CA ASN B 709 -21.99 -4.95 -32.61
C ASN B 709 -22.28 -4.44 -31.20
N PHE B 710 -22.18 -3.14 -30.97
CA PHE B 710 -22.71 -2.51 -29.76
C PHE B 710 -23.56 -1.34 -30.22
N PRO B 711 -24.71 -1.64 -30.84
CA PRO B 711 -25.44 -0.62 -31.58
C PRO B 711 -26.14 0.41 -30.68
N LEU B 712 -26.24 0.18 -29.38
CA LEU B 712 -26.67 1.23 -28.46
C LEU B 712 -25.53 1.78 -27.61
N ALA B 713 -24.66 0.91 -27.07
CA ALA B 713 -23.70 1.37 -26.08
C ALA B 713 -22.64 2.25 -26.72
N ILE B 714 -22.01 1.79 -27.80
CA ILE B 714 -20.96 2.61 -28.41
C ILE B 714 -21.58 3.81 -29.11
N PHE B 715 -22.70 3.59 -29.78
CA PHE B 715 -23.51 4.67 -30.31
C PHE B 715 -23.72 5.77 -29.27
N THR B 716 -24.23 5.39 -28.09
CA THR B 716 -24.55 6.38 -27.06
C THR B 716 -23.29 7.03 -26.49
N GLY B 717 -22.23 6.24 -26.29
CA GLY B 717 -21.04 6.79 -25.64
C GLY B 717 -20.36 7.85 -26.48
N GLN B 718 -20.18 7.59 -27.78
CA GLN B 718 -19.54 8.58 -28.63
C GLN B 718 -20.39 9.85 -28.69
N ILE B 719 -21.70 9.67 -28.86
CA ILE B 719 -22.59 10.82 -29.01
C ILE B 719 -22.66 11.62 -27.72
N ALA B 720 -22.79 10.93 -26.58
CA ALA B 720 -22.90 11.62 -25.29
C ALA B 720 -21.65 12.44 -24.99
N ALA B 721 -20.48 11.88 -25.28
CA ALA B 721 -19.23 12.59 -25.04
C ALA B 721 -19.10 13.83 -25.92
N ALA B 722 -19.42 13.71 -27.21
CA ALA B 722 -19.34 14.86 -28.10
C ALA B 722 -20.35 15.94 -27.68
N LEU B 723 -21.58 15.52 -27.35
CA LEU B 723 -22.60 16.49 -26.95
C LEU B 723 -22.22 17.21 -25.66
N VAL B 724 -21.80 16.44 -24.64
CA VAL B 724 -21.60 17.07 -23.34
C VAL B 724 -20.39 18.01 -23.37
N ALA B 725 -19.44 17.75 -24.27
CA ALA B 725 -18.33 18.67 -24.47
C ALA B 725 -18.73 19.92 -25.24
N GLY B 726 -20.01 20.06 -25.62
CA GLY B 726 -20.49 21.27 -26.26
C GLY B 726 -20.53 21.24 -27.79
N ASN B 727 -20.43 20.05 -28.42
CA ASN B 727 -20.45 19.89 -29.87
C ASN B 727 -21.78 19.37 -30.35
N PRO B 728 -22.37 19.93 -31.40
CA PRO B 728 -23.51 19.26 -32.03
C PRO B 728 -23.02 18.03 -32.79
N VAL B 729 -23.90 17.03 -32.89
CA VAL B 729 -23.52 15.70 -33.34
C VAL B 729 -24.33 15.30 -34.57
N LEU B 730 -23.63 14.77 -35.56
CA LEU B 730 -24.21 14.05 -36.68
C LEU B 730 -23.98 12.57 -36.42
N ALA B 731 -25.04 11.83 -36.14
CA ALA B 731 -24.93 10.44 -35.75
C ALA B 731 -25.22 9.54 -36.95
N LYS B 732 -24.21 8.78 -37.39
CA LYS B 732 -24.39 7.85 -38.50
C LYS B 732 -24.28 6.43 -37.97
N PRO B 733 -25.39 5.74 -37.71
CA PRO B 733 -25.32 4.39 -37.16
C PRO B 733 -25.03 3.36 -38.24
N ALA B 734 -24.65 2.17 -37.79
CA ALA B 734 -24.33 1.10 -38.73
C ALA B 734 -25.54 0.77 -39.59
N GLU B 735 -25.28 0.44 -40.86
CA GLU B 735 -26.34 0.07 -41.78
C GLU B 735 -27.22 -1.05 -41.21
N GLU B 736 -26.63 -1.96 -40.45
CA GLU B 736 -27.35 -3.14 -39.99
C GLU B 736 -28.29 -2.85 -38.83
N THR B 737 -28.01 -1.85 -38.00
CA THR B 737 -28.72 -1.65 -36.73
C THR B 737 -29.21 -0.20 -36.57
N PRO B 738 -30.02 0.31 -37.51
CA PRO B 738 -30.48 1.70 -37.38
C PRO B 738 -31.61 1.90 -36.39
N LEU B 739 -32.40 0.87 -36.08
CA LEU B 739 -33.59 1.06 -35.27
C LEU B 739 -33.22 1.39 -33.82
N ILE B 740 -32.26 0.67 -33.23
CA ILE B 740 -31.92 0.99 -31.85
C ILE B 740 -31.25 2.35 -31.78
N ALA B 741 -30.50 2.74 -32.82
CA ALA B 741 -29.89 4.06 -32.85
C ALA B 741 -30.95 5.16 -32.89
N ALA B 742 -31.99 4.97 -33.71
CA ALA B 742 -33.08 5.95 -33.76
C ALA B 742 -33.74 6.09 -32.39
N GLU B 743 -33.93 4.97 -31.69
CA GLU B 743 -34.50 5.01 -30.34
C GLU B 743 -33.58 5.75 -29.38
N GLY B 744 -32.27 5.50 -29.49
CA GLY B 744 -31.30 6.26 -28.71
C GLY B 744 -31.40 7.76 -28.92
N VAL B 745 -31.58 8.20 -30.18
CA VAL B 745 -31.76 9.62 -30.48
C VAL B 745 -33.08 10.13 -29.91
N ARG B 746 -34.17 9.36 -30.04
CA ARG B 746 -35.43 9.79 -29.41
C ARG B 746 -35.25 10.10 -27.94
N ILE B 747 -34.53 9.22 -27.23
CA ILE B 747 -34.34 9.36 -25.79
C ILE B 747 -33.49 10.58 -25.47
N LEU B 748 -32.40 10.77 -26.21
CA LEU B 748 -31.53 11.92 -25.98
C LEU B 748 -32.26 13.22 -26.26
N ARG B 749 -33.11 13.24 -27.28
CA ARG B 749 -33.88 14.46 -27.53
C ARG B 749 -34.94 14.68 -26.46
N GLU B 750 -35.62 13.61 -26.04
CA GLU B 750 -36.62 13.74 -24.99
C GLU B 750 -36.00 14.25 -23.69
N ALA B 751 -34.75 13.87 -23.42
CA ALA B 751 -34.01 14.30 -22.24
C ALA B 751 -33.54 15.74 -22.32
N GLY B 752 -33.61 16.38 -23.48
CA GLY B 752 -33.23 17.78 -23.55
C GLY B 752 -32.29 18.16 -24.68
N ILE B 753 -31.73 17.19 -25.39
CA ILE B 753 -30.82 17.54 -26.49
C ILE B 753 -31.64 18.13 -27.63
N PRO B 754 -31.35 19.36 -28.05
CA PRO B 754 -32.14 20.00 -29.10
C PRO B 754 -31.97 19.30 -30.44
N ALA B 755 -33.02 19.39 -31.26
CA ALA B 755 -33.00 18.73 -32.56
C ALA B 755 -31.79 19.13 -33.40
N SER B 756 -31.40 20.40 -33.35
CA SER B 756 -30.26 20.84 -34.16
C SER B 756 -28.93 20.35 -33.59
N ALA B 757 -28.88 19.98 -32.31
CA ALA B 757 -27.64 19.47 -31.75
C ALA B 757 -27.44 17.97 -31.98
N LEU B 758 -28.48 17.25 -32.39
CA LEU B 758 -28.38 15.79 -32.51
C LEU B 758 -29.26 15.36 -33.69
N GLN B 759 -28.62 15.08 -34.81
CA GLN B 759 -29.31 14.65 -36.01
C GLN B 759 -28.90 13.21 -36.30
N LEU B 760 -29.85 12.40 -36.73
CA LEU B 760 -29.62 11.01 -37.05
C LEU B 760 -29.62 10.83 -38.56
N LEU B 761 -28.57 10.21 -39.10
CA LEU B 761 -28.43 10.02 -40.55
C LEU B 761 -28.19 8.54 -40.86
N PRO B 762 -29.24 7.75 -40.95
CA PRO B 762 -29.07 6.34 -41.31
C PRO B 762 -28.54 6.16 -42.72
N GLY B 763 -27.76 5.09 -42.93
CA GLY B 763 -27.34 4.73 -44.26
C GLY B 763 -26.02 3.97 -44.24
N ASP B 764 -25.43 3.86 -45.42
CA ASP B 764 -24.23 3.07 -45.60
C ASP B 764 -22.99 3.96 -45.53
N GLY B 765 -21.85 3.43 -45.99
CA GLY B 765 -20.59 4.14 -45.91
C GLY B 765 -20.52 5.36 -46.77
N ARG B 766 -21.35 5.45 -47.82
CA ARG B 766 -21.45 6.68 -48.59
C ARG B 766 -22.03 7.82 -47.75
N VAL B 767 -22.94 7.51 -46.83
CA VAL B 767 -23.45 8.54 -45.93
C VAL B 767 -22.36 8.98 -44.96
N GLY B 768 -21.69 8.02 -44.33
CA GLY B 768 -20.57 8.37 -43.47
C GLY B 768 -19.52 9.20 -44.19
N ALA B 769 -19.17 8.80 -45.41
CA ALA B 769 -18.12 9.50 -46.15
C ALA B 769 -18.54 10.93 -46.46
N ALA B 770 -19.80 11.11 -46.89
CA ALA B 770 -20.33 12.46 -47.12
C ALA B 770 -20.27 13.30 -45.85
N LEU B 771 -20.57 12.71 -44.69
CA LEU B 771 -20.50 13.48 -43.45
C LEU B 771 -19.06 13.88 -43.16
N VAL B 772 -18.14 12.92 -43.22
CA VAL B 772 -16.74 13.18 -42.90
C VAL B 772 -16.16 14.28 -43.80
N ALA B 773 -16.57 14.30 -45.06
CA ALA B 773 -15.98 15.23 -46.03
C ALA B 773 -16.62 16.62 -46.00
N ALA B 774 -17.75 16.79 -45.31
CA ALA B 774 -18.41 18.08 -45.25
C ALA B 774 -17.49 19.15 -44.68
N ALA B 775 -17.63 20.37 -45.21
CA ALA B 775 -16.70 21.44 -44.86
C ALA B 775 -16.75 21.78 -43.37
N GLU B 776 -17.94 21.76 -42.76
CA GLU B 776 -18.10 22.21 -41.39
C GLU B 776 -17.84 21.12 -40.34
N THR B 777 -17.45 19.93 -40.78
CA THR B 777 -17.14 18.85 -39.84
C THR B 777 -15.85 19.17 -39.08
N ALA B 778 -15.92 19.16 -37.76
CA ALA B 778 -14.83 19.62 -36.90
C ALA B 778 -14.16 18.48 -36.15
N GLY B 779 -14.68 17.27 -36.29
CA GLY B 779 -14.13 16.13 -35.57
C GLY B 779 -14.93 14.91 -35.96
N VAL B 780 -14.31 13.75 -35.79
CA VAL B 780 -14.96 12.51 -36.16
C VAL B 780 -14.65 11.49 -35.08
N MET B 781 -15.69 10.77 -34.65
CA MET B 781 -15.54 9.68 -33.70
C MET B 781 -16.01 8.41 -34.41
N PHE B 782 -15.11 7.43 -34.51
CA PHE B 782 -15.35 6.27 -35.35
C PHE B 782 -14.99 5.00 -34.61
N THR B 783 -15.85 3.99 -34.70
CA THR B 783 -15.58 2.67 -34.15
C THR B 783 -15.96 1.65 -35.21
N GLY B 784 -14.98 0.87 -35.65
CA GLY B 784 -15.22 -0.04 -36.76
C GLY B 784 -13.92 -0.57 -37.30
N SER B 785 -13.91 -0.87 -38.60
CA SER B 785 -12.79 -1.57 -39.20
C SER B 785 -11.58 -0.65 -39.40
N THR B 786 -10.39 -1.25 -39.35
CA THR B 786 -9.17 -0.51 -39.64
C THR B 786 -9.22 0.17 -41.01
N GLU B 787 -9.81 -0.52 -42.00
CA GLU B 787 -9.78 -0.02 -43.36
C GLU B 787 -10.60 1.27 -43.52
N VAL B 788 -11.79 1.31 -42.93
CA VAL B 788 -12.59 2.53 -43.00
C VAL B 788 -11.94 3.64 -42.19
N ALA B 789 -11.35 3.32 -41.05
CA ALA B 789 -10.68 4.34 -40.24
C ALA B 789 -9.56 5.03 -41.04
N ARG B 790 -8.80 4.26 -41.80
CA ARG B 790 -7.75 4.85 -42.63
C ARG B 790 -8.36 5.72 -43.73
N LEU B 791 -9.49 5.31 -44.29
CA LEU B 791 -10.13 6.14 -45.30
C LEU B 791 -10.58 7.48 -44.70
N ILE B 792 -11.18 7.42 -43.51
CA ILE B 792 -11.63 8.64 -42.83
C ILE B 792 -10.43 9.54 -42.54
N GLN B 793 -9.36 8.96 -42.01
CA GLN B 793 -8.15 9.71 -41.70
C GLN B 793 -7.62 10.43 -42.93
N ALA B 794 -7.71 9.80 -44.11
CA ALA B 794 -7.23 10.45 -45.32
C ALA B 794 -8.13 11.58 -45.76
N GLN B 795 -9.47 11.38 -45.73
CA GLN B 795 -10.38 12.50 -46.02
C GLN B 795 -10.09 13.68 -45.09
N LEU B 796 -9.83 13.41 -43.80
CA LEU B 796 -9.69 14.50 -42.85
C LEU B 796 -8.38 15.24 -43.04
N ALA B 797 -7.34 14.56 -43.48
CA ALA B 797 -6.01 15.16 -43.59
C ALA B 797 -5.91 16.19 -44.69
N ASP B 798 -6.84 16.21 -45.64
CA ASP B 798 -6.83 17.27 -46.64
C ASP B 798 -7.41 18.58 -46.13
N ARG B 799 -8.07 18.57 -44.98
CA ARG B 799 -8.74 19.74 -44.43
C ARG B 799 -8.03 20.18 -43.15
N LEU B 800 -8.23 21.44 -42.79
CA LEU B 800 -7.84 21.95 -41.48
C LEU B 800 -9.05 22.57 -40.81
N SER B 801 -9.00 22.68 -39.47
CA SER B 801 -10.01 23.41 -38.74
C SER B 801 -9.95 24.88 -39.13
N PRO B 802 -11.00 25.65 -38.82
CA PRO B 802 -10.95 27.10 -39.08
C PRO B 802 -9.71 27.75 -38.47
N ALA B 803 -9.26 27.28 -37.31
CA ALA B 803 -8.06 27.78 -36.66
C ALA B 803 -6.77 27.17 -37.23
N GLY B 804 -6.87 26.39 -38.30
CA GLY B 804 -5.67 25.88 -38.96
C GLY B 804 -5.00 24.73 -38.26
N ARG B 805 -5.76 23.87 -37.59
CA ARG B 805 -5.21 22.74 -36.87
C ARG B 805 -5.84 21.45 -37.37
N PRO B 806 -5.16 20.32 -37.21
CA PRO B 806 -5.71 19.06 -37.74
C PRO B 806 -7.05 18.72 -37.10
N ILE B 807 -7.94 18.16 -37.90
CA ILE B 807 -9.27 17.80 -37.41
C ILE B 807 -9.16 16.52 -36.60
N PRO B 808 -9.65 16.49 -35.36
CA PRO B 808 -9.43 15.33 -34.49
C PRO B 808 -10.19 14.11 -34.98
N LEU B 809 -9.58 12.96 -34.81
CA LEU B 809 -10.21 11.69 -35.15
C LEU B 809 -9.99 10.75 -34.00
N ILE B 810 -11.08 10.22 -33.44
CA ILE B 810 -11.00 9.15 -32.46
C ILE B 810 -11.49 7.89 -33.12
N ALA B 811 -10.60 6.91 -33.25
CA ALA B 811 -10.86 5.70 -34.02
C ALA B 811 -10.52 4.49 -33.17
N GLU B 812 -11.52 3.69 -32.84
CA GLU B 812 -11.32 2.42 -32.16
C GLU B 812 -11.54 1.29 -33.16
N THR B 813 -10.54 0.41 -33.29
CA THR B 813 -10.51 -0.50 -34.44
C THR B 813 -10.13 -1.93 -34.05
N GLY B 814 -10.56 -2.40 -32.89
CA GLY B 814 -10.49 -3.87 -32.73
C GLY B 814 -9.08 -4.41 -32.47
N GLY B 815 -8.99 -5.74 -32.47
CA GLY B 815 -7.74 -6.38 -32.05
C GLY B 815 -7.75 -7.86 -32.32
N GLN B 816 -6.57 -8.46 -32.15
CA GLN B 816 -6.33 -9.90 -32.26
C GLN B 816 -5.98 -10.40 -30.86
N ASN B 817 -7.00 -10.57 -30.02
CA ASN B 817 -6.78 -10.63 -28.57
C ASN B 817 -6.42 -12.04 -28.14
N ALA B 818 -5.36 -12.15 -27.35
CA ALA B 818 -4.84 -13.42 -26.88
C ALA B 818 -5.13 -13.59 -25.40
N MET B 819 -5.16 -14.86 -24.97
CA MET B 819 -5.14 -15.17 -23.55
C MET B 819 -4.07 -16.23 -23.36
N ILE B 820 -3.22 -16.04 -22.35
CA ILE B 820 -2.13 -16.97 -22.05
C ILE B 820 -2.49 -17.69 -20.75
N VAL B 821 -2.34 -19.02 -20.75
CA VAL B 821 -2.72 -19.89 -19.64
C VAL B 821 -1.51 -20.76 -19.32
N ASP B 822 -1.06 -20.76 -18.07
CA ASP B 822 0.04 -21.65 -17.69
C ASP B 822 -0.49 -22.82 -16.88
N SER B 823 0.42 -23.72 -16.50
CA SER B 823 0.00 -24.95 -15.84
C SER B 823 -0.52 -24.73 -14.42
N SER B 824 -0.39 -23.53 -13.86
CA SER B 824 -0.90 -23.29 -12.52
C SER B 824 -2.36 -22.87 -12.51
N ALA B 825 -2.91 -22.50 -13.66
CA ALA B 825 -4.28 -22.00 -13.72
C ALA B 825 -5.27 -23.12 -13.43
N LEU B 826 -6.43 -22.76 -12.91
CA LEU B 826 -7.49 -23.74 -12.65
C LEU B 826 -8.27 -23.97 -13.94
N ALA B 827 -8.24 -25.21 -14.43
CA ALA B 827 -8.79 -25.51 -15.75
C ALA B 827 -10.26 -25.13 -15.87
N GLU B 828 -11.07 -25.46 -14.86
CA GLU B 828 -12.49 -25.13 -14.92
C GLU B 828 -12.71 -23.63 -15.04
N GLN B 829 -11.90 -22.85 -14.33
CA GLN B 829 -12.09 -21.41 -14.39
C GLN B 829 -11.66 -20.89 -15.74
N VAL B 830 -10.55 -21.41 -16.26
CA VAL B 830 -10.08 -21.09 -17.60
C VAL B 830 -11.17 -21.40 -18.63
N VAL B 831 -11.76 -22.60 -18.55
CA VAL B 831 -12.71 -22.97 -19.58
C VAL B 831 -13.92 -22.04 -19.58
N GLY B 832 -14.45 -21.72 -18.39
CA GLY B 832 -15.54 -20.79 -18.31
C GLY B 832 -15.19 -19.43 -18.89
N ASP B 833 -13.98 -18.95 -18.60
CA ASP B 833 -13.58 -17.63 -19.08
C ASP B 833 -13.29 -17.64 -20.58
N VAL B 834 -12.82 -18.76 -21.11
CA VAL B 834 -12.58 -18.85 -22.55
C VAL B 834 -13.91 -18.90 -23.30
N ILE B 835 -14.84 -19.74 -22.86
CA ILE B 835 -16.13 -19.89 -23.53
C ILE B 835 -16.82 -18.54 -23.61
N THR B 836 -16.81 -17.78 -22.52
CA THR B 836 -17.40 -16.45 -22.51
C THR B 836 -16.63 -15.52 -23.43
N SER B 837 -15.31 -15.47 -23.30
CA SER B 837 -14.52 -14.49 -24.04
C SER B 837 -14.59 -14.74 -25.55
N ALA B 838 -14.56 -16.01 -25.97
CA ALA B 838 -14.50 -16.30 -27.40
C ALA B 838 -15.86 -16.31 -28.09
N PHE B 839 -16.93 -16.73 -27.42
CA PHE B 839 -18.16 -17.07 -28.11
C PHE B 839 -19.38 -16.27 -27.67
N ASP B 840 -19.30 -15.57 -26.53
CA ASP B 840 -20.36 -14.63 -26.18
C ASP B 840 -20.56 -13.65 -27.31
N SER B 841 -21.83 -13.36 -27.61
CA SER B 841 -22.19 -12.48 -28.71
C SER B 841 -21.65 -13.00 -30.03
N ALA B 842 -21.53 -14.32 -30.12
CA ALA B 842 -21.00 -15.00 -31.29
C ALA B 842 -19.63 -14.44 -31.67
N GLY B 843 -18.85 -14.09 -30.65
CA GLY B 843 -17.51 -13.56 -30.89
C GLY B 843 -17.48 -12.23 -31.60
N GLN B 844 -18.59 -11.49 -31.61
CA GLN B 844 -18.65 -10.20 -32.30
C GLN B 844 -18.37 -9.04 -31.35
N ARG B 845 -17.47 -9.24 -30.40
CA ARG B 845 -16.94 -8.16 -29.58
C ARG B 845 -15.55 -7.83 -30.08
N CYS B 846 -15.25 -6.53 -30.17
CA CYS B 846 -13.87 -6.15 -30.46
C CYS B 846 -12.90 -6.73 -29.42
N SER B 847 -13.37 -6.96 -28.21
CA SER B 847 -12.58 -7.54 -27.13
C SER B 847 -12.50 -9.06 -27.15
N ALA B 848 -13.19 -9.72 -28.09
CA ALA B 848 -13.33 -11.17 -28.02
C ALA B 848 -11.99 -11.87 -28.08
N LEU B 849 -11.89 -12.99 -27.37
CA LEU B 849 -10.69 -13.83 -27.42
C LEU B 849 -10.54 -14.47 -28.80
N ARG B 850 -9.39 -14.27 -29.43
CA ARG B 850 -9.12 -14.80 -30.75
C ARG B 850 -8.09 -15.91 -30.73
N VAL B 851 -7.14 -15.86 -29.80
CA VAL B 851 -6.06 -16.83 -29.73
C VAL B 851 -5.87 -17.25 -28.29
N LEU B 852 -6.09 -18.53 -28.02
CA LEU B 852 -5.87 -19.09 -26.70
C LEU B 852 -4.52 -19.78 -26.70
N CYS B 853 -3.66 -19.42 -25.74
CA CYS B 853 -2.30 -19.94 -25.66
C CYS B 853 -2.17 -20.78 -24.41
N LEU B 854 -1.96 -22.08 -24.61
CA LEU B 854 -2.00 -23.05 -23.52
C LEU B 854 -0.62 -23.65 -23.32
N GLN B 855 -0.14 -23.63 -22.08
CA GLN B 855 1.12 -24.30 -21.78
C GLN B 855 1.01 -25.77 -22.18
N GLU B 856 2.06 -26.25 -22.86
CA GLU B 856 2.05 -27.58 -23.46
C GLU B 856 1.58 -28.66 -22.50
N ASP B 857 2.01 -28.59 -21.24
CA ASP B 857 1.77 -29.68 -20.28
C ASP B 857 0.30 -29.81 -19.90
N VAL B 858 -0.50 -28.74 -20.01
CA VAL B 858 -1.92 -28.82 -19.68
C VAL B 858 -2.82 -28.64 -20.89
N ALA B 859 -2.26 -28.51 -22.09
CA ALA B 859 -3.07 -28.15 -23.25
C ALA B 859 -4.13 -29.20 -23.56
N ASP B 860 -3.75 -30.48 -23.58
CA ASP B 860 -4.73 -31.50 -23.97
C ASP B 860 -5.90 -31.57 -23.00
N ARG B 861 -5.63 -31.49 -21.69
CA ARG B 861 -6.72 -31.61 -20.75
C ARG B 861 -7.68 -30.43 -20.82
N ILE B 862 -7.13 -29.22 -20.90
CA ILE B 862 -7.99 -28.04 -21.05
C ILE B 862 -8.76 -28.09 -22.37
N LEU B 863 -8.11 -28.54 -23.44
CA LEU B 863 -8.83 -28.67 -24.71
C LEU B 863 -9.99 -29.65 -24.59
N THR B 864 -9.76 -30.80 -23.93
CA THR B 864 -10.87 -31.74 -23.74
C THR B 864 -12.02 -31.07 -22.98
N MET B 865 -11.70 -30.35 -21.91
CA MET B 865 -12.74 -29.70 -21.11
C MET B 865 -13.43 -28.62 -21.91
N LEU B 866 -12.65 -27.86 -22.67
CA LEU B 866 -13.21 -26.80 -23.51
C LEU B 866 -14.19 -27.39 -24.51
N LYS B 867 -13.83 -28.50 -25.14
CA LYS B 867 -14.70 -29.11 -26.13
C LYS B 867 -15.95 -29.70 -25.48
N GLY B 868 -15.81 -30.29 -24.29
CA GLY B 868 -16.98 -30.78 -23.58
C GLY B 868 -17.94 -29.67 -23.20
N ALA B 869 -17.41 -28.55 -22.71
CA ALA B 869 -18.24 -27.41 -22.37
C ALA B 869 -18.90 -26.81 -23.62
N LEU B 870 -18.18 -26.77 -24.74
CA LEU B 870 -18.74 -26.20 -25.95
C LEU B 870 -19.99 -26.94 -26.38
N HIS B 871 -19.99 -28.26 -26.25
CA HIS B 871 -21.14 -29.00 -26.75
C HIS B 871 -22.38 -28.84 -25.87
N GLU B 872 -22.26 -28.14 -24.75
CA GLU B 872 -23.41 -27.86 -23.90
C GLU B 872 -24.06 -26.52 -24.23
N LEU B 873 -23.52 -25.77 -25.19
CA LEU B 873 -24.07 -24.47 -25.56
C LEU B 873 -25.29 -24.63 -26.45
N HIS B 874 -26.24 -23.70 -26.31
CA HIS B 874 -27.45 -23.68 -27.12
C HIS B 874 -27.34 -22.50 -28.09
N ILE B 875 -27.37 -22.80 -29.39
CA ILE B 875 -27.27 -21.79 -30.43
C ILE B 875 -28.62 -21.68 -31.13
N GLY B 876 -29.13 -20.45 -31.27
CA GLY B 876 -30.39 -20.28 -31.95
C GLY B 876 -30.89 -18.85 -31.81
N ARG B 877 -32.12 -18.64 -32.27
CA ARG B 877 -32.73 -17.32 -32.21
C ARG B 877 -32.87 -16.90 -30.76
N THR B 878 -32.48 -15.66 -30.47
CA THR B 878 -32.23 -15.23 -29.11
C THR B 878 -33.46 -14.70 -28.36
N ASP B 879 -34.67 -15.08 -28.77
CA ASP B 879 -35.83 -14.73 -27.97
C ASP B 879 -36.23 -15.85 -27.03
N ARG B 880 -35.26 -16.67 -26.64
CA ARG B 880 -35.43 -17.69 -25.61
C ARG B 880 -34.30 -17.52 -24.59
N LEU B 881 -34.66 -17.51 -23.30
CA LEU B 881 -33.66 -17.40 -22.23
C LEU B 881 -32.61 -18.49 -22.29
N SER B 882 -33.00 -19.70 -22.71
CA SER B 882 -32.09 -20.84 -22.81
C SER B 882 -31.02 -20.71 -23.89
N VAL B 883 -31.09 -19.69 -24.74
CA VAL B 883 -30.13 -19.59 -25.83
C VAL B 883 -28.86 -18.91 -25.34
N ASP B 884 -27.71 -19.53 -25.61
CA ASP B 884 -26.44 -19.01 -25.18
C ASP B 884 -25.77 -18.13 -26.22
N VAL B 885 -25.86 -18.52 -27.49
CA VAL B 885 -25.15 -17.87 -28.59
C VAL B 885 -26.14 -17.64 -29.73
N GLY B 886 -26.26 -16.40 -30.17
CA GLY B 886 -27.15 -16.09 -31.27
C GLY B 886 -26.42 -16.07 -32.60
N PRO B 887 -27.05 -15.44 -33.57
CA PRO B 887 -26.52 -15.42 -34.95
C PRO B 887 -25.41 -14.40 -35.12
N VAL B 888 -24.69 -14.51 -36.25
CA VAL B 888 -23.82 -13.41 -36.67
C VAL B 888 -24.67 -12.43 -37.46
N ILE B 889 -24.14 -11.23 -37.70
CA ILE B 889 -25.01 -10.10 -37.99
C ILE B 889 -25.62 -10.17 -39.40
N THR B 890 -24.89 -10.71 -40.38
CA THR B 890 -25.35 -10.72 -41.76
C THR B 890 -24.83 -11.96 -42.48
N SER B 891 -25.42 -12.22 -43.66
CA SER B 891 -24.92 -13.27 -44.55
C SER B 891 -23.47 -13.00 -44.94
N GLU B 892 -23.14 -11.73 -45.20
CA GLU B 892 -21.78 -11.39 -45.63
C GLU B 892 -20.78 -11.69 -44.52
N ALA B 893 -21.10 -11.30 -43.29
CA ALA B 893 -20.23 -11.64 -42.16
C ALA B 893 -20.08 -13.14 -42.05
N LYS B 894 -21.19 -13.87 -42.15
CA LYS B 894 -21.14 -15.33 -42.06
C LYS B 894 -20.24 -15.91 -43.15
N ASP B 895 -20.38 -15.42 -44.40
CA ASP B 895 -19.54 -15.96 -45.46
C ASP B 895 -18.07 -15.64 -45.24
N ASN B 896 -17.78 -14.46 -44.68
CA ASN B 896 -16.40 -14.06 -44.44
C ASN B 896 -15.75 -14.97 -43.40
N ILE B 897 -16.50 -15.27 -42.32
CA ILE B 897 -16.01 -16.16 -41.27
C ILE B 897 -15.76 -17.56 -41.82
N GLU B 898 -16.75 -18.11 -42.54
CA GLU B 898 -16.61 -19.46 -43.06
C GLU B 898 -15.50 -19.56 -44.10
N LYS B 899 -15.28 -18.50 -44.89
CA LYS B 899 -14.15 -18.48 -45.81
C LYS B 899 -12.84 -18.68 -45.07
N HIS B 900 -12.69 -18.05 -43.90
CA HIS B 900 -11.49 -18.28 -43.09
C HIS B 900 -11.43 -19.70 -42.54
N ILE B 901 -12.58 -20.21 -42.07
CA ILE B 901 -12.59 -21.55 -41.48
C ILE B 901 -12.26 -22.59 -42.52
N GLU B 902 -12.87 -22.46 -43.69
CA GLU B 902 -12.59 -23.41 -44.77
C GLU B 902 -11.16 -23.30 -45.26
N ARG B 903 -10.58 -22.09 -45.24
CA ARG B 903 -9.17 -21.96 -45.59
C ARG B 903 -8.28 -22.67 -44.57
N MET B 904 -8.63 -22.60 -43.28
CA MET B 904 -7.88 -23.31 -42.25
C MET B 904 -8.10 -24.81 -42.35
N ARG B 905 -9.36 -25.23 -42.53
CA ARG B 905 -9.65 -26.64 -42.80
C ARG B 905 -8.87 -27.12 -44.01
N GLY B 906 -8.84 -26.31 -45.07
CA GLY B 906 -8.09 -26.69 -46.25
C GLY B 906 -6.61 -26.89 -45.95
N LEU B 907 -6.05 -26.09 -45.05
CA LEU B 907 -4.64 -26.23 -44.70
C LEU B 907 -4.39 -27.37 -43.73
N GLY B 908 -5.40 -28.13 -43.35
CA GLY B 908 -5.20 -29.32 -42.54
C GLY B 908 -5.28 -29.12 -41.04
N ARG B 909 -5.59 -27.91 -40.57
CA ARG B 909 -5.65 -27.65 -39.14
C ARG B 909 -6.86 -28.33 -38.52
N LYS B 910 -6.70 -28.82 -37.28
CA LYS B 910 -7.82 -29.44 -36.59
C LYS B 910 -8.90 -28.41 -36.30
N VAL B 911 -10.16 -28.78 -36.56
CA VAL B 911 -11.30 -27.86 -36.46
C VAL B 911 -12.45 -28.57 -35.77
N GLU B 912 -12.84 -28.08 -34.60
CA GLU B 912 -14.00 -28.58 -33.88
C GLU B 912 -15.14 -27.57 -34.02
N GLN B 913 -16.37 -28.08 -34.20
CA GLN B 913 -17.54 -27.22 -34.30
C GLN B 913 -18.74 -27.85 -33.60
N ILE B 914 -19.53 -27.00 -32.93
CA ILE B 914 -20.82 -27.43 -32.41
C ILE B 914 -21.80 -27.66 -33.57
N GLY B 915 -22.75 -28.56 -33.35
CA GLY B 915 -23.79 -28.79 -34.35
C GLY B 915 -24.88 -27.74 -34.25
N LEU B 916 -25.40 -27.34 -35.41
CA LEU B 916 -26.44 -26.32 -35.48
C LEU B 916 -27.79 -26.98 -35.73
N ALA B 917 -28.80 -26.58 -34.93
CA ALA B 917 -30.14 -27.11 -35.11
C ALA B 917 -30.73 -26.66 -36.45
N SER B 918 -31.72 -27.41 -36.92
CA SER B 918 -32.34 -27.10 -38.20
C SER B 918 -32.95 -25.70 -38.19
N GLU B 919 -33.52 -25.29 -37.05
CA GLU B 919 -34.20 -24.00 -36.94
C GLU B 919 -33.29 -22.81 -37.21
N THR B 920 -31.97 -23.00 -37.24
CA THR B 920 -31.08 -21.90 -37.54
C THR B 920 -30.99 -21.58 -39.03
N GLY B 921 -31.53 -22.43 -39.90
CA GLY B 921 -31.43 -22.20 -41.34
C GLY B 921 -32.13 -20.94 -41.82
N VAL B 922 -33.09 -20.42 -41.05
CA VAL B 922 -33.77 -19.19 -41.44
C VAL B 922 -32.99 -17.94 -41.08
N GLY B 923 -31.88 -18.06 -40.34
CA GLY B 923 -31.05 -16.92 -39.98
C GLY B 923 -29.60 -17.13 -40.37
N THR B 924 -28.69 -16.23 -39.98
CA THR B 924 -27.28 -16.36 -40.31
C THR B 924 -26.50 -16.77 -39.05
N PHE B 925 -26.21 -18.05 -38.93
CA PHE B 925 -25.51 -18.58 -37.77
C PHE B 925 -24.17 -19.20 -38.17
N VAL B 926 -23.18 -19.04 -37.29
CA VAL B 926 -21.90 -19.72 -37.38
C VAL B 926 -21.69 -20.46 -36.07
N PRO B 927 -21.45 -21.77 -36.08
CA PRO B 927 -21.27 -22.48 -34.82
C PRO B 927 -19.97 -22.08 -34.16
N PRO B 928 -19.94 -22.06 -32.83
CA PRO B 928 -18.67 -21.89 -32.13
C PRO B 928 -17.64 -22.88 -32.66
N THR B 929 -16.46 -22.37 -32.99
CA THR B 929 -15.43 -23.13 -33.68
C THR B 929 -14.09 -22.99 -32.96
N ILE B 930 -13.37 -24.09 -32.84
CA ILE B 930 -12.02 -24.11 -32.31
C ILE B 930 -11.08 -24.57 -33.42
N ILE B 931 -10.01 -23.82 -33.65
CA ILE B 931 -9.02 -24.14 -34.67
C ILE B 931 -7.65 -24.14 -34.01
N GLU B 932 -6.94 -25.27 -34.14
CA GLU B 932 -5.62 -25.37 -33.53
C GLU B 932 -4.56 -24.99 -34.55
N LEU B 933 -3.71 -24.03 -34.18
CA LEU B 933 -2.67 -23.50 -35.05
C LEU B 933 -1.29 -23.97 -34.56
N GLU B 934 -0.32 -23.91 -35.47
CA GLU B 934 1.05 -24.23 -35.10
C GLU B 934 1.75 -23.02 -34.50
N LYS B 935 1.61 -21.86 -35.14
CA LYS B 935 2.18 -20.62 -34.66
C LYS B 935 1.12 -19.53 -34.73
N LEU B 936 1.30 -18.51 -33.90
CA LEU B 936 0.39 -17.38 -33.88
C LEU B 936 0.35 -16.71 -35.26
N SER B 937 1.49 -16.57 -35.91
CA SER B 937 1.55 -15.90 -37.21
C SER B 937 0.81 -16.66 -38.31
N ASP B 938 0.28 -17.86 -38.02
CA ASP B 938 -0.62 -18.52 -38.97
C ASP B 938 -1.94 -17.79 -39.12
N LEU B 939 -2.32 -16.98 -38.13
CA LEU B 939 -3.53 -16.15 -38.19
C LEU B 939 -3.12 -14.82 -38.81
N GLN B 940 -3.61 -14.55 -40.01
CA GLN B 940 -3.13 -13.44 -40.81
C GLN B 940 -4.19 -12.36 -41.06
N ARG B 941 -5.32 -12.40 -40.35
CA ARG B 941 -6.34 -11.36 -40.43
C ARG B 941 -7.32 -11.54 -39.29
N GLU B 942 -8.06 -10.48 -38.99
CA GLU B 942 -9.09 -10.56 -37.96
C GLU B 942 -10.28 -11.36 -38.49
N VAL B 943 -10.73 -12.33 -37.70
CA VAL B 943 -11.92 -13.11 -38.02
C VAL B 943 -12.97 -12.78 -36.97
N PHE B 944 -13.96 -11.99 -37.39
CA PHE B 944 -14.87 -11.33 -36.45
C PHE B 944 -16.10 -12.21 -36.22
N GLY B 945 -15.88 -13.30 -35.51
CA GLY B 945 -16.92 -14.27 -35.29
C GLY B 945 -16.52 -15.28 -34.23
N PRO B 946 -17.34 -16.31 -34.05
CA PRO B 946 -17.12 -17.24 -32.92
C PRO B 946 -16.08 -18.30 -33.25
N VAL B 947 -14.84 -17.85 -33.47
CA VAL B 947 -13.79 -18.71 -33.99
C VAL B 947 -12.59 -18.56 -33.07
N LEU B 948 -12.32 -19.58 -32.28
CA LEU B 948 -11.22 -19.55 -31.34
C LEU B 948 -10.03 -20.30 -31.90
N HIS B 949 -8.89 -19.65 -31.97
CA HIS B 949 -7.63 -20.27 -32.38
C HIS B 949 -6.85 -20.67 -31.14
N VAL B 950 -6.20 -21.83 -31.19
CA VAL B 950 -5.50 -22.37 -30.03
C VAL B 950 -4.07 -22.70 -30.42
N ILE B 951 -3.11 -22.22 -29.63
CA ILE B 951 -1.72 -22.59 -29.81
C ILE B 951 -1.17 -23.09 -28.48
N ARG B 952 -0.15 -23.94 -28.58
CA ARG B 952 0.53 -24.54 -27.44
C ARG B 952 1.94 -23.96 -27.35
N TYR B 953 2.41 -23.75 -26.13
CA TYR B 953 3.76 -23.19 -25.96
C TYR B 953 4.47 -23.90 -24.82
N ARG B 954 5.80 -23.95 -24.93
CA ARG B 954 6.63 -24.48 -23.85
C ARG B 954 6.90 -23.36 -22.86
N ARG B 955 6.90 -23.68 -21.55
CA ARG B 955 7.02 -22.62 -20.56
C ARG B 955 8.28 -21.79 -20.77
N ASP B 956 9.35 -22.41 -21.24
CA ASP B 956 10.60 -21.70 -21.50
C ASP B 956 10.44 -20.61 -22.56
N ASP B 957 9.44 -20.73 -23.43
CA ASP B 957 9.25 -19.82 -24.54
C ASP B 957 8.22 -18.74 -24.25
N LEU B 958 7.84 -18.58 -22.98
CA LEU B 958 6.83 -17.59 -22.62
C LEU B 958 7.22 -16.20 -23.11
N ASP B 959 8.46 -15.79 -22.89
CA ASP B 959 8.85 -14.44 -23.30
C ASP B 959 8.77 -14.28 -24.82
N ARG B 960 9.12 -15.32 -25.58
CA ARG B 960 8.97 -15.24 -27.02
C ARG B 960 7.50 -15.26 -27.43
N LEU B 961 6.65 -15.95 -26.67
CA LEU B 961 5.23 -15.94 -26.99
C LEU B 961 4.63 -14.55 -26.80
N VAL B 962 5.06 -13.83 -25.76
CA VAL B 962 4.61 -12.46 -25.57
C VAL B 962 5.05 -11.59 -26.76
N ASP B 963 6.30 -11.77 -27.22
CA ASP B 963 6.75 -11.13 -28.47
C ASP B 963 5.80 -11.42 -29.62
N ASP B 964 5.45 -12.69 -29.80
CA ASP B 964 4.59 -13.10 -30.90
C ASP B 964 3.22 -12.43 -30.81
N VAL B 965 2.66 -12.32 -29.60
CA VAL B 965 1.38 -11.63 -29.45
C VAL B 965 1.52 -10.16 -29.80
N ASN B 966 2.58 -9.50 -29.30
CA ASN B 966 2.81 -8.09 -29.61
C ASN B 966 3.05 -7.88 -31.11
N ALA B 967 3.61 -8.88 -31.79
CA ALA B 967 4.07 -8.70 -33.15
C ALA B 967 2.93 -8.46 -34.15
N THR B 968 1.69 -8.79 -33.79
CA THR B 968 0.58 -8.53 -34.71
C THR B 968 0.34 -7.04 -34.92
N GLY B 969 0.86 -6.18 -34.04
CA GLY B 969 0.59 -4.76 -34.12
C GLY B 969 -0.67 -4.29 -33.43
N TYR B 970 -1.57 -5.21 -33.08
CA TYR B 970 -2.75 -4.86 -32.31
C TYR B 970 -2.41 -4.83 -30.82
N GLY B 971 -3.26 -4.22 -30.04
CA GLY B 971 -3.03 -4.19 -28.61
C GLY B 971 -4.29 -3.80 -27.89
N LEU B 972 -5.35 -4.60 -28.05
CA LEU B 972 -6.63 -4.22 -27.44
C LEU B 972 -6.80 -4.92 -26.09
N THR B 973 -7.33 -6.15 -26.06
CA THR B 973 -7.46 -6.85 -24.80
C THR B 973 -6.46 -8.01 -24.75
N PHE B 974 -6.12 -8.40 -23.52
CA PHE B 974 -5.18 -9.49 -23.29
C PHE B 974 -5.53 -10.13 -21.97
N GLY B 975 -5.57 -11.47 -21.92
CA GLY B 975 -5.86 -12.18 -20.70
C GLY B 975 -4.69 -13.05 -20.25
N LEU B 976 -4.56 -13.22 -18.94
CA LEU B 976 -3.53 -14.09 -18.36
C LEU B 976 -4.16 -14.89 -17.24
N HIS B 977 -4.01 -16.22 -17.30
CA HIS B 977 -4.51 -17.09 -16.24
C HIS B 977 -3.29 -17.78 -15.62
N THR B 978 -2.99 -17.40 -14.38
CA THR B 978 -1.87 -17.98 -13.65
C THR B 978 -2.07 -17.65 -12.18
N ARG B 979 -1.57 -18.53 -11.33
CA ARG B 979 -1.55 -18.24 -9.91
C ARG B 979 -0.23 -17.63 -9.45
N LEU B 980 0.74 -17.46 -10.35
CA LEU B 980 2.12 -17.18 -9.97
C LEU B 980 2.46 -15.70 -10.16
N ASP B 981 2.83 -15.03 -9.07
CA ASP B 981 3.12 -13.60 -9.14
C ASP B 981 4.26 -13.29 -10.11
N GLU B 982 5.28 -14.17 -10.19
CA GLU B 982 6.40 -13.90 -11.09
C GLU B 982 5.94 -13.93 -12.54
N THR B 983 5.03 -14.85 -12.85
CA THR B 983 4.50 -14.92 -14.19
C THR B 983 3.60 -13.72 -14.47
N ILE B 984 2.84 -13.27 -13.47
CA ILE B 984 2.03 -12.06 -13.66
C ILE B 984 2.94 -10.86 -13.93
N ALA B 985 3.98 -10.68 -13.11
CA ALA B 985 4.85 -9.53 -13.29
C ALA B 985 5.56 -9.57 -14.64
N HIS B 986 6.03 -10.76 -15.03
CA HIS B 986 6.74 -10.89 -16.30
C HIS B 986 5.82 -10.51 -17.46
N VAL B 987 4.66 -11.17 -17.55
CA VAL B 987 3.78 -11.04 -18.70
C VAL B 987 3.19 -9.64 -18.81
N THR B 988 2.76 -9.06 -17.68
CA THR B 988 2.13 -7.73 -17.73
C THR B 988 3.15 -6.63 -18.00
N SER B 989 4.42 -6.83 -17.67
CA SER B 989 5.44 -5.85 -18.01
C SER B 989 5.86 -5.91 -19.48
N ARG B 990 5.64 -7.04 -20.16
CA ARG B 990 6.10 -7.19 -21.53
C ARG B 990 5.00 -7.06 -22.58
N ILE B 991 3.76 -7.38 -22.22
CA ILE B 991 2.66 -7.31 -23.18
C ILE B 991 2.35 -5.85 -23.49
N LYS B 992 1.93 -5.59 -24.71
CA LYS B 992 1.53 -4.25 -25.13
C LYS B 992 0.07 -4.32 -25.51
N ALA B 993 -0.82 -4.15 -24.54
CA ALA B 993 -2.24 -4.12 -24.80
C ALA B 993 -2.87 -3.07 -23.89
N GLY B 994 -3.95 -2.45 -24.36
CA GLY B 994 -4.60 -1.41 -23.59
C GLY B 994 -5.41 -1.90 -22.40
N ASN B 995 -5.93 -3.12 -22.47
CA ASN B 995 -6.83 -3.64 -21.44
C ASN B 995 -6.37 -5.04 -21.08
N LEU B 996 -5.83 -5.18 -19.86
CA LEU B 996 -5.29 -6.43 -19.36
C LEU B 996 -6.26 -7.04 -18.35
N TYR B 997 -6.35 -8.37 -18.34
CA TYR B 997 -7.29 -9.08 -17.48
C TYR B 997 -6.56 -10.30 -16.89
N ILE B 998 -6.60 -10.43 -15.57
CA ILE B 998 -5.86 -11.49 -14.89
C ILE B 998 -6.87 -12.38 -14.18
N ASN B 999 -6.89 -13.66 -14.57
CA ASN B 999 -7.72 -14.69 -13.93
C ASN B 999 -9.22 -14.40 -14.04
N ARG B 1000 -9.61 -13.88 -15.20
CA ARG B 1000 -11.02 -13.61 -15.50
C ARG B 1000 -11.17 -13.54 -17.02
N ASN B 1001 -12.40 -13.31 -17.47
CA ASN B 1001 -12.58 -13.20 -18.92
C ASN B 1001 -12.04 -11.84 -19.39
N ILE B 1002 -12.01 -11.64 -20.71
CA ILE B 1002 -11.39 -10.44 -21.24
C ILE B 1002 -12.41 -9.54 -21.93
N ILE B 1003 -13.71 -9.72 -21.66
CA ILE B 1003 -14.74 -8.98 -22.35
C ILE B 1003 -15.52 -8.13 -21.34
N GLY B 1004 -16.30 -7.19 -21.88
CA GLY B 1004 -17.28 -6.50 -21.06
C GLY B 1004 -16.68 -5.42 -20.20
N ALA B 1005 -15.74 -4.66 -20.75
CA ALA B 1005 -15.12 -3.59 -20.01
C ALA B 1005 -16.18 -2.62 -19.47
N VAL B 1006 -16.04 -2.24 -18.22
CA VAL B 1006 -17.04 -1.45 -17.52
C VAL B 1006 -16.61 0.00 -17.51
N VAL B 1007 -17.51 0.88 -17.94
CA VAL B 1007 -17.24 2.31 -17.97
C VAL B 1007 -16.67 2.80 -16.65
N GLY B 1008 -15.55 3.50 -16.72
CA GLY B 1008 -14.96 4.10 -15.55
C GLY B 1008 -14.28 3.13 -14.62
N VAL B 1009 -14.36 1.83 -14.88
CA VAL B 1009 -13.72 0.81 -14.07
C VAL B 1009 -12.61 0.12 -14.86
N GLN B 1010 -12.89 -0.27 -16.11
CA GLN B 1010 -11.88 -0.62 -17.11
C GLN B 1010 -12.08 0.32 -18.30
N PRO B 1011 -11.59 1.56 -18.22
CA PRO B 1011 -11.54 2.43 -19.40
C PRO B 1011 -10.97 1.67 -20.58
N PHE B 1012 -11.66 1.75 -21.72
CA PHE B 1012 -11.51 0.76 -22.77
C PHE B 1012 -10.85 1.36 -24.00
N GLY B 1013 -9.82 0.70 -24.49
CA GLY B 1013 -9.22 1.04 -25.76
C GLY B 1013 -7.76 0.69 -25.75
N GLY B 1014 -7.21 0.53 -26.94
CA GLY B 1014 -5.85 0.07 -27.07
C GLY B 1014 -4.97 0.98 -27.88
N ARG B 1015 -3.82 0.44 -28.26
CA ARG B 1015 -2.75 1.11 -28.97
CA ARG B 1015 -2.80 1.16 -29.01
C ARG B 1015 -2.54 0.44 -30.33
N GLY B 1016 -1.58 0.97 -31.08
CA GLY B 1016 -1.23 0.33 -32.34
C GLY B 1016 -2.37 0.31 -33.33
N LEU B 1017 -2.57 -0.85 -33.97
CA LEU B 1017 -3.66 -1.02 -34.92
C LEU B 1017 -5.03 -1.08 -34.25
N SER B 1018 -5.07 -1.04 -32.91
CA SER B 1018 -6.32 -1.12 -32.18
C SER B 1018 -6.97 0.24 -31.96
N GLY B 1019 -6.22 1.32 -32.10
CA GLY B 1019 -6.88 2.61 -32.21
C GLY B 1019 -5.97 3.76 -31.86
N THR B 1020 -6.58 4.94 -31.88
CA THR B 1020 -5.91 6.19 -31.56
C THR B 1020 -5.90 6.50 -30.06
N GLY B 1021 -6.90 6.03 -29.34
CA GLY B 1021 -7.19 6.59 -28.04
C GLY B 1021 -7.74 7.99 -28.20
N PRO B 1022 -8.03 8.68 -27.08
CA PRO B 1022 -7.92 8.20 -25.69
C PRO B 1022 -8.98 7.14 -25.41
N LYS B 1023 -8.87 6.45 -24.29
CA LYS B 1023 -9.82 5.39 -23.96
C LYS B 1023 -11.22 5.92 -23.74
N ALA B 1024 -12.21 5.20 -24.28
CA ALA B 1024 -13.61 5.46 -23.98
C ALA B 1024 -13.94 5.11 -22.53
N GLY B 1025 -14.82 5.90 -21.93
CA GLY B 1025 -15.15 5.66 -20.54
C GLY B 1025 -13.96 5.84 -19.63
N GLY B 1026 -13.02 6.68 -20.03
CA GLY B 1026 -11.89 7.04 -19.19
C GLY B 1026 -11.74 8.54 -19.16
N PRO B 1027 -10.83 9.03 -18.31
CA PRO B 1027 -10.83 10.47 -17.98
C PRO B 1027 -10.15 11.35 -19.00
N LEU B 1028 -9.47 10.81 -20.00
CA LEU B 1028 -8.92 11.66 -21.05
C LEU B 1028 -9.87 11.88 -22.20
N TYR B 1029 -11.02 11.22 -22.20
CA TYR B 1029 -11.85 11.16 -23.40
C TYR B 1029 -12.39 12.53 -23.78
N LEU B 1030 -12.99 13.23 -22.81
CA LEU B 1030 -13.66 14.49 -23.12
C LEU B 1030 -12.66 15.54 -23.59
N GLY B 1031 -11.43 15.51 -23.07
CA GLY B 1031 -10.42 16.48 -23.47
C GLY B 1031 -10.10 16.46 -24.96
N ARG B 1032 -10.41 15.38 -25.65
CA ARG B 1032 -10.16 15.33 -27.08
C ARG B 1032 -11.25 16.02 -27.88
N LEU B 1033 -12.38 16.33 -27.26
CA LEU B 1033 -13.52 16.87 -27.96
C LEU B 1033 -13.70 18.37 -27.72
N VAL B 1034 -12.66 19.03 -27.18
CA VAL B 1034 -12.62 20.47 -26.95
C VAL B 1034 -11.28 20.96 -27.49
N THR B 1035 -11.19 22.28 -27.72
CA THR B 1035 -9.98 22.79 -28.36
C THR B 1035 -8.86 23.06 -27.36
N THR B 1036 -9.20 23.18 -26.08
CA THR B 1036 -8.22 23.20 -25.00
C THR B 1036 -8.63 22.15 -23.98
N ALA B 1037 -7.80 21.12 -23.80
CA ALA B 1037 -8.18 20.04 -22.92
C ALA B 1037 -8.07 20.46 -21.45
N PRO B 1038 -9.05 20.11 -20.62
CA PRO B 1038 -8.92 20.36 -19.18
C PRO B 1038 -7.94 19.38 -18.56
N VAL B 1039 -7.67 19.61 -17.27
CA VAL B 1039 -6.91 18.68 -16.44
C VAL B 1039 -7.91 17.66 -15.90
N PRO B 1040 -7.83 16.40 -16.30
CA PRO B 1040 -8.82 15.40 -15.82
C PRO B 1040 -8.70 15.19 -14.31
N PRO B 1041 -9.75 14.69 -13.66
CA PRO B 1041 -9.64 14.33 -12.24
C PRO B 1041 -8.49 13.35 -12.01
N GLN B 1042 -7.77 13.56 -10.91
CA GLN B 1042 -6.71 12.67 -10.44
C GLN B 1042 -5.55 12.55 -11.44
N HIS B 1043 -5.47 13.44 -12.41
CA HIS B 1043 -4.48 13.31 -13.49
C HIS B 1043 -3.22 14.10 -13.12
N SER B 1044 -2.26 13.41 -12.51
CA SER B 1044 -1.00 14.04 -12.13
C SER B 1044 -0.04 12.93 -11.73
N SER B 1045 1.24 13.28 -11.62
CA SER B 1045 2.26 12.30 -11.25
C SER B 1045 3.38 13.02 -10.53
N VAL B 1046 3.94 12.37 -9.49
CA VAL B 1046 5.07 12.95 -8.77
C VAL B 1046 6.41 12.58 -9.40
N HIS B 1047 6.41 11.72 -10.42
CA HIS B 1047 7.66 11.34 -11.02
CA HIS B 1047 7.63 11.28 -11.10
C HIS B 1047 8.01 12.27 -12.18
N THR B 1048 9.31 12.53 -12.31
CA THR B 1048 9.85 13.34 -13.39
C THR B 1048 10.77 12.46 -14.24
N ASP B 1049 10.54 12.45 -15.53
CA ASP B 1049 11.38 11.64 -16.40
C ASP B 1049 12.84 12.08 -16.24
N PRO B 1050 13.77 11.16 -16.01
CA PRO B 1050 15.16 11.58 -15.78
C PRO B 1050 15.86 12.10 -17.03
N VAL B 1051 15.47 11.63 -18.22
CA VAL B 1051 16.06 12.13 -19.46
C VAL B 1051 15.59 13.56 -19.72
N LEU B 1052 14.31 13.85 -19.45
CA LEU B 1052 13.85 15.24 -19.49
C LEU B 1052 14.71 16.14 -18.63
N LEU B 1053 15.03 15.68 -17.41
CA LEU B 1053 15.90 16.46 -16.52
C LEU B 1053 17.26 16.72 -17.16
N ASP B 1054 17.85 15.69 -17.76
CA ASP B 1054 19.16 15.87 -18.41
C ASP B 1054 19.05 16.86 -19.57
N PHE B 1055 17.95 16.80 -20.33
CA PHE B 1055 17.73 17.75 -21.42
C PHE B 1055 17.61 19.17 -20.89
N ALA B 1056 16.88 19.36 -19.79
CA ALA B 1056 16.74 20.70 -19.19
C ALA B 1056 18.09 21.28 -18.79
N LYS B 1057 18.97 20.45 -18.22
CA LYS B 1057 20.27 20.97 -17.82
C LYS B 1057 21.12 21.34 -19.03
N TRP B 1058 21.07 20.51 -20.07
CA TRP B 1058 21.73 20.83 -21.33
C TRP B 1058 21.23 22.16 -21.89
N LEU B 1059 19.92 22.39 -21.86
CA LEU B 1059 19.38 23.66 -22.33
C LEU B 1059 19.90 24.83 -21.48
N ASP B 1060 19.96 24.64 -20.16
CA ASP B 1060 20.54 25.66 -19.29
C ASP B 1060 21.99 25.96 -19.68
N GLY B 1061 22.76 24.91 -19.99
CA GLY B 1061 24.15 25.12 -20.36
C GLY B 1061 24.31 25.98 -21.60
N LYS B 1062 23.39 25.83 -22.56
CA LYS B 1062 23.43 26.58 -23.81
C LYS B 1062 22.90 28.00 -23.68
N GLY B 1063 22.31 28.34 -22.54
CA GLY B 1063 21.66 29.63 -22.39
C GLY B 1063 20.26 29.68 -22.95
N ALA B 1064 19.71 28.56 -23.40
CA ALA B 1064 18.35 28.50 -23.92
C ALA B 1064 17.37 28.51 -22.75
N ARG B 1065 17.24 29.70 -22.14
CA ARG B 1065 16.57 29.79 -20.83
C ARG B 1065 15.07 29.56 -20.95
N ALA B 1066 14.42 30.16 -21.95
CA ALA B 1066 12.99 29.96 -22.13
C ALA B 1066 12.65 28.50 -22.37
N GLU B 1067 13.50 27.80 -23.12
CA GLU B 1067 13.27 26.39 -23.41
C GLU B 1067 13.55 25.52 -22.19
N ALA B 1068 14.62 25.81 -21.44
CA ALA B 1068 14.88 25.08 -20.20
C ALA B 1068 13.70 25.20 -19.25
N GLU B 1069 13.13 26.40 -19.12
CA GLU B 1069 11.94 26.57 -18.29
C GLU B 1069 10.77 25.75 -18.82
N ALA B 1070 10.58 25.73 -20.14
CA ALA B 1070 9.47 24.96 -20.71
C ALA B 1070 9.68 23.48 -20.47
N ALA B 1071 10.92 23.01 -20.54
CA ALA B 1071 11.20 21.60 -20.27
C ALA B 1071 10.89 21.24 -18.82
N ARG B 1072 11.28 22.10 -17.89
CA ARG B 1072 11.00 21.79 -16.49
C ARG B 1072 9.50 21.81 -16.23
N ASN B 1073 8.79 22.75 -16.85
CA ASN B 1073 7.35 22.79 -16.68
C ASN B 1073 6.68 21.56 -17.28
N ALA B 1074 7.22 21.06 -18.39
CA ALA B 1074 6.67 19.84 -18.98
C ALA B 1074 6.94 18.63 -18.07
N GLY B 1075 8.15 18.58 -17.50
CA GLY B 1075 8.48 17.47 -16.62
C GLY B 1075 7.56 17.40 -15.41
N SER B 1076 7.13 18.57 -14.90
CA SER B 1076 6.23 18.56 -13.76
C SER B 1076 4.80 18.25 -14.17
N SER B 1077 4.31 18.83 -15.27
CA SER B 1077 2.91 18.65 -15.58
C SER B 1077 2.62 17.33 -16.27
N SER B 1078 3.66 16.64 -16.75
CA SER B 1078 3.47 15.28 -17.27
C SER B 1078 2.81 14.41 -16.21
N ALA B 1079 1.88 13.57 -16.64
CA ALA B 1079 1.25 12.60 -15.75
C ALA B 1079 1.82 11.21 -15.94
N LEU B 1080 2.93 11.09 -16.67
CA LEU B 1080 3.67 9.84 -16.79
C LEU B 1080 3.95 9.24 -15.41
N GLY B 1081 3.58 7.96 -15.24
CA GLY B 1081 3.78 7.27 -13.98
C GLY B 1081 2.59 7.33 -13.05
N LEU B 1082 1.50 8.00 -13.43
CA LEU B 1082 0.24 7.91 -12.71
C LEU B 1082 -0.14 6.45 -12.51
N ASP B 1083 -0.60 6.11 -11.32
CA ASP B 1083 -0.88 4.70 -11.01
C ASP B 1083 -2.00 4.65 -9.98
N LEU B 1084 -3.23 4.44 -10.44
CA LEU B 1084 -4.43 4.59 -9.63
C LEU B 1084 -5.16 3.25 -9.50
N GLU B 1085 -5.80 3.04 -8.36
CA GLU B 1085 -6.81 2.00 -8.26
C GLU B 1085 -8.18 2.67 -8.37
N LEU B 1086 -9.00 2.16 -9.27
CA LEU B 1086 -10.34 2.68 -9.57
C LEU B 1086 -11.40 1.98 -8.71
N PRO B 1087 -12.37 2.76 -8.20
CA PRO B 1087 -13.50 2.16 -7.48
C PRO B 1087 -14.24 1.17 -8.36
N GLY B 1088 -14.65 0.06 -7.76
CA GLY B 1088 -15.38 -0.97 -8.45
C GLY B 1088 -15.90 -2.02 -7.50
N PRO B 1089 -16.23 -3.20 -8.02
CA PRO B 1089 -16.77 -4.26 -7.17
C PRO B 1089 -15.71 -4.88 -6.27
N VAL B 1090 -16.18 -5.48 -5.18
CA VAL B 1090 -15.30 -6.30 -4.34
C VAL B 1090 -14.79 -7.50 -5.15
N GLY B 1091 -13.70 -8.09 -4.67
CA GLY B 1091 -13.17 -9.27 -5.33
C GLY B 1091 -12.48 -8.99 -6.63
N GLU B 1092 -12.21 -7.72 -6.92
CA GLU B 1092 -11.54 -7.30 -8.13
C GLU B 1092 -10.66 -6.11 -7.77
N ARG B 1093 -9.51 -6.00 -8.42
CA ARG B 1093 -8.67 -4.83 -8.31
C ARG B 1093 -8.53 -4.23 -9.71
N ASN B 1094 -8.96 -2.99 -9.87
CA ASN B 1094 -9.02 -2.36 -11.18
C ASN B 1094 -8.05 -1.19 -11.17
N LEU B 1095 -7.05 -1.25 -12.05
CA LEU B 1095 -5.90 -0.37 -12.03
C LEU B 1095 -5.84 0.45 -13.32
N TYR B 1096 -5.34 1.67 -13.21
CA TYR B 1096 -5.24 2.58 -14.35
C TYR B 1096 -3.89 3.27 -14.26
N THR B 1097 -3.07 3.11 -15.29
CA THR B 1097 -1.69 3.60 -15.26
C THR B 1097 -1.36 4.33 -16.54
N LEU B 1098 -0.48 5.31 -16.46
CA LEU B 1098 -0.06 6.05 -17.64
C LEU B 1098 1.41 5.78 -17.90
N HIS B 1099 1.73 5.31 -19.10
CA HIS B 1099 3.07 4.92 -19.52
C HIS B 1099 3.53 5.78 -20.69
N ALA B 1100 4.82 5.68 -21.01
CA ALA B 1100 5.31 6.27 -22.25
C ALA B 1100 4.59 5.63 -23.44
N ARG B 1101 4.43 6.42 -24.51
CA ARG B 1101 3.75 5.89 -25.69
C ARG B 1101 4.71 5.12 -26.59
N GLY B 1102 5.91 5.64 -26.80
CA GLY B 1102 6.83 5.01 -27.74
C GLY B 1102 7.78 6.00 -28.36
N ARG B 1103 7.94 5.95 -29.69
CA ARG B 1103 8.74 6.93 -30.40
C ARG B 1103 7.80 7.93 -31.06
N ILE B 1104 8.01 9.20 -30.78
CA ILE B 1104 7.14 10.28 -31.27
C ILE B 1104 7.82 10.88 -32.50
N LEU B 1105 7.06 11.04 -33.58
CA LEU B 1105 7.61 11.70 -34.76
C LEU B 1105 7.61 13.20 -34.52
N LEU B 1106 8.79 13.81 -34.59
CA LEU B 1106 8.91 15.25 -34.45
C LEU B 1106 9.12 15.87 -35.82
N VAL B 1107 8.30 16.84 -36.17
CA VAL B 1107 8.47 17.57 -37.42
C VAL B 1107 8.65 19.04 -37.08
N PRO B 1108 9.83 19.44 -36.63
CA PRO B 1108 10.07 20.85 -36.31
C PRO B 1108 10.31 21.69 -37.56
N ALA B 1109 10.12 22.99 -37.38
CA ALA B 1109 10.49 24.00 -38.35
C ALA B 1109 11.67 24.85 -37.88
N THR B 1110 11.72 25.16 -36.58
CA THR B 1110 12.75 26.02 -36.00
C THR B 1110 13.47 25.28 -34.85
N GLU B 1111 14.66 25.79 -34.51
CA GLU B 1111 15.41 25.23 -33.40
C GLU B 1111 14.62 25.30 -32.09
N SER B 1112 14.04 26.46 -31.78
CA SER B 1112 13.27 26.59 -30.54
C SER B 1112 12.06 25.67 -30.57
N GLY B 1113 11.41 25.54 -31.73
CA GLY B 1113 10.32 24.60 -31.86
C GLY B 1113 10.75 23.18 -31.58
N LEU B 1114 11.92 22.79 -32.11
CA LEU B 1114 12.45 21.45 -31.85
C LEU B 1114 12.69 21.23 -30.37
N TYR B 1115 13.25 22.23 -29.69
CA TYR B 1115 13.50 22.09 -28.25
C TYR B 1115 12.20 21.90 -27.48
N HIS B 1116 11.18 22.69 -27.79
CA HIS B 1116 9.89 22.52 -27.13
C HIS B 1116 9.30 21.14 -27.43
N GLN B 1117 9.37 20.68 -28.69
CA GLN B 1117 8.83 19.36 -29.01
C GLN B 1117 9.57 18.26 -28.27
N LEU B 1118 10.89 18.33 -28.23
CA LEU B 1118 11.66 17.34 -27.48
C LEU B 1118 11.27 17.32 -26.03
N ALA B 1119 11.11 18.51 -25.42
CA ALA B 1119 10.74 18.60 -24.01
C ALA B 1119 9.42 17.89 -23.75
N ALA B 1120 8.41 18.16 -24.59
CA ALA B 1120 7.12 17.49 -24.47
C ALA B 1120 7.27 15.98 -24.55
N ALA B 1121 8.04 15.48 -25.52
CA ALA B 1121 8.12 14.04 -25.72
C ALA B 1121 8.97 13.38 -24.65
N LEU B 1122 10.07 14.02 -24.25
CA LEU B 1122 10.91 13.44 -23.20
C LEU B 1122 10.19 13.44 -21.85
N ALA B 1123 9.46 14.51 -21.54
CA ALA B 1123 8.76 14.57 -20.25
C ALA B 1123 7.71 13.48 -20.12
N THR B 1124 7.22 12.96 -21.24
CA THR B 1124 6.24 11.89 -21.21
C THR B 1124 6.88 10.53 -21.43
N GLY B 1125 8.19 10.43 -21.27
CA GLY B 1125 8.89 9.16 -21.32
C GLY B 1125 9.17 8.64 -22.72
N ASN B 1126 8.96 9.43 -23.76
CA ASN B 1126 9.09 8.89 -25.11
C ASN B 1126 10.48 9.09 -25.70
N SER B 1127 10.78 8.27 -26.71
CA SER B 1127 11.87 8.57 -27.63
C SER B 1127 11.31 9.37 -28.79
N VAL B 1128 12.19 9.86 -29.65
CA VAL B 1128 11.74 10.66 -30.79
C VAL B 1128 12.47 10.24 -32.05
N ALA B 1129 11.81 10.50 -33.17
CA ALA B 1129 12.43 10.51 -34.49
C ALA B 1129 12.22 11.90 -35.06
N ILE B 1130 13.32 12.62 -35.29
CA ILE B 1130 13.24 13.98 -35.81
C ILE B 1130 13.34 13.94 -37.32
N ASP B 1131 12.40 14.63 -37.99
CA ASP B 1131 12.43 14.72 -39.44
C ASP B 1131 13.74 15.32 -39.94
N ALA B 1132 14.53 14.53 -40.66
CA ALA B 1132 15.83 15.01 -41.12
C ALA B 1132 15.70 16.18 -42.08
N ALA B 1133 14.55 16.33 -42.72
CA ALA B 1133 14.37 17.40 -43.70
C ALA B 1133 14.24 18.77 -43.04
N SER B 1134 14.06 18.82 -41.72
CA SER B 1134 14.01 20.10 -41.03
C SER B 1134 15.36 20.82 -41.11
N GLY B 1135 16.44 20.11 -41.36
CA GLY B 1135 17.74 20.76 -41.47
C GLY B 1135 18.33 21.23 -40.16
N LEU B 1136 17.82 20.72 -39.04
CA LEU B 1136 18.17 21.22 -37.71
C LEU B 1136 19.17 20.33 -36.99
N GLN B 1137 19.93 19.52 -37.73
CA GLN B 1137 20.79 18.52 -37.08
C GLN B 1137 21.88 19.16 -36.24
N ALA B 1138 22.31 20.37 -36.59
CA ALA B 1138 23.34 21.04 -35.80
C ALA B 1138 22.81 21.64 -34.51
N SER B 1139 21.49 21.57 -34.28
CA SER B 1139 20.89 22.13 -33.07
C SER B 1139 21.07 21.25 -31.84
N LEU B 1140 21.51 20.01 -32.03
CA LEU B 1140 21.66 19.08 -30.92
C LEU B 1140 23.13 18.70 -30.73
N LYS B 1141 24.00 19.70 -30.76
CA LYS B 1141 25.43 19.47 -30.57
C LYS B 1141 25.74 19.34 -29.08
N ASN B 1142 26.55 18.33 -28.74
CA ASN B 1142 27.02 18.09 -27.37
C ASN B 1142 25.86 17.69 -26.45
N LEU B 1143 24.91 16.95 -27.01
CA LEU B 1143 23.76 16.45 -26.24
C LEU B 1143 24.22 15.37 -25.27
N PRO B 1144 23.70 15.34 -24.04
CA PRO B 1144 24.04 14.24 -23.13
C PRO B 1144 23.66 12.90 -23.72
N GLN B 1145 24.54 11.91 -23.51
CA GLN B 1145 24.28 10.57 -24.05
C GLN B 1145 22.93 10.03 -23.60
N THR B 1146 22.48 10.39 -22.40
CA THR B 1146 21.17 9.94 -21.94
C THR B 1146 20.06 10.46 -22.84
N VAL B 1147 20.18 11.71 -23.28
CA VAL B 1147 19.19 12.24 -24.21
C VAL B 1147 19.42 11.69 -25.61
N GLY B 1148 20.67 11.63 -26.04
CA GLY B 1148 20.97 11.17 -27.39
C GLY B 1148 20.47 9.78 -27.67
N LEU B 1149 20.49 8.90 -26.66
CA LEU B 1149 19.98 7.54 -26.82
C LEU B 1149 18.49 7.52 -27.11
N ARG B 1150 17.79 8.60 -26.83
CA ARG B 1150 16.37 8.66 -27.15
C ARG B 1150 16.10 9.34 -28.48
N VAL B 1151 17.14 9.82 -29.16
CA VAL B 1151 16.98 10.68 -30.32
C VAL B 1151 17.45 9.95 -31.56
N SER B 1152 16.58 9.87 -32.56
CA SER B 1152 16.99 9.43 -33.87
C SER B 1152 16.54 10.46 -34.89
N TRP B 1153 17.12 10.40 -36.08
CA TRP B 1153 16.73 11.25 -37.17
C TRP B 1153 16.19 10.36 -38.28
N SER B 1154 15.10 10.79 -38.91
CA SER B 1154 14.47 10.00 -39.95
C SER B 1154 14.40 10.78 -41.25
N LYS B 1155 14.90 10.18 -42.32
CA LYS B 1155 14.73 10.66 -43.68
C LYS B 1155 13.66 9.86 -44.42
N ASP B 1156 12.98 8.97 -43.71
CA ASP B 1156 12.04 8.04 -44.35
C ASP B 1156 11.04 7.65 -43.26
N TRP B 1157 9.99 8.47 -43.13
CA TRP B 1157 9.08 8.30 -42.00
C TRP B 1157 8.38 6.95 -42.06
N ALA B 1158 8.04 6.49 -43.27
CA ALA B 1158 7.28 5.25 -43.35
C ALA B 1158 8.14 4.04 -43.00
N ALA B 1159 9.44 4.09 -43.33
CA ALA B 1159 10.33 2.97 -43.06
C ALA B 1159 10.82 2.96 -41.61
N ASP B 1160 10.83 4.10 -40.95
CA ASP B 1160 11.35 4.20 -39.59
C ASP B 1160 10.29 4.06 -38.52
N GLY B 1161 9.03 3.93 -38.90
CA GLY B 1161 7.97 3.74 -37.95
C GLY B 1161 7.94 2.30 -37.47
N PRO B 1162 6.90 1.92 -36.72
CA PRO B 1162 5.72 2.70 -36.38
C PRO B 1162 6.05 3.73 -35.32
N PHE B 1163 5.40 4.88 -35.39
CA PHE B 1163 5.49 5.89 -34.35
C PHE B 1163 4.24 5.83 -33.49
N ALA B 1164 4.28 6.55 -32.37
CA ALA B 1164 3.20 6.54 -31.41
C ALA B 1164 2.48 7.88 -31.32
N GLY B 1165 2.88 8.85 -32.13
CA GLY B 1165 2.33 10.19 -32.08
C GLY B 1165 3.17 11.07 -32.97
N ALA B 1166 2.73 12.30 -33.13
CA ALA B 1166 3.49 13.23 -33.95
C ALA B 1166 3.28 14.64 -33.43
N LEU B 1167 4.36 15.40 -33.38
CA LEU B 1167 4.32 16.82 -33.05
C LEU B 1167 4.81 17.59 -34.27
N VAL B 1168 4.04 18.60 -34.69
CA VAL B 1168 4.34 19.32 -35.93
C VAL B 1168 4.38 20.81 -35.63
N GLU B 1169 5.39 21.50 -36.19
CA GLU B 1169 5.51 22.95 -36.13
C GLU B 1169 5.46 23.49 -37.55
N GLY B 1170 4.60 24.48 -37.81
CA GLY B 1170 4.61 25.11 -39.10
C GLY B 1170 3.40 26.01 -39.29
N ASP B 1171 3.37 26.68 -40.44
CA ASP B 1171 2.19 27.45 -40.78
C ASP B 1171 1.09 26.52 -41.27
N ALA B 1172 -0.06 27.10 -41.62
CA ALA B 1172 -1.21 26.28 -42.01
C ALA B 1172 -0.88 25.38 -43.20
N GLU B 1173 -0.18 25.90 -44.22
CA GLU B 1173 0.15 25.08 -45.38
C GLU B 1173 1.06 23.92 -45.00
N ARG B 1174 2.11 24.21 -44.23
CA ARG B 1174 3.01 23.15 -43.77
C ARG B 1174 2.26 22.09 -42.98
N ILE B 1175 1.35 22.51 -42.11
CA ILE B 1175 0.65 21.56 -41.24
C ILE B 1175 -0.21 20.63 -42.08
N ARG B 1176 -0.94 21.18 -43.06
CA ARG B 1176 -1.77 20.36 -43.93
C ARG B 1176 -0.94 19.32 -44.68
N ALA B 1177 0.20 19.74 -45.24
CA ALA B 1177 1.04 18.82 -46.00
C ALA B 1177 1.64 17.74 -45.12
N VAL B 1178 2.06 18.10 -43.90
CA VAL B 1178 2.62 17.09 -43.00
C VAL B 1178 1.54 16.15 -42.53
N ASN B 1179 0.36 16.70 -42.21
CA ASN B 1179 -0.78 15.88 -41.80
C ASN B 1179 -1.18 14.90 -42.89
N LYS B 1180 -1.09 15.33 -44.16
CA LYS B 1180 -1.39 14.44 -45.28
C LYS B 1180 -0.35 13.34 -45.42
N ALA B 1181 0.92 13.68 -45.23
CA ALA B 1181 1.97 12.65 -45.29
C ALA B 1181 1.83 11.67 -44.13
N ILE B 1182 1.47 12.16 -42.94
CA ILE B 1182 1.31 11.27 -41.79
C ILE B 1182 0.13 10.33 -42.00
N ALA B 1183 -0.98 10.87 -42.52
CA ALA B 1183 -2.14 10.02 -42.78
C ALA B 1183 -1.82 8.90 -43.77
N ALA B 1184 -0.80 9.06 -44.61
CA ALA B 1184 -0.42 8.03 -45.57
C ALA B 1184 0.59 7.02 -45.03
N LEU B 1185 1.05 7.16 -43.79
CA LEU B 1185 2.01 6.21 -43.26
C LEU B 1185 1.33 4.86 -42.99
N PRO B 1186 2.05 3.77 -43.13
CA PRO B 1186 1.48 2.47 -42.81
C PRO B 1186 1.40 2.25 -41.31
N GLY B 1187 0.53 1.33 -40.92
CA GLY B 1187 0.42 0.96 -39.53
C GLY B 1187 -0.60 1.80 -38.77
N PRO B 1188 -0.28 2.15 -37.53
CA PRO B 1188 -1.29 2.80 -36.69
C PRO B 1188 -1.58 4.21 -37.14
N LEU B 1189 -2.80 4.68 -36.84
CA LEU B 1189 -3.18 6.06 -37.11
C LEU B 1189 -2.57 6.96 -36.03
N LEU B 1190 -1.72 7.90 -36.44
CA LEU B 1190 -1.03 8.74 -35.47
C LEU B 1190 -1.91 9.88 -34.96
N LEU B 1191 -1.84 10.13 -33.66
CA LEU B 1191 -2.44 11.31 -33.07
C LEU B 1191 -1.50 12.48 -33.34
N VAL B 1192 -1.91 13.39 -34.23
CA VAL B 1192 -1.07 14.49 -34.67
C VAL B 1192 -1.44 15.74 -33.88
N GLN B 1193 -0.44 16.40 -33.30
CA GLN B 1193 -0.63 17.70 -32.67
C GLN B 1193 0.21 18.73 -33.41
N ALA B 1194 -0.38 19.88 -33.68
CA ALA B 1194 0.32 20.88 -34.48
C ALA B 1194 0.21 22.24 -33.82
N ALA B 1195 1.23 23.06 -34.06
CA ALA B 1195 1.24 24.45 -33.61
C ALA B 1195 2.11 25.25 -34.56
N SER B 1196 1.87 26.55 -34.60
CA SER B 1196 2.78 27.47 -35.29
C SER B 1196 3.93 27.86 -34.38
N SER B 1197 5.00 28.37 -34.97
CA SER B 1197 6.12 28.87 -34.18
C SER B 1197 5.66 29.93 -33.19
N GLY B 1198 4.69 30.75 -33.58
CA GLY B 1198 4.21 31.80 -32.69
C GLY B 1198 3.43 31.25 -31.52
N GLU B 1199 2.67 30.18 -31.73
CA GLU B 1199 1.95 29.58 -30.61
C GLU B 1199 2.93 28.90 -29.64
N ILE B 1200 3.93 28.19 -30.18
CA ILE B 1200 4.95 27.59 -29.33
C ILE B 1200 5.59 28.64 -28.43
N ALA B 1201 5.80 29.85 -28.96
CA ALA B 1201 6.41 30.91 -28.15
C ALA B 1201 5.43 31.51 -27.15
N ARG B 1202 4.17 31.66 -27.53
CA ARG B 1202 3.19 32.37 -26.70
C ARG B 1202 2.43 31.45 -25.75
N ASN B 1203 2.22 30.19 -26.10
CA ASN B 1203 1.32 29.32 -25.33
C ASN B 1203 2.08 28.14 -24.76
N PRO B 1204 2.26 28.06 -23.43
CA PRO B 1204 2.97 26.90 -22.86
C PRO B 1204 2.23 25.59 -23.03
N ASP B 1205 0.93 25.62 -23.36
CA ASP B 1205 0.19 24.40 -23.65
C ASP B 1205 -0.02 24.20 -25.16
N ALA B 1206 0.85 24.77 -26.00
CA ALA B 1206 0.79 24.54 -27.44
C ALA B 1206 0.67 23.06 -27.78
N TYR B 1207 1.44 22.21 -27.10
CA TYR B 1207 1.33 20.76 -27.26
C TYR B 1207 0.82 20.15 -25.96
N CYS B 1208 -0.16 19.27 -26.07
CA CYS B 1208 -0.84 18.71 -24.91
C CYS B 1208 -0.17 17.39 -24.48
N LEU B 1209 0.26 17.33 -23.21
CA LEU B 1209 0.91 16.10 -22.76
C LEU B 1209 -0.06 14.96 -22.55
N ASN B 1210 -1.37 15.24 -22.49
CA ASN B 1210 -2.35 14.17 -22.33
C ASN B 1210 -2.21 13.11 -23.42
N TRP B 1211 -1.88 13.53 -24.65
CA TRP B 1211 -1.85 12.63 -25.80
C TRP B 1211 -0.50 11.97 -26.02
N LEU B 1212 0.50 12.28 -25.20
CA LEU B 1212 1.85 11.72 -25.34
C LEU B 1212 2.12 10.59 -24.34
N VAL B 1213 1.12 10.18 -23.59
CA VAL B 1213 1.23 9.02 -22.71
C VAL B 1213 0.24 7.98 -23.19
N GLU B 1214 0.46 6.73 -22.75
CA GLU B 1214 -0.40 5.61 -23.10
C GLU B 1214 -1.13 5.13 -21.86
N GLU B 1215 -2.46 5.07 -21.95
CA GLU B 1215 -3.28 4.56 -20.86
C GLU B 1215 -3.29 3.03 -20.87
N VAL B 1216 -3.16 2.43 -19.69
CA VAL B 1216 -3.30 0.99 -19.56
C VAL B 1216 -4.24 0.69 -18.40
N SER B 1217 -5.23 -0.17 -18.67
CA SER B 1217 -6.17 -0.67 -17.70
C SER B 1217 -5.86 -2.12 -17.41
N ALA B 1218 -5.89 -2.49 -16.13
CA ALA B 1218 -5.70 -3.89 -15.73
C ALA B 1218 -6.72 -4.25 -14.68
N SER B 1219 -7.40 -5.37 -14.89
CA SER B 1219 -8.46 -5.83 -14.01
C SER B 1219 -8.07 -7.20 -13.50
N ILE B 1220 -7.84 -7.30 -12.19
CA ILE B 1220 -7.34 -8.53 -11.57
C ILE B 1220 -8.46 -9.11 -10.72
N ASN B 1221 -8.85 -10.35 -11.01
CA ASN B 1221 -9.83 -11.07 -10.20
C ASN B 1221 -9.14 -11.54 -8.93
N THR B 1222 -9.45 -10.92 -7.79
CA THR B 1222 -8.81 -11.31 -6.54
C THR B 1222 -9.65 -12.29 -5.72
N ALA B 1223 -10.76 -12.76 -6.27
CA ALA B 1223 -11.49 -13.84 -5.65
C ALA B 1223 -11.07 -15.19 -6.20
N ALA B 1224 -10.26 -15.19 -7.26
CA ALA B 1224 -10.05 -16.36 -8.10
C ALA B 1224 -9.50 -17.56 -7.33
C1 PGE C . 12.14 -2.70 -10.68
O1 PGE C . 11.95 -2.31 -12.03
C2 PGE C . 13.63 -2.82 -10.43
O2 PGE C . 14.08 -1.68 -9.74
C3 PGE C . 14.79 -2.01 -8.55
C4 PGE C . 14.35 -1.17 -7.38
O4 PGE C . 10.53 0.68 -5.48
C6 PGE C . 11.01 -0.50 -6.11
C5 PGE C . 12.52 -0.57 -6.00
O3 PGE C . 13.02 -1.45 -7.00
C1 PEG D . 15.96 39.84 32.99
O1 PEG D . 16.81 38.83 33.49
C2 PEG D . 15.18 39.39 31.79
O2 PEG D . 15.94 39.60 30.62
C3 PEG D . 15.17 40.01 29.50
C4 PEG D . 15.21 38.94 28.46
O4 PEG D . 16.50 38.36 28.35
N1 PYS E . 46.93 -0.43 8.62
C2 PYS E . 46.37 -1.63 8.77
C3 PYS E . 46.57 -2.68 7.88
C4 PYS E . 47.40 -2.47 6.81
C5 PYS E . 48.00 -1.22 6.65
C6 PYS E . 47.74 -0.25 7.57
S2 PYS E . 45.30 -1.89 10.14
C1 PEG F . 10.77 13.16 15.78
O1 PEG F . 9.61 12.67 15.11
C2 PEG F . 11.72 12.07 16.17
O2 PEG F . 12.86 12.11 15.34
C3 PEG F . 13.06 10.89 14.61
C4 PEG F . 12.87 11.13 13.16
O4 PEG F . 12.21 10.04 12.51
C1 PEG G . 20.59 9.94 15.82
O1 PEG G . 20.91 9.72 17.20
C2 PEG G . 19.24 9.39 15.47
O2 PEG G . 18.24 10.11 16.19
C3 PEG G . 16.98 10.15 15.53
C4 PEG G . 16.10 11.18 16.18
O4 PEG G . 16.21 11.14 17.60
C1 PEG H . 23.22 1.02 -13.45
O1 PEG H . 22.37 1.97 -12.81
C2 PEG H . 22.53 0.29 -14.54
O2 PEG H . 22.84 0.90 -15.80
C3 PEG H . 22.05 0.42 -16.87
C4 PEG H . 21.91 1.47 -17.92
O4 PEG H . 23.05 1.54 -18.76
C FMT I . 13.76 4.10 31.53
O1 FMT I . 13.71 2.93 31.17
O2 FMT I . 13.29 4.51 32.59
C1 PEG J . 11.31 -12.61 21.43
O1 PEG J . 10.21 -13.10 22.18
C2 PEG J . 12.54 -12.58 22.26
O2 PEG J . 13.68 -12.82 21.44
C3 PEG J . 13.60 -14.05 20.73
C4 PEG J . 14.98 -14.45 20.28
O4 PEG J . 15.45 -15.58 20.99
S SO4 K . 10.82 -15.44 4.83
O1 SO4 K . 10.69 -14.86 3.51
O2 SO4 K . 9.80 -14.91 5.72
O3 SO4 K . 10.62 -16.90 4.76
O4 SO4 K . 12.17 -15.12 5.26
S SO4 L . 15.48 30.24 -5.36
O1 SO4 L . 16.27 29.40 -6.23
O2 SO4 L . 16.05 31.60 -5.37
O3 SO4 L . 14.11 30.25 -5.84
O4 SO4 L . 15.52 29.76 -3.98
S SO4 M . 38.55 -26.30 -12.94
O1 SO4 M . 38.74 -25.26 -13.95
O2 SO4 M . 38.02 -25.74 -11.71
O3 SO4 M . 37.61 -27.29 -13.46
O4 SO4 M . 39.84 -26.92 -12.65
S SO4 N . 27.70 -15.30 -35.10
O1 SO4 N . 26.79 -14.79 -36.11
O2 SO4 N . 27.57 -14.51 -33.88
O3 SO4 N . 27.36 -16.70 -34.82
O4 SO4 N . 29.08 -15.20 -35.57
PA FAD O . -10.78 14.45 24.49
O1A FAD O . -11.27 13.87 23.13
O2A FAD O . -11.54 14.13 25.69
O5B FAD O . -9.42 14.03 24.93
C5B FAD O . -8.41 13.77 23.95
C4B FAD O . -7.07 13.51 24.63
O4B FAD O . -6.90 12.17 25.02
C3B FAD O . -5.85 13.84 23.80
O3B FAD O . -5.52 15.18 23.70
C2B FAD O . -4.80 13.09 24.54
O2B FAD O . -4.30 13.78 25.63
C1B FAD O . -5.52 11.90 25.04
N9A FAD O . -5.32 10.70 24.27
C8A FAD O . -5.68 10.51 22.95
N7A FAD O . -5.36 9.26 22.57
C5A FAD O . -4.77 8.59 23.64
C6A FAD O . -4.26 7.32 23.83
N6A FAD O . -4.27 6.35 22.76
N1A FAD O . -3.77 6.98 25.03
C2A FAD O . -3.76 7.84 26.07
N3A FAD O . -4.24 9.10 25.92
C4A FAD O . -4.74 9.50 24.74
N1 FAD O . -1.88 20.30 26.34
C2 FAD O . -0.58 20.25 26.95
O2 FAD O . 0.21 19.17 26.81
N3 FAD O . -0.03 21.34 27.59
C4 FAD O . -0.77 22.47 27.77
O4 FAD O . -0.19 23.52 28.42
C4X FAD O . -2.21 22.50 27.37
N5 FAD O . -3.07 23.56 27.70
C5X FAD O . -4.43 23.52 27.32
C6 FAD O . -5.29 24.58 27.66
C7 FAD O . -6.63 24.52 27.28
C7M FAD O . -7.59 25.64 27.62
C8 FAD O . -7.12 23.45 26.57
C8M FAD O . -8.56 23.43 26.17
C9 FAD O . -6.27 22.38 26.23
C9A FAD O . -4.94 22.41 26.60
N10 FAD O . -4.08 21.32 26.26
C10 FAD O . -2.72 21.36 26.63
C1' FAD O . -4.61 20.18 25.45
C2' FAD O . -5.22 19.06 26.27
O2' FAD O . -4.17 18.48 26.92
C3' FAD O . -5.98 17.98 25.44
O3' FAD O . -5.06 17.15 24.83
C4' FAD O . -6.96 18.43 24.37
O4' FAD O . -7.43 19.71 24.62
C5' FAD O . -8.14 17.46 24.22
O5' FAD O . -8.62 16.97 25.46
P FAD O . -10.19 16.86 25.80
O1P FAD O . -10.63 16.60 27.29
O2P FAD O . -10.65 18.25 25.21
O3P FAD O . -10.79 15.94 24.60
C1 PGE P . 9.19 5.06 -12.94
O1 PGE P . 8.64 5.57 -11.73
C2 PGE P . 8.53 5.73 -14.13
O2 PGE P . 7.62 4.83 -14.73
C3 PGE P . 6.74 5.48 -15.64
C4 PGE P . 5.62 4.50 -15.96
O4 PGE P . 3.88 2.42 -12.54
C6 PGE P . 3.18 3.12 -13.56
C5 PGE P . 3.98 3.20 -14.86
O3 PGE P . 4.89 4.28 -14.77
C1 PEG Q . -14.02 -11.25 -12.65
O1 PEG Q . -13.32 -10.59 -11.58
C2 PEG Q . -15.48 -11.43 -12.34
O2 PEG Q . -15.76 -12.81 -12.10
C3 PEG Q . -16.39 -13.05 -10.85
C4 PEG Q . -15.72 -14.20 -10.15
O4 PEG Q . -15.07 -13.82 -8.94
N1 PYS R . -17.33 4.54 -44.69
C2 PYS R . -17.57 5.50 -43.80
C3 PYS R . -16.90 6.73 -43.81
C4 PYS R . -15.96 6.93 -44.80
C5 PYS R . -15.70 5.92 -45.72
C6 PYS R . -16.41 4.75 -45.63
S2 PYS R . -18.79 5.21 -42.57
C1 PEG S . -25.53 12.89 -9.97
O1 PEG S . -25.07 14.12 -9.44
C2 PEG S . -24.77 11.74 -9.40
O2 PEG S . -25.01 11.66 -8.00
C3 PEG S . -25.43 10.38 -7.57
C4 PEG S . -24.64 9.96 -6.37
O4 PEG S . -25.06 10.67 -5.21
C1 PEG T . 2.83 33.38 -35.70
O1 PEG T . 3.10 32.04 -36.09
C2 PEG T . 1.81 33.45 -34.60
O2 PEG T . 0.52 33.26 -35.15
C3 PEG T . -0.03 31.98 -34.86
C4 PEG T . -0.90 31.54 -36.00
O4 PEG T . -1.52 30.30 -35.72
C FMT U . -38.66 -5.64 -16.16
O1 FMT U . -39.62 -6.20 -16.71
O2 FMT U . -38.42 -5.70 -14.96
C FMT V . 7.01 16.84 -45.73
O1 FMT V . 6.11 16.29 -46.36
O2 FMT V . 8.14 16.36 -45.61
S SO4 W . -8.82 15.29 -7.85
O1 SO4 W . -9.59 14.98 -9.06
O2 SO4 W . -8.96 16.71 -7.54
O3 SO4 W . -9.35 14.54 -6.71
O4 SO4 W . -7.44 14.93 -8.04
S SO4 X . 5.92 -27.59 -20.55
O1 SO4 X . 6.47 -26.71 -21.57
O2 SO4 X . 6.62 -27.35 -19.29
O3 SO4 X . 4.49 -27.35 -20.37
O4 SO4 X . 6.11 -28.98 -20.96
PA FAD Y . -19.88 -18.64 12.22
O1A FAD Y . -18.50 -18.00 12.36
O2A FAD Y . -20.84 -18.49 13.30
O5B FAD Y . -20.70 -18.17 11.06
C5B FAD Y . -19.99 -17.74 9.92
C4B FAD Y . -20.93 -17.47 8.74
O4B FAD Y . -21.52 -16.20 8.87
C3B FAD Y . -20.29 -17.45 7.40
O3B FAD Y . -20.10 -18.72 6.84
C2B FAD Y . -21.30 -16.70 6.61
O2B FAD Y . -22.36 -17.50 6.25
C1B FAD Y . -21.83 -15.73 7.58
N9A FAD Y . -21.25 -14.43 7.45
C8A FAD Y . -19.94 -14.07 7.61
N7A FAD Y . -19.81 -12.75 7.39
C5A FAD Y . -21.05 -12.20 7.10
C6A FAD Y . -21.52 -10.92 6.83
N6A FAD Y . -20.64 -9.80 6.79
N1A FAD Y . -22.82 -10.75 6.58
C2A FAD Y . -23.71 -11.77 6.62
N3A FAD Y . -23.29 -13.02 6.90
C4A FAD Y . -21.99 -13.26 7.14
N1 FAD Y . -23.25 -23.88 3.52
C2 FAD Y . -23.92 -23.83 2.26
O2 FAD Y . -24.02 -22.64 1.63
N3 FAD Y . -24.43 -24.97 1.70
C4 FAD Y . -24.30 -26.19 2.34
O4 FAD Y . -24.84 -27.30 1.79
C4X FAD Y . -23.66 -26.28 3.67
N5 FAD Y . -23.59 -27.49 4.39
C5X FAD Y . -23.01 -27.50 5.65
C6 FAD Y . -22.93 -28.71 6.39
C7 FAD Y . -22.34 -28.70 7.64
C7M FAD Y . -22.23 -29.95 8.47
C8 FAD Y . -21.85 -27.53 8.20
C8M FAD Y . -21.22 -27.55 9.57
C9 FAD Y . -21.93 -26.34 7.48
C9A FAD Y . -22.50 -26.32 6.21
N10 FAD Y . -22.57 -25.08 5.50
C10 FAD Y . -23.16 -25.05 4.23
C1' FAD Y . -22.10 -23.83 6.14
C2' FAD Y . -20.77 -23.28 5.69
O2' FAD Y . -20.08 -24.27 5.03
C3' FAD Y . -20.05 -22.78 6.95
O3' FAD Y . -19.58 -23.88 7.65
C4' FAD Y . -20.91 -21.96 7.91
O4' FAD Y . -21.36 -20.80 7.31
C5' FAD Y . -20.12 -21.62 9.17
O5' FAD Y . -21.01 -20.97 10.05
P FAD Y . -21.00 -21.19 11.64
O1P FAD Y . -22.41 -21.19 12.37
O2P FAD Y . -20.10 -22.47 11.73
O3P FAD Y . -19.86 -20.15 12.12
#